data_5UVY
# 
_entry.id   5UVY 
# 
_audit_conform.dict_name       mmcif_pdbx.dic 
_audit_conform.dict_version    5.387 
_audit_conform.dict_location   http://mmcif.pdb.org/dictionaries/ascii/mmcif_pdbx.dic 
# 
loop_
_database_2.database_id 
_database_2.database_code 
_database_2.pdbx_database_accession 
_database_2.pdbx_DOI 
PDB   5UVY         pdb_00005uvy 10.2210/pdb5uvy/pdb 
WWPDB D_1000225715 ?            ?                   
# 
loop_
_pdbx_audit_revision_history.ordinal 
_pdbx_audit_revision_history.data_content_type 
_pdbx_audit_revision_history.major_revision 
_pdbx_audit_revision_history.minor_revision 
_pdbx_audit_revision_history.revision_date 
1 'Structure model' 1 0 2017-06-14 
2 'Structure model' 1 1 2024-03-06 
# 
_pdbx_audit_revision_details.ordinal             1 
_pdbx_audit_revision_details.revision_ordinal    1 
_pdbx_audit_revision_details.data_content_type   'Structure model' 
_pdbx_audit_revision_details.provider            repository 
_pdbx_audit_revision_details.type                'Initial release' 
_pdbx_audit_revision_details.description         ? 
_pdbx_audit_revision_details.details             ? 
# 
loop_
_pdbx_audit_revision_group.ordinal 
_pdbx_audit_revision_group.revision_ordinal 
_pdbx_audit_revision_group.data_content_type 
_pdbx_audit_revision_group.group 
1 2 'Structure model' 'Data collection'     
2 2 'Structure model' 'Database references' 
# 
loop_
_pdbx_audit_revision_category.ordinal 
_pdbx_audit_revision_category.revision_ordinal 
_pdbx_audit_revision_category.data_content_type 
_pdbx_audit_revision_category.category 
1 2 'Structure model' chem_comp_atom 
2 2 'Structure model' chem_comp_bond 
3 2 'Structure model' database_2     
# 
loop_
_pdbx_audit_revision_item.ordinal 
_pdbx_audit_revision_item.revision_ordinal 
_pdbx_audit_revision_item.data_content_type 
_pdbx_audit_revision_item.item 
1 2 'Structure model' '_database_2.pdbx_DOI'                
2 2 'Structure model' '_database_2.pdbx_database_accession' 
# 
_pdbx_database_status.status_code                     REL 
_pdbx_database_status.status_code_sf                  REL 
_pdbx_database_status.status_code_mr                  ? 
_pdbx_database_status.entry_id                        5UVY 
_pdbx_database_status.recvd_initial_deposition_date   2017-02-20 
_pdbx_database_status.SG_entry                        N 
_pdbx_database_status.deposit_site                    RCSB 
_pdbx_database_status.process_site                    RCSB 
_pdbx_database_status.status_code_cs                  ? 
_pdbx_database_status.methods_development_category    ? 
_pdbx_database_status.pdb_format_compatible           Y 
_pdbx_database_status.status_code_nmr_data            ? 
# 
loop_
_pdbx_database_related.content_type 
_pdbx_database_related.db_id 
_pdbx_database_related.db_name 
_pdbx_database_related.details 
unspecified 5UVS PDB . 
unspecified 5UVU PDB . 
unspecified 5UVT PDB . 
unspecified 5UVV PDB . 
unspecified 5UVZ PDB . 
unspecified 5UVX PDB . 
unspecified 5UVW PDB . 
# 
_audit_author.name               'Park, C.H.' 
_audit_author.pdbx_ordinal       1 
_audit_author.identifier_ORCID   ? 
# 
_citation.abstract                  ? 
_citation.abstract_id_CAS           ? 
_citation.book_id_ISBN              ? 
_citation.book_publisher            ? 
_citation.book_publisher_city       ? 
_citation.book_title                ? 
_citation.coordinate_linkage        ? 
_citation.country                   ? 
_citation.database_id_Medline       ? 
_citation.details                   ? 
_citation.id                        primary 
_citation.journal_abbrev            'To Be Published' 
_citation.journal_id_ASTM           ? 
_citation.journal_id_CSD            0353 
_citation.journal_id_ISSN           ? 
_citation.journal_full              ? 
_citation.journal_issue             ? 
_citation.journal_volume            ? 
_citation.language                  ? 
_citation.page_first                ? 
_citation.page_last                 ? 
_citation.title                     'BRD4 Bromodomain 2 with A-1349391' 
_citation.year                      ? 
_citation.database_id_CSD           ? 
_citation.pdbx_database_id_DOI      ? 
_citation.pdbx_database_id_PubMed   ? 
_citation.unpublished_flag          ? 
# 
_citation_author.citation_id        primary 
_citation_author.name               'Park, C.H.' 
_citation_author.ordinal            1 
_citation_author.identifier_ORCID   ? 
# 
loop_
_entity.id 
_entity.type 
_entity.src_method 
_entity.pdbx_description 
_entity.formula_weight 
_entity.pdbx_number_of_molecules 
_entity.pdbx_ec 
_entity.pdbx_mutation 
_entity.pdbx_fragment 
_entity.details 
1 polymer     man 'Bromodomain-containing protein 4'                                        12806.933 1  ? ? 'residues 352-457' ? 
2 non-polymer syn '6-methyl-4-(2-phenoxyphenyl)-1,6-dihydro-7H-pyrrolo[2,3-c]pyridin-7-one' 316.353   1  ? ? ?                  ? 
3 water       nat water                                                                     18.015    81 ? ? ?                  ? 
# 
_entity_name_com.entity_id   1 
_entity_name_com.name        'Protein HUNK1' 
# 
_entity_poly.entity_id                      1 
_entity_poly.type                           'polypeptide(L)' 
_entity_poly.nstd_linkage                   no 
_entity_poly.nstd_monomer                   no 
_entity_poly.pdbx_seq_one_letter_code       
;SHMEQLKCCSGILKEMFAKKHAAYAWPFYKPVDVEALGLHDYCDIIKHPMDMSTIKSKLEAREYRDAQEFGADVRLMFSN
CYKYNPPDHEVVAMARKLQDVFEMRFAKM
;
_entity_poly.pdbx_seq_one_letter_code_can   
;SHMEQLKCCSGILKEMFAKKHAAYAWPFYKPVDVEALGLHDYCDIIKHPMDMSTIKSKLEAREYRDAQEFGADVRLMFSN
CYKYNPPDHEVVAMARKLQDVFEMRFAKM
;
_entity_poly.pdbx_strand_id                 A 
_entity_poly.pdbx_target_identifier         ? 
# 
loop_
_pdbx_entity_nonpoly.entity_id 
_pdbx_entity_nonpoly.name 
_pdbx_entity_nonpoly.comp_id 
2 '6-methyl-4-(2-phenoxyphenyl)-1,6-dihydro-7H-pyrrolo[2,3-c]pyridin-7-one' 8NJ 
3 water                                                                     HOH 
# 
loop_
_entity_poly_seq.entity_id 
_entity_poly_seq.num 
_entity_poly_seq.mon_id 
_entity_poly_seq.hetero 
1 1   SER n 
1 2   HIS n 
1 3   MET n 
1 4   GLU n 
1 5   GLN n 
1 6   LEU n 
1 7   LYS n 
1 8   CYS n 
1 9   CYS n 
1 10  SER n 
1 11  GLY n 
1 12  ILE n 
1 13  LEU n 
1 14  LYS n 
1 15  GLU n 
1 16  MET n 
1 17  PHE n 
1 18  ALA n 
1 19  LYS n 
1 20  LYS n 
1 21  HIS n 
1 22  ALA n 
1 23  ALA n 
1 24  TYR n 
1 25  ALA n 
1 26  TRP n 
1 27  PRO n 
1 28  PHE n 
1 29  TYR n 
1 30  LYS n 
1 31  PRO n 
1 32  VAL n 
1 33  ASP n 
1 34  VAL n 
1 35  GLU n 
1 36  ALA n 
1 37  LEU n 
1 38  GLY n 
1 39  LEU n 
1 40  HIS n 
1 41  ASP n 
1 42  TYR n 
1 43  CYS n 
1 44  ASP n 
1 45  ILE n 
1 46  ILE n 
1 47  LYS n 
1 48  HIS n 
1 49  PRO n 
1 50  MET n 
1 51  ASP n 
1 52  MET n 
1 53  SER n 
1 54  THR n 
1 55  ILE n 
1 56  LYS n 
1 57  SER n 
1 58  LYS n 
1 59  LEU n 
1 60  GLU n 
1 61  ALA n 
1 62  ARG n 
1 63  GLU n 
1 64  TYR n 
1 65  ARG n 
1 66  ASP n 
1 67  ALA n 
1 68  GLN n 
1 69  GLU n 
1 70  PHE n 
1 71  GLY n 
1 72  ALA n 
1 73  ASP n 
1 74  VAL n 
1 75  ARG n 
1 76  LEU n 
1 77  MET n 
1 78  PHE n 
1 79  SER n 
1 80  ASN n 
1 81  CYS n 
1 82  TYR n 
1 83  LYS n 
1 84  TYR n 
1 85  ASN n 
1 86  PRO n 
1 87  PRO n 
1 88  ASP n 
1 89  HIS n 
1 90  GLU n 
1 91  VAL n 
1 92  VAL n 
1 93  ALA n 
1 94  MET n 
1 95  ALA n 
1 96  ARG n 
1 97  LYS n 
1 98  LEU n 
1 99  GLN n 
1 100 ASP n 
1 101 VAL n 
1 102 PHE n 
1 103 GLU n 
1 104 MET n 
1 105 ARG n 
1 106 PHE n 
1 107 ALA n 
1 108 LYS n 
1 109 MET n 
# 
_entity_src_gen.entity_id                          1 
_entity_src_gen.pdbx_src_id                        1 
_entity_src_gen.pdbx_alt_source_flag               sample 
_entity_src_gen.pdbx_seq_type                      'Biological sequence' 
_entity_src_gen.pdbx_beg_seq_num                   1 
_entity_src_gen.pdbx_end_seq_num                   109 
_entity_src_gen.gene_src_common_name               Human 
_entity_src_gen.gene_src_genus                     ? 
_entity_src_gen.pdbx_gene_src_gene                 'BRD4, HUNK1' 
_entity_src_gen.gene_src_species                   ? 
_entity_src_gen.gene_src_strain                    ? 
_entity_src_gen.gene_src_tissue                    ? 
_entity_src_gen.gene_src_tissue_fraction           ? 
_entity_src_gen.gene_src_details                   ? 
_entity_src_gen.pdbx_gene_src_fragment             ? 
_entity_src_gen.pdbx_gene_src_scientific_name      'Homo sapiens' 
_entity_src_gen.pdbx_gene_src_ncbi_taxonomy_id     9606 
_entity_src_gen.pdbx_gene_src_variant              ? 
_entity_src_gen.pdbx_gene_src_cell_line            ? 
_entity_src_gen.pdbx_gene_src_atcc                 ? 
_entity_src_gen.pdbx_gene_src_organ                ? 
_entity_src_gen.pdbx_gene_src_organelle            ? 
_entity_src_gen.pdbx_gene_src_cell                 ? 
_entity_src_gen.pdbx_gene_src_cellular_location    ? 
_entity_src_gen.host_org_common_name               ? 
_entity_src_gen.pdbx_host_org_scientific_name      'Escherichia coli' 
_entity_src_gen.pdbx_host_org_ncbi_taxonomy_id     562 
_entity_src_gen.host_org_genus                     ? 
_entity_src_gen.pdbx_host_org_gene                 ? 
_entity_src_gen.pdbx_host_org_organ                ? 
_entity_src_gen.host_org_species                   ? 
_entity_src_gen.pdbx_host_org_tissue               ? 
_entity_src_gen.pdbx_host_org_tissue_fraction      ? 
_entity_src_gen.pdbx_host_org_strain               ? 
_entity_src_gen.pdbx_host_org_variant              ? 
_entity_src_gen.pdbx_host_org_cell_line            ? 
_entity_src_gen.pdbx_host_org_atcc                 ? 
_entity_src_gen.pdbx_host_org_culture_collection   ? 
_entity_src_gen.pdbx_host_org_cell                 ? 
_entity_src_gen.pdbx_host_org_organelle            ? 
_entity_src_gen.pdbx_host_org_cellular_location    ? 
_entity_src_gen.pdbx_host_org_vector_type          ? 
_entity_src_gen.pdbx_host_org_vector               ? 
_entity_src_gen.host_org_details                   ? 
_entity_src_gen.expression_system_id               ? 
_entity_src_gen.plasmid_name                       ? 
_entity_src_gen.plasmid_details                    ? 
_entity_src_gen.pdbx_description                   ? 
# 
loop_
_chem_comp.id 
_chem_comp.type 
_chem_comp.mon_nstd_flag 
_chem_comp.name 
_chem_comp.pdbx_synonyms 
_chem_comp.formula 
_chem_comp.formula_weight 
8NJ non-polymer         . '6-methyl-4-(2-phenoxyphenyl)-1,6-dihydro-7H-pyrrolo[2,3-c]pyridin-7-one' ? 'C20 H16 N2 O2'  316.353 
ALA 'L-peptide linking' y ALANINE                                                                   ? 'C3 H7 N O2'     89.093  
ARG 'L-peptide linking' y ARGININE                                                                  ? 'C6 H15 N4 O2 1' 175.209 
ASN 'L-peptide linking' y ASPARAGINE                                                                ? 'C4 H8 N2 O3'    132.118 
ASP 'L-peptide linking' y 'ASPARTIC ACID'                                                           ? 'C4 H7 N O4'     133.103 
CYS 'L-peptide linking' y CYSTEINE                                                                  ? 'C3 H7 N O2 S'   121.158 
GLN 'L-peptide linking' y GLUTAMINE                                                                 ? 'C5 H10 N2 O3'   146.144 
GLU 'L-peptide linking' y 'GLUTAMIC ACID'                                                           ? 'C5 H9 N O4'     147.129 
GLY 'peptide linking'   y GLYCINE                                                                   ? 'C2 H5 N O2'     75.067  
HIS 'L-peptide linking' y HISTIDINE                                                                 ? 'C6 H10 N3 O2 1' 156.162 
HOH non-polymer         . WATER                                                                     ? 'H2 O'           18.015  
ILE 'L-peptide linking' y ISOLEUCINE                                                                ? 'C6 H13 N O2'    131.173 
LEU 'L-peptide linking' y LEUCINE                                                                   ? 'C6 H13 N O2'    131.173 
LYS 'L-peptide linking' y LYSINE                                                                    ? 'C6 H15 N2 O2 1' 147.195 
MET 'L-peptide linking' y METHIONINE                                                                ? 'C5 H11 N O2 S'  149.211 
PHE 'L-peptide linking' y PHENYLALANINE                                                             ? 'C9 H11 N O2'    165.189 
PRO 'L-peptide linking' y PROLINE                                                                   ? 'C5 H9 N O2'     115.130 
SER 'L-peptide linking' y SERINE                                                                    ? 'C3 H7 N O3'     105.093 
THR 'L-peptide linking' y THREONINE                                                                 ? 'C4 H9 N O3'     119.119 
TRP 'L-peptide linking' y TRYPTOPHAN                                                                ? 'C11 H12 N2 O2'  204.225 
TYR 'L-peptide linking' y TYROSINE                                                                  ? 'C9 H11 N O3'    181.189 
VAL 'L-peptide linking' y VALINE                                                                    ? 'C5 H11 N O2'    117.146 
# 
loop_
_pdbx_poly_seq_scheme.asym_id 
_pdbx_poly_seq_scheme.entity_id 
_pdbx_poly_seq_scheme.seq_id 
_pdbx_poly_seq_scheme.mon_id 
_pdbx_poly_seq_scheme.ndb_seq_num 
_pdbx_poly_seq_scheme.pdb_seq_num 
_pdbx_poly_seq_scheme.auth_seq_num 
_pdbx_poly_seq_scheme.pdb_mon_id 
_pdbx_poly_seq_scheme.auth_mon_id 
_pdbx_poly_seq_scheme.pdb_strand_id 
_pdbx_poly_seq_scheme.pdb_ins_code 
_pdbx_poly_seq_scheme.hetero 
A 1 1   SER 1   349 349 SER SER A . n 
A 1 2   HIS 2   350 350 HIS HIS A . n 
A 1 3   MET 3   351 351 MET MET A . n 
A 1 4   GLU 4   352 352 GLU GLU A . n 
A 1 5   GLN 5   353 353 GLN GLN A . n 
A 1 6   LEU 6   354 354 LEU LEU A . n 
A 1 7   LYS 7   355 355 LYS LYS A . n 
A 1 8   CYS 8   356 356 CYS CYS A . n 
A 1 9   CYS 9   357 357 CYS CYS A . n 
A 1 10  SER 10  358 358 SER SER A . n 
A 1 11  GLY 11  359 359 GLY GLY A . n 
A 1 12  ILE 12  360 360 ILE ILE A . n 
A 1 13  LEU 13  361 361 LEU LEU A . n 
A 1 14  LYS 14  362 362 LYS LYS A . n 
A 1 15  GLU 15  363 363 GLU GLU A . n 
A 1 16  MET 16  364 364 MET MET A . n 
A 1 17  PHE 17  365 365 PHE PHE A . n 
A 1 18  ALA 18  366 366 ALA ALA A . n 
A 1 19  LYS 19  367 367 LYS LYS A . n 
A 1 20  LYS 20  368 368 LYS LYS A . n 
A 1 21  HIS 21  369 369 HIS HIS A . n 
A 1 22  ALA 22  370 370 ALA ALA A . n 
A 1 23  ALA 23  371 371 ALA ALA A . n 
A 1 24  TYR 24  372 372 TYR TYR A . n 
A 1 25  ALA 25  373 373 ALA ALA A . n 
A 1 26  TRP 26  374 374 TRP TRP A . n 
A 1 27  PRO 27  375 375 PRO PRO A . n 
A 1 28  PHE 28  376 376 PHE PHE A . n 
A 1 29  TYR 29  377 377 TYR TYR A . n 
A 1 30  LYS 30  378 378 LYS LYS A . n 
A 1 31  PRO 31  379 379 PRO PRO A . n 
A 1 32  VAL 32  380 380 VAL VAL A . n 
A 1 33  ASP 33  381 381 ASP ASP A . n 
A 1 34  VAL 34  382 382 VAL VAL A . n 
A 1 35  GLU 35  383 383 GLU GLU A . n 
A 1 36  ALA 36  384 384 ALA ALA A . n 
A 1 37  LEU 37  385 385 LEU LEU A . n 
A 1 38  GLY 38  386 386 GLY GLY A . n 
A 1 39  LEU 39  387 387 LEU LEU A . n 
A 1 40  HIS 40  388 388 HIS HIS A . n 
A 1 41  ASP 41  389 389 ASP ASP A . n 
A 1 42  TYR 42  390 390 TYR TYR A . n 
A 1 43  CYS 43  391 391 CYS CYS A . n 
A 1 44  ASP 44  392 392 ASP ASP A . n 
A 1 45  ILE 45  393 393 ILE ILE A . n 
A 1 46  ILE 46  394 394 ILE ILE A . n 
A 1 47  LYS 47  395 395 LYS LYS A . n 
A 1 48  HIS 48  396 396 HIS HIS A . n 
A 1 49  PRO 49  397 397 PRO PRO A . n 
A 1 50  MET 50  398 398 MET MET A . n 
A 1 51  ASP 51  399 399 ASP ASP A . n 
A 1 52  MET 52  400 400 MET MET A . n 
A 1 53  SER 53  401 401 SER SER A . n 
A 1 54  THR 54  402 402 THR THR A . n 
A 1 55  ILE 55  403 403 ILE ILE A . n 
A 1 56  LYS 56  404 404 LYS LYS A . n 
A 1 57  SER 57  405 405 SER SER A . n 
A 1 58  LYS 58  406 406 LYS LYS A . n 
A 1 59  LEU 59  407 407 LEU LEU A . n 
A 1 60  GLU 60  408 408 GLU GLU A . n 
A 1 61  ALA 61  409 409 ALA ALA A . n 
A 1 62  ARG 62  410 410 ARG ARG A . n 
A 1 63  GLU 63  411 411 GLU GLU A . n 
A 1 64  TYR 64  412 412 TYR TYR A . n 
A 1 65  ARG 65  413 413 ARG ARG A . n 
A 1 66  ASP 66  414 414 ASP ASP A . n 
A 1 67  ALA 67  415 415 ALA ALA A . n 
A 1 68  GLN 68  416 416 GLN GLN A . n 
A 1 69  GLU 69  417 417 GLU GLU A . n 
A 1 70  PHE 70  418 418 PHE PHE A . n 
A 1 71  GLY 71  419 419 GLY GLY A . n 
A 1 72  ALA 72  420 420 ALA ALA A . n 
A 1 73  ASP 73  421 421 ASP ASP A . n 
A 1 74  VAL 74  422 422 VAL VAL A . n 
A 1 75  ARG 75  423 423 ARG ARG A . n 
A 1 76  LEU 76  424 424 LEU LEU A . n 
A 1 77  MET 77  425 425 MET MET A . n 
A 1 78  PHE 78  426 426 PHE PHE A . n 
A 1 79  SER 79  427 427 SER SER A . n 
A 1 80  ASN 80  428 428 ASN ASN A . n 
A 1 81  CYS 81  429 429 CYS CYS A . n 
A 1 82  TYR 82  430 430 TYR TYR A . n 
A 1 83  LYS 83  431 431 LYS LYS A . n 
A 1 84  TYR 84  432 432 TYR TYR A . n 
A 1 85  ASN 85  433 433 ASN ASN A . n 
A 1 86  PRO 86  434 434 PRO PRO A . n 
A 1 87  PRO 87  435 435 PRO PRO A . n 
A 1 88  ASP 88  436 436 ASP ASP A . n 
A 1 89  HIS 89  437 437 HIS HIS A . n 
A 1 90  GLU 90  438 438 GLU GLU A . n 
A 1 91  VAL 91  439 439 VAL VAL A . n 
A 1 92  VAL 92  440 440 VAL VAL A . n 
A 1 93  ALA 93  441 441 ALA ALA A . n 
A 1 94  MET 94  442 442 MET MET A . n 
A 1 95  ALA 95  443 443 ALA ALA A . n 
A 1 96  ARG 96  444 444 ARG ARG A . n 
A 1 97  LYS 97  445 445 LYS LYS A . n 
A 1 98  LEU 98  446 446 LEU LEU A . n 
A 1 99  GLN 99  447 447 GLN GLN A . n 
A 1 100 ASP 100 448 448 ASP ASP A . n 
A 1 101 VAL 101 449 449 VAL VAL A . n 
A 1 102 PHE 102 450 450 PHE PHE A . n 
A 1 103 GLU 103 451 451 GLU GLU A . n 
A 1 104 MET 104 452 452 MET MET A . n 
A 1 105 ARG 105 453 453 ARG ARG A . n 
A 1 106 PHE 106 454 454 PHE PHE A . n 
A 1 107 ALA 107 455 455 ALA ALA A . n 
A 1 108 LYS 108 456 456 LYS LYS A . n 
A 1 109 MET 109 457 457 MET MET A . n 
# 
loop_
_pdbx_nonpoly_scheme.asym_id 
_pdbx_nonpoly_scheme.entity_id 
_pdbx_nonpoly_scheme.mon_id 
_pdbx_nonpoly_scheme.ndb_seq_num 
_pdbx_nonpoly_scheme.pdb_seq_num 
_pdbx_nonpoly_scheme.auth_seq_num 
_pdbx_nonpoly_scheme.pdb_mon_id 
_pdbx_nonpoly_scheme.auth_mon_id 
_pdbx_nonpoly_scheme.pdb_strand_id 
_pdbx_nonpoly_scheme.pdb_ins_code 
B 2 8NJ 1  501 1  8NJ LIG A . 
C 3 HOH 1  601 82 HOH HOH A . 
C 3 HOH 2  602 48 HOH HOH A . 
C 3 HOH 3  603 13 HOH HOH A . 
C 3 HOH 4  604 74 HOH HOH A . 
C 3 HOH 5  605 12 HOH HOH A . 
C 3 HOH 6  606 8  HOH HOH A . 
C 3 HOH 7  607 3  HOH HOH A . 
C 3 HOH 8  608 2  HOH HOH A . 
C 3 HOH 9  609 47 HOH HOH A . 
C 3 HOH 10 610 10 HOH HOH A . 
C 3 HOH 11 611 15 HOH HOH A . 
C 3 HOH 12 612 33 HOH HOH A . 
C 3 HOH 13 613 7  HOH HOH A . 
C 3 HOH 14 614 6  HOH HOH A . 
C 3 HOH 15 615 23 HOH HOH A . 
C 3 HOH 16 616 41 HOH HOH A . 
C 3 HOH 17 617 55 HOH HOH A . 
C 3 HOH 18 618 49 HOH HOH A . 
C 3 HOH 19 619 26 HOH HOH A . 
C 3 HOH 20 620 50 HOH HOH A . 
C 3 HOH 21 621 65 HOH HOH A . 
C 3 HOH 22 622 22 HOH HOH A . 
C 3 HOH 23 623 1  HOH HOH A . 
C 3 HOH 24 624 5  HOH HOH A . 
C 3 HOH 25 625 73 HOH HOH A . 
C 3 HOH 26 626 77 HOH HOH A . 
C 3 HOH 27 627 42 HOH HOH A . 
C 3 HOH 28 628 71 HOH HOH A . 
C 3 HOH 29 629 31 HOH HOH A . 
C 3 HOH 30 630 34 HOH HOH A . 
C 3 HOH 31 631 9  HOH HOH A . 
C 3 HOH 32 632 40 HOH HOH A . 
C 3 HOH 33 633 16 HOH HOH A . 
C 3 HOH 34 634 76 HOH HOH A . 
C 3 HOH 35 635 4  HOH HOH A . 
C 3 HOH 36 636 67 HOH HOH A . 
C 3 HOH 37 637 57 HOH HOH A . 
C 3 HOH 38 638 20 HOH HOH A . 
C 3 HOH 39 639 35 HOH HOH A . 
C 3 HOH 40 640 18 HOH HOH A . 
C 3 HOH 41 641 68 HOH HOH A . 
C 3 HOH 42 642 45 HOH HOH A . 
C 3 HOH 43 643 30 HOH HOH A . 
C 3 HOH 44 644 11 HOH HOH A . 
C 3 HOH 45 645 61 HOH HOH A . 
C 3 HOH 46 646 37 HOH HOH A . 
C 3 HOH 47 647 81 HOH HOH A . 
C 3 HOH 48 648 21 HOH HOH A . 
C 3 HOH 49 649 27 HOH HOH A . 
C 3 HOH 50 650 51 HOH HOH A . 
C 3 HOH 51 651 14 HOH HOH A . 
C 3 HOH 52 652 29 HOH HOH A . 
C 3 HOH 53 653 70 HOH HOH A . 
C 3 HOH 54 654 25 HOH HOH A . 
C 3 HOH 55 655 72 HOH HOH A . 
C 3 HOH 56 656 19 HOH HOH A . 
C 3 HOH 57 657 24 HOH HOH A . 
C 3 HOH 58 658 53 HOH HOH A . 
C 3 HOH 59 659 60 HOH HOH A . 
C 3 HOH 60 660 59 HOH HOH A . 
C 3 HOH 61 661 44 HOH HOH A . 
C 3 HOH 62 662 58 HOH HOH A . 
C 3 HOH 63 663 79 HOH HOH A . 
C 3 HOH 64 664 39 HOH HOH A . 
C 3 HOH 65 665 17 HOH HOH A . 
C 3 HOH 66 666 28 HOH HOH A . 
C 3 HOH 67 667 56 HOH HOH A . 
C 3 HOH 68 668 69 HOH HOH A . 
C 3 HOH 69 669 62 HOH HOH A . 
C 3 HOH 70 670 46 HOH HOH A . 
C 3 HOH 71 671 52 HOH HOH A . 
C 3 HOH 72 672 54 HOH HOH A . 
C 3 HOH 73 673 63 HOH HOH A . 
C 3 HOH 74 674 66 HOH HOH A . 
C 3 HOH 75 675 38 HOH HOH A . 
C 3 HOH 76 676 75 HOH HOH A . 
C 3 HOH 77 677 64 HOH HOH A . 
C 3 HOH 78 678 32 HOH HOH A . 
C 3 HOH 79 679 36 HOH HOH A . 
C 3 HOH 80 680 80 HOH HOH A . 
C 3 HOH 81 681 43 HOH HOH A . 
# 
loop_
_software.citation_id 
_software.classification 
_software.compiler_name 
_software.compiler_version 
_software.contact_author 
_software.contact_author_email 
_software.date 
_software.description 
_software.dependencies 
_software.hardware 
_software.language 
_software.location 
_software.mods 
_software.name 
_software.os 
_software.os_version 
_software.type 
_software.version 
_software.pdbx_ordinal 
? 'data reduction' ? ? ? ? ? ? ? ? ? ? ? XDS    ? ? ? 2.11.7 1 
? 'data scaling'   ? ? ? ? ? ? ? ? ? ? ? SCALA  ? ? ? .      2 
? 'model building' ? ? ? ? ? ? ? ? ? ? ? Coot   ? ? ? .      3 
? refinement       ? ? ? ? ? ? ? ? ? ? ? BUSTER ? ? ? 2.11.7 4 
# 
_cell.angle_alpha                  90.00 
_cell.angle_alpha_esd              ? 
_cell.angle_beta                   90.00 
_cell.angle_beta_esd               ? 
_cell.angle_gamma                  90.00 
_cell.angle_gamma_esd              ? 
_cell.entry_id                     5UVY 
_cell.details                      ? 
_cell.formula_units_Z              ? 
_cell.length_a                     58.114 
_cell.length_a_esd                 ? 
_cell.length_b                     73.011 
_cell.length_b_esd                 ? 
_cell.length_c                     33.499 
_cell.length_c_esd                 ? 
_cell.volume                       ? 
_cell.volume_esd                   ? 
_cell.Z_PDB                        4 
_cell.reciprocal_angle_alpha       ? 
_cell.reciprocal_angle_beta        ? 
_cell.reciprocal_angle_gamma       ? 
_cell.reciprocal_angle_alpha_esd   ? 
_cell.reciprocal_angle_beta_esd    ? 
_cell.reciprocal_angle_gamma_esd   ? 
_cell.reciprocal_length_a          ? 
_cell.reciprocal_length_b          ? 
_cell.reciprocal_length_c          ? 
_cell.reciprocal_length_a_esd      ? 
_cell.reciprocal_length_b_esd      ? 
_cell.reciprocal_length_c_esd      ? 
_cell.pdbx_unique_axis             ? 
# 
_symmetry.entry_id                         5UVY 
_symmetry.cell_setting                     ? 
_symmetry.Int_Tables_number                18 
_symmetry.space_group_name_Hall            ? 
_symmetry.space_group_name_H-M             'P 21 21 2' 
_symmetry.pdbx_full_space_group_name_H-M   ? 
# 
_exptl.absorpt_coefficient_mu     ? 
_exptl.absorpt_correction_T_max   ? 
_exptl.absorpt_correction_T_min   ? 
_exptl.absorpt_correction_type    ? 
_exptl.absorpt_process_details    ? 
_exptl.entry_id                   5UVY 
_exptl.crystals_number            1 
_exptl.details                    ? 
_exptl.method                     'X-RAY DIFFRACTION' 
_exptl.method_details             ? 
# 
_exptl_crystal.colour                      ? 
_exptl_crystal.density_diffrn              ? 
_exptl_crystal.density_Matthews            2.77 
_exptl_crystal.density_method              ? 
_exptl_crystal.density_percent_sol         55.67 
_exptl_crystal.description                 ? 
_exptl_crystal.F_000                       ? 
_exptl_crystal.id                          1 
_exptl_crystal.preparation                 ? 
_exptl_crystal.size_max                    ? 
_exptl_crystal.size_mid                    ? 
_exptl_crystal.size_min                    ? 
_exptl_crystal.size_rad                    ? 
_exptl_crystal.colour_lustre               ? 
_exptl_crystal.colour_modifier             ? 
_exptl_crystal.colour_primary              ? 
_exptl_crystal.density_meas                ? 
_exptl_crystal.density_meas_esd            ? 
_exptl_crystal.density_meas_gt             ? 
_exptl_crystal.density_meas_lt             ? 
_exptl_crystal.density_meas_temp           ? 
_exptl_crystal.density_meas_temp_esd       ? 
_exptl_crystal.density_meas_temp_gt        ? 
_exptl_crystal.density_meas_temp_lt        ? 
_exptl_crystal.pdbx_crystal_image_url      ? 
_exptl_crystal.pdbx_crystal_image_format   ? 
_exptl_crystal.pdbx_mosaicity              ? 
_exptl_crystal.pdbx_mosaicity_esd          ? 
# 
_exptl_crystal_grow.apparatus       ? 
_exptl_crystal_grow.atmosphere      ? 
_exptl_crystal_grow.crystal_id      1 
_exptl_crystal_grow.details         ? 
_exptl_crystal_grow.method          'VAPOR DIFFUSION' 
_exptl_crystal_grow.method_ref      ? 
_exptl_crystal_grow.pH              ? 
_exptl_crystal_grow.pressure        ? 
_exptl_crystal_grow.pressure_esd    ? 
_exptl_crystal_grow.seeding         ? 
_exptl_crystal_grow.seeding_ref     ? 
_exptl_crystal_grow.temp            277 
_exptl_crystal_grow.temp_details    ? 
_exptl_crystal_grow.temp_esd        ? 
_exptl_crystal_grow.time            ? 
_exptl_crystal_grow.pdbx_details    
;Protein Buffer :
10 mM HEPES PH 7.5
100 mM NaCl   5 mM DTT
Crystallization :
15 % (v/v) Ethanol   Tris PH 7.0
;
_exptl_crystal_grow.pdbx_pH_range   ? 
# 
_diffrn.ambient_environment    ? 
_diffrn.ambient_temp           100 
_diffrn.ambient_temp_details   ? 
_diffrn.ambient_temp_esd       ? 
_diffrn.crystal_id             1 
_diffrn.crystal_support        ? 
_diffrn.crystal_treatment      ? 
_diffrn.details                ? 
_diffrn.id                     1 
_diffrn.ambient_pressure       ? 
_diffrn.ambient_pressure_esd   ? 
_diffrn.ambient_pressure_gt    ? 
_diffrn.ambient_pressure_lt    ? 
_diffrn.ambient_temp_gt        ? 
_diffrn.ambient_temp_lt        ? 
# 
_diffrn_detector.details                      ? 
_diffrn_detector.detector                     PIXEL 
_diffrn_detector.diffrn_id                    1 
_diffrn_detector.type                         'DECTRIS PILATUS3 S 6M' 
_diffrn_detector.area_resol_mean              ? 
_diffrn_detector.dtime                        ? 
_diffrn_detector.pdbx_frames_total            ? 
_diffrn_detector.pdbx_collection_time_total   ? 
_diffrn_detector.pdbx_collection_date         2011-07-06 
# 
_diffrn_radiation.collimation                      ? 
_diffrn_radiation.diffrn_id                        1 
_diffrn_radiation.filter_edge                      ? 
_diffrn_radiation.inhomogeneity                    ? 
_diffrn_radiation.monochromator                    ? 
_diffrn_radiation.polarisn_norm                    ? 
_diffrn_radiation.polarisn_ratio                   ? 
_diffrn_radiation.probe                            ? 
_diffrn_radiation.type                             ? 
_diffrn_radiation.xray_symbol                      ? 
_diffrn_radiation.wavelength_id                    1 
_diffrn_radiation.pdbx_monochromatic_or_laue_m_l   M 
_diffrn_radiation.pdbx_wavelength_list             ? 
_diffrn_radiation.pdbx_wavelength                  ? 
_diffrn_radiation.pdbx_diffrn_protocol             'SINGLE WAVELENGTH' 
_diffrn_radiation.pdbx_analyzer                    ? 
_diffrn_radiation.pdbx_scattering_type             x-ray 
# 
_diffrn_radiation_wavelength.id           1 
_diffrn_radiation_wavelength.wavelength   1.0 
_diffrn_radiation_wavelength.wt           1.0 
# 
_diffrn_source.current                     ? 
_diffrn_source.details                     ? 
_diffrn_source.diffrn_id                   1 
_diffrn_source.power                       ? 
_diffrn_source.size                        ? 
_diffrn_source.source                      SYNCHROTRON 
_diffrn_source.target                      ? 
_diffrn_source.type                        'APS BEAMLINE 17-ID' 
_diffrn_source.voltage                     ? 
_diffrn_source.take-off_angle              ? 
_diffrn_source.pdbx_wavelength_list        1.0 
_diffrn_source.pdbx_wavelength             ? 
_diffrn_source.pdbx_synchrotron_beamline   17-ID 
_diffrn_source.pdbx_synchrotron_site       APS 
# 
_reflns.B_iso_Wilson_estimate            41.99 
_reflns.entry_id                         5UVY 
_reflns.data_reduction_details           ? 
_reflns.data_reduction_method            ? 
_reflns.d_resolution_high                2.25 
_reflns.d_resolution_low                 30.9 
_reflns.details                          ? 
_reflns.limit_h_max                      ? 
_reflns.limit_h_min                      ? 
_reflns.limit_k_max                      ? 
_reflns.limit_k_min                      ? 
_reflns.limit_l_max                      ? 
_reflns.limit_l_min                      ? 
_reflns.number_all                       ? 
_reflns.number_obs                       7045 
_reflns.observed_criterion               ? 
_reflns.observed_criterion_F_max         ? 
_reflns.observed_criterion_F_min         ? 
_reflns.observed_criterion_I_max         ? 
_reflns.observed_criterion_I_min         ? 
_reflns.observed_criterion_sigma_F       ? 
_reflns.observed_criterion_sigma_I       ? 
_reflns.percent_possible_obs             98.2 
_reflns.R_free_details                   ? 
_reflns.Rmerge_F_all                     ? 
_reflns.Rmerge_F_obs                     ? 
_reflns.Friedel_coverage                 ? 
_reflns.number_gt                        ? 
_reflns.threshold_expression             ? 
_reflns.pdbx_redundancy                  5.3 
_reflns.pdbx_Rmerge_I_obs                ? 
_reflns.pdbx_Rmerge_I_all                ? 
_reflns.pdbx_Rsym_value                  ? 
_reflns.pdbx_netI_over_av_sigmaI         ? 
_reflns.pdbx_netI_over_sigmaI            8.8 
_reflns.pdbx_res_netI_over_av_sigmaI_2   ? 
_reflns.pdbx_res_netI_over_sigmaI_2      ? 
_reflns.pdbx_chi_squared                 ? 
_reflns.pdbx_scaling_rejects             ? 
_reflns.pdbx_d_res_high_opt              ? 
_reflns.pdbx_d_res_low_opt               ? 
_reflns.pdbx_d_res_opt_method            ? 
_reflns.phase_calculation_details        ? 
_reflns.pdbx_Rrim_I_all                  ? 
_reflns.pdbx_Rpim_I_all                  ? 
_reflns.pdbx_d_opt                       ? 
_reflns.pdbx_number_measured_all         ? 
_reflns.pdbx_diffrn_id                   1 
_reflns.pdbx_ordinal                     1 
_reflns.pdbx_CC_half                     ? 
_reflns.pdbx_R_split                     ? 
# 
_reflns_shell.d_res_high                  . 
_reflns_shell.d_res_low                   ? 
_reflns_shell.meanI_over_sigI_all         ? 
_reflns_shell.meanI_over_sigI_obs         ? 
_reflns_shell.number_measured_all         ? 
_reflns_shell.number_measured_obs         ? 
_reflns_shell.number_possible             ? 
_reflns_shell.number_unique_all           ? 
_reflns_shell.number_unique_obs           ? 
_reflns_shell.percent_possible_all        ? 
_reflns_shell.percent_possible_obs        ? 
_reflns_shell.Rmerge_F_all                ? 
_reflns_shell.Rmerge_F_obs                ? 
_reflns_shell.Rmerge_I_all                ? 
_reflns_shell.Rmerge_I_obs                ? 
_reflns_shell.meanI_over_sigI_gt          ? 
_reflns_shell.meanI_over_uI_all           ? 
_reflns_shell.meanI_over_uI_gt            ? 
_reflns_shell.number_measured_gt          ? 
_reflns_shell.number_unique_gt            ? 
_reflns_shell.percent_possible_gt         ? 
_reflns_shell.Rmerge_F_gt                 ? 
_reflns_shell.Rmerge_I_gt                 ? 
_reflns_shell.pdbx_redundancy             ? 
_reflns_shell.pdbx_Rsym_value             ? 
_reflns_shell.pdbx_chi_squared            ? 
_reflns_shell.pdbx_netI_over_sigmaI_all   ? 
_reflns_shell.pdbx_netI_over_sigmaI_obs   ? 
_reflns_shell.pdbx_Rrim_I_all             ? 
_reflns_shell.pdbx_Rpim_I_all             ? 
_reflns_shell.pdbx_rejects                ? 
_reflns_shell.pdbx_ordinal                1 
_reflns_shell.pdbx_diffrn_id              1 
_reflns_shell.pdbx_CC_half                ? 
_reflns_shell.pdbx_R_split                ? 
# 
_refine.aniso_B[1][1]                            -12.63880 
_refine.aniso_B[1][2]                            0.00000 
_refine.aniso_B[1][3]                            0.00000 
_refine.aniso_B[2][2]                            9.97160 
_refine.aniso_B[2][3]                            0.00000 
_refine.aniso_B[3][3]                            2.66720 
_refine.B_iso_max                                ? 
_refine.B_iso_mean                               42.37 
_refine.B_iso_min                                ? 
_refine.correlation_coeff_Fo_to_Fc               0.919 
_refine.correlation_coeff_Fo_to_Fc_free          0.832 
_refine.details                                  ? 
_refine.diff_density_max                         ? 
_refine.diff_density_max_esd                     ? 
_refine.diff_density_min                         ? 
_refine.diff_density_min_esd                     ? 
_refine.diff_density_rms                         ? 
_refine.diff_density_rms_esd                     ? 
_refine.entry_id                                 5UVY 
_refine.pdbx_refine_id                           'X-RAY DIFFRACTION' 
_refine.ls_abs_structure_details                 ? 
_refine.ls_abs_structure_Flack                   ? 
_refine.ls_abs_structure_Flack_esd               ? 
_refine.ls_abs_structure_Rogers                  ? 
_refine.ls_abs_structure_Rogers_esd              ? 
_refine.ls_d_res_high                            2.25 
_refine.ls_d_res_low                             30.9 
_refine.ls_extinction_coef                       ? 
_refine.ls_extinction_coef_esd                   ? 
_refine.ls_extinction_expression                 ? 
_refine.ls_extinction_method                     ? 
_refine.ls_goodness_of_fit_all                   ? 
_refine.ls_goodness_of_fit_all_esd               ? 
_refine.ls_goodness_of_fit_obs                   ? 
_refine.ls_goodness_of_fit_obs_esd               ? 
_refine.ls_hydrogen_treatment                    ? 
_refine.ls_matrix_type                           ? 
_refine.ls_number_constraints                    ? 
_refine.ls_number_parameters                     ? 
_refine.ls_number_reflns_all                     ? 
_refine.ls_number_reflns_obs                     7045 
_refine.ls_number_reflns_R_free                  333 
_refine.ls_number_reflns_R_work                  ? 
_refine.ls_number_restraints                     ? 
_refine.ls_percent_reflns_obs                    98.2 
_refine.ls_percent_reflns_R_free                 4.730 
_refine.ls_R_factor_all                          ? 
_refine.ls_R_factor_obs                          0.217 
_refine.ls_R_factor_R_free                       0.262 
_refine.ls_R_factor_R_free_error                 0.02 
_refine.ls_R_factor_R_free_error_details         ? 
_refine.ls_R_factor_R_work                       0.215 
_refine.ls_R_Fsqd_factor_obs                     ? 
_refine.ls_R_I_factor_obs                        ? 
_refine.ls_redundancy_reflns_all                 ? 
_refine.ls_redundancy_reflns_obs                 ? 
_refine.ls_restrained_S_all                      ? 
_refine.ls_restrained_S_obs                      ? 
_refine.ls_shift_over_esd_max                    ? 
_refine.ls_shift_over_esd_mean                   ? 
_refine.ls_structure_factor_coef                 ? 
_refine.ls_weighting_details                     ? 
_refine.ls_weighting_scheme                      ? 
_refine.ls_wR_factor_all                         ? 
_refine.ls_wR_factor_obs                         ? 
_refine.ls_wR_factor_R_free                      ? 
_refine.ls_wR_factor_R_work                      ? 
_refine.occupancy_max                            ? 
_refine.occupancy_min                            ? 
_refine.solvent_model_details                    ? 
_refine.solvent_model_param_bsol                 ? 
_refine.solvent_model_param_ksol                 ? 
_refine.ls_R_factor_gt                           ? 
_refine.ls_goodness_of_fit_gt                    ? 
_refine.ls_goodness_of_fit_ref                   ? 
_refine.ls_shift_over_su_max                     ? 
_refine.ls_shift_over_su_max_lt                  ? 
_refine.ls_shift_over_su_mean                    ? 
_refine.ls_shift_over_su_mean_lt                 ? 
_refine.pdbx_ls_sigma_I                          ? 
_refine.pdbx_ls_sigma_F                          0.000 
_refine.pdbx_ls_sigma_Fsqd                       ? 
_refine.pdbx_data_cutoff_high_absF               ? 
_refine.pdbx_data_cutoff_high_rms_absF           ? 
_refine.pdbx_data_cutoff_low_absF                ? 
_refine.pdbx_isotropic_thermal_model             ? 
_refine.pdbx_ls_cross_valid_method               THROUGHOUT 
_refine.pdbx_method_to_determine_struct          ? 
_refine.pdbx_starting_model                      ? 
_refine.pdbx_stereochemistry_target_values       ? 
_refine.pdbx_R_Free_selection_details            RANDOM 
_refine.pdbx_stereochem_target_val_spec_case     ? 
_refine.pdbx_overall_ESU_R                       ? 
_refine.pdbx_overall_ESU_R_Free                  ? 
_refine.pdbx_solvent_vdw_probe_radii             ? 
_refine.pdbx_solvent_ion_probe_radii             ? 
_refine.pdbx_solvent_shrinkage_radii             ? 
_refine.pdbx_real_space_R                        ? 
_refine.pdbx_density_correlation                 ? 
_refine.pdbx_pd_number_of_powder_patterns        ? 
_refine.pdbx_pd_number_of_points                 ? 
_refine.pdbx_pd_meas_number_of_points            ? 
_refine.pdbx_pd_proc_ls_prof_R_factor            ? 
_refine.pdbx_pd_proc_ls_prof_wR_factor           ? 
_refine.pdbx_pd_Marquardt_correlation_coeff      ? 
_refine.pdbx_pd_Fsqrd_R_factor                   ? 
_refine.pdbx_pd_ls_matrix_band_width             ? 
_refine.pdbx_overall_phase_error                 ? 
_refine.pdbx_overall_SU_R_free_Cruickshank_DPI   0.222 
_refine.pdbx_overall_SU_R_free_Blow_DPI          0.234 
_refine.pdbx_overall_SU_R_Blow_DPI               0.323 
_refine.pdbx_TLS_residual_ADP_flag               ? 
_refine.pdbx_diffrn_id                           1 
_refine.overall_SU_B                             ? 
_refine.overall_SU_ML                            ? 
_refine.overall_SU_R_Cruickshank_DPI             0.277 
_refine.overall_SU_R_free                        ? 
_refine.overall_FOM_free_R_set                   ? 
_refine.overall_FOM_work_R_set                   ? 
_refine.pdbx_average_fsc_overall                 ? 
_refine.pdbx_average_fsc_work                    ? 
_refine.pdbx_average_fsc_free                    ? 
# 
_refine_analyze.entry_id                        5UVY 
_refine_analyze.pdbx_refine_id                  'X-RAY DIFFRACTION' 
_refine_analyze.Luzzati_coordinate_error_free   ? 
_refine_analyze.Luzzati_coordinate_error_obs    0.35 
_refine_analyze.Luzzati_d_res_low_free          ? 
_refine_analyze.Luzzati_d_res_low_obs           ? 
_refine_analyze.Luzzati_sigma_a_free            ? 
_refine_analyze.Luzzati_sigma_a_free_details    ? 
_refine_analyze.Luzzati_sigma_a_obs             ? 
_refine_analyze.Luzzati_sigma_a_obs_details     ? 
_refine_analyze.number_disordered_residues      ? 
_refine_analyze.occupancy_sum_hydrogen          ? 
_refine_analyze.occupancy_sum_non_hydrogen      ? 
_refine_analyze.RG_d_res_high                   ? 
_refine_analyze.RG_d_res_low                    ? 
_refine_analyze.RG_free                         ? 
_refine_analyze.RG_work                         ? 
_refine_analyze.RG_free_work_ratio              ? 
_refine_analyze.pdbx_Luzzati_d_res_high_obs     ? 
# 
_refine_hist.pdbx_refine_id                   'X-RAY DIFFRACTION' 
_refine_hist.cycle_id                         1 
_refine_hist.pdbx_number_atoms_protein        892 
_refine_hist.pdbx_number_atoms_nucleic_acid   0 
_refine_hist.pdbx_number_atoms_ligand         24 
_refine_hist.number_atoms_solvent             80 
_refine_hist.number_atoms_total               996 
_refine_hist.d_res_high                       2.25 
_refine_hist.d_res_low                        30.9 
# 
loop_
_refine_ls_restr.pdbx_refine_id 
_refine_ls_restr.criterion 
_refine_ls_restr.dev_ideal 
_refine_ls_restr.dev_ideal_target 
_refine_ls_restr.number 
_refine_ls_restr.rejects 
_refine_ls_restr.type 
_refine_ls_restr.weight 
_refine_ls_restr.pdbx_restraint_function 
'X-RAY DIFFRACTION' ? 0.008 ? 945  ? t_bond_d                  2.00  HARMONIC     
'X-RAY DIFFRACTION' ? 0.91  ? 1268 ? t_angle_deg               2.00  HARMONIC     
'X-RAY DIFFRACTION' ? ?     ? 334  ? t_dihedral_angle_d        2.00  SINUSOIDAL   
'X-RAY DIFFRACTION' ? ?     ? ?    ? t_incorr_chiral_ct        ?     ?            
'X-RAY DIFFRACTION' ? ?     ? ?    ? t_pseud_angle             ?     ?            
'X-RAY DIFFRACTION' ? ?     ? 21   ? t_trig_c_planes           2.00  HARMONIC     
'X-RAY DIFFRACTION' ? ?     ? 144  ? t_gen_planes              5.00  HARMONIC     
'X-RAY DIFFRACTION' ? ?     ? 945  ? t_it                      20.00 HARMONIC     
'X-RAY DIFFRACTION' ? ?     ? ?    ? t_nbd                     ?     ?            
'X-RAY DIFFRACTION' ? 2.18  ? ?    ? t_omega_torsion           ?     ?            
'X-RAY DIFFRACTION' ? 16.87 ? ?    ? t_other_torsion           ?     ?            
'X-RAY DIFFRACTION' ? ?     ? ?    ? t_improper_torsion        ?     ?            
'X-RAY DIFFRACTION' ? ?     ? 111  ? t_chiral_improper_torsion 5.00  SEMIHARMONIC 
'X-RAY DIFFRACTION' ? ?     ? ?    ? t_sum_occupancies         ?     ?            
'X-RAY DIFFRACTION' ? ?     ? ?    ? t_utility_distance        ?     ?            
'X-RAY DIFFRACTION' ? ?     ? ?    ? t_utility_angle           ?     ?            
'X-RAY DIFFRACTION' ? ?     ? ?    ? t_utility_torsion         ?     ?            
'X-RAY DIFFRACTION' ? ?     ? 1142 ? t_ideal_dist_contact      4.00  SEMIHARMONIC 
# 
_refine_ls_shell.pdbx_refine_id                   'X-RAY DIFFRACTION' 
_refine_ls_shell.d_res_high                       2.25 
_refine_ls_shell.d_res_low                        2.52 
_refine_ls_shell.number_reflns_all                1876 
_refine_ls_shell.number_reflns_obs                ? 
_refine_ls_shell.number_reflns_R_free             ? 
_refine_ls_shell.number_reflns_R_work             1792 
_refine_ls_shell.percent_reflns_obs               95.03 
_refine_ls_shell.percent_reflns_R_free            4.48 
_refine_ls_shell.R_factor_all                     0.279 
_refine_ls_shell.R_factor_obs                     ? 
_refine_ls_shell.R_factor_R_free                  0.340 
_refine_ls_shell.R_factor_R_free_error            0.000 
_refine_ls_shell.R_factor_R_work                  0.276 
_refine_ls_shell.redundancy_reflns_all            ? 
_refine_ls_shell.redundancy_reflns_obs            ? 
_refine_ls_shell.wR_factor_all                    ? 
_refine_ls_shell.wR_factor_obs                    ? 
_refine_ls_shell.wR_factor_R_free                 ? 
_refine_ls_shell.wR_factor_R_work                 ? 
_refine_ls_shell.pdbx_total_number_of_bins_used   5 
_refine_ls_shell.pdbx_phase_error                 ? 
_refine_ls_shell.pdbx_fsc_work                    ? 
_refine_ls_shell.pdbx_fsc_free                    ? 
# 
_struct.entry_id                     5UVY 
_struct.title                        'BRD4 Bromodomain 2 with A-1349391' 
_struct.pdbx_model_details           ? 
_struct.pdbx_formula_weight          ? 
_struct.pdbx_formula_weight_method   ? 
_struct.pdbx_model_type_details      ? 
_struct.pdbx_CASP_flag               N 
# 
_struct_keywords.entry_id        5UVY 
_struct_keywords.text            'Helix bundle, SIGNALING PROTEIN-INHIBITOR complex' 
_struct_keywords.pdbx_keywords   'SIGNALING PROTEIN/INHIBITOR' 
# 
loop_
_struct_asym.id 
_struct_asym.pdbx_blank_PDB_chainid_flag 
_struct_asym.pdbx_modified 
_struct_asym.entity_id 
_struct_asym.details 
A N N 1 ? 
B N N 2 ? 
C N N 3 ? 
# 
_struct_ref.id                         1 
_struct_ref.db_name                    UNP 
_struct_ref.db_code                    BRD4_HUMAN 
_struct_ref.pdbx_db_accession          O60885 
_struct_ref.pdbx_db_isoform            ? 
_struct_ref.entity_id                  1 
_struct_ref.pdbx_seq_one_letter_code   
;EQLKCCSGILKEMFAKKHAAYAWPFYKPVDVEALGLHDYCDIIKHPMDMSTIKSKLEAREYRDAQEFGADVRLMFSNCYK
YNPPDHEVVAMARKLQDVFEMRFAKM
;
_struct_ref.pdbx_align_begin           352 
# 
_struct_ref_seq.align_id                      1 
_struct_ref_seq.ref_id                        1 
_struct_ref_seq.pdbx_PDB_id_code              5UVY 
_struct_ref_seq.pdbx_strand_id                A 
_struct_ref_seq.seq_align_beg                 4 
_struct_ref_seq.pdbx_seq_align_beg_ins_code   ? 
_struct_ref_seq.seq_align_end                 109 
_struct_ref_seq.pdbx_seq_align_end_ins_code   ? 
_struct_ref_seq.pdbx_db_accession             O60885 
_struct_ref_seq.db_align_beg                  352 
_struct_ref_seq.pdbx_db_align_beg_ins_code    ? 
_struct_ref_seq.db_align_end                  457 
_struct_ref_seq.pdbx_db_align_end_ins_code    ? 
_struct_ref_seq.pdbx_auth_seq_align_beg       352 
_struct_ref_seq.pdbx_auth_seq_align_end       457 
# 
loop_
_struct_ref_seq_dif.align_id 
_struct_ref_seq_dif.pdbx_pdb_id_code 
_struct_ref_seq_dif.mon_id 
_struct_ref_seq_dif.pdbx_pdb_strand_id 
_struct_ref_seq_dif.seq_num 
_struct_ref_seq_dif.pdbx_pdb_ins_code 
_struct_ref_seq_dif.pdbx_seq_db_name 
_struct_ref_seq_dif.pdbx_seq_db_accession_code 
_struct_ref_seq_dif.db_mon_id 
_struct_ref_seq_dif.pdbx_seq_db_seq_num 
_struct_ref_seq_dif.details 
_struct_ref_seq_dif.pdbx_auth_seq_num 
_struct_ref_seq_dif.pdbx_ordinal 
1 5UVY SER A 1 ? UNP O60885 ? ? 'expression tag' 349 1 
1 5UVY HIS A 2 ? UNP O60885 ? ? 'expression tag' 350 2 
1 5UVY MET A 3 ? UNP O60885 ? ? 'expression tag' 351 3 
# 
loop_
_pdbx_struct_assembly.id 
_pdbx_struct_assembly.details 
_pdbx_struct_assembly.method_details 
_pdbx_struct_assembly.oligomeric_details 
_pdbx_struct_assembly.oligomeric_count 
1 author_and_software_defined_assembly PISA monomeric 1 
2 author_and_software_defined_assembly PISA monomeric 1 
# 
loop_
_pdbx_struct_assembly_prop.biol_id 
_pdbx_struct_assembly_prop.type 
_pdbx_struct_assembly_prop.value 
_pdbx_struct_assembly_prop.details 
2 'ABSA (A^2)' 0    ? 
2 MORE         0    ? 
2 'SSA (A^2)'  6970 ? 
# 
loop_
_pdbx_struct_assembly_gen.assembly_id 
_pdbx_struct_assembly_gen.oper_expression 
_pdbx_struct_assembly_gen.asym_id_list 
1 1 A,B,C 
2 1 A,B,C 
# 
_pdbx_struct_oper_list.id                   1 
_pdbx_struct_oper_list.type                 'identity operation' 
_pdbx_struct_oper_list.name                 1_555 
_pdbx_struct_oper_list.symmetry_operation   x,y,z 
_pdbx_struct_oper_list.matrix[1][1]         1.0000000000 
_pdbx_struct_oper_list.matrix[1][2]         0.0000000000 
_pdbx_struct_oper_list.matrix[1][3]         0.0000000000 
_pdbx_struct_oper_list.vector[1]            0.0000000000 
_pdbx_struct_oper_list.matrix[2][1]         0.0000000000 
_pdbx_struct_oper_list.matrix[2][2]         1.0000000000 
_pdbx_struct_oper_list.matrix[2][3]         0.0000000000 
_pdbx_struct_oper_list.vector[2]            0.0000000000 
_pdbx_struct_oper_list.matrix[3][1]         0.0000000000 
_pdbx_struct_oper_list.matrix[3][2]         0.0000000000 
_pdbx_struct_oper_list.matrix[3][3]         1.0000000000 
_pdbx_struct_oper_list.vector[3]            0.0000000000 
# 
loop_
_struct_conf.conf_type_id 
_struct_conf.id 
_struct_conf.pdbx_PDB_helix_id 
_struct_conf.beg_label_comp_id 
_struct_conf.beg_label_asym_id 
_struct_conf.beg_label_seq_id 
_struct_conf.pdbx_beg_PDB_ins_code 
_struct_conf.end_label_comp_id 
_struct_conf.end_label_asym_id 
_struct_conf.end_label_seq_id 
_struct_conf.pdbx_end_PDB_ins_code 
_struct_conf.beg_auth_comp_id 
_struct_conf.beg_auth_asym_id 
_struct_conf.beg_auth_seq_id 
_struct_conf.end_auth_comp_id 
_struct_conf.end_auth_asym_id 
_struct_conf.end_auth_seq_id 
_struct_conf.pdbx_PDB_helix_class 
_struct_conf.details 
_struct_conf.pdbx_PDB_helix_length 
HELX_P HELX_P1 AA1 SER A 1  ? PHE A 17  ? SER A 349 PHE A 365 1 ? 17 
HELX_P HELX_P2 AA2 HIS A 21 ? TRP A 26  ? HIS A 369 TRP A 374 1 ? 6  
HELX_P HELX_P3 AA3 PRO A 27 ? TYR A 29  ? PRO A 375 TYR A 377 5 ? 3  
HELX_P HELX_P4 AA4 ASP A 41 ? ILE A 46  ? ASP A 389 ILE A 394 1 ? 6  
HELX_P HELX_P5 AA5 ASP A 51 ? ALA A 61  ? ASP A 399 ALA A 409 1 ? 11 
HELX_P HELX_P6 AA6 ASP A 66 ? ASN A 85  ? ASP A 414 ASN A 433 1 ? 20 
HELX_P HELX_P7 AA7 HIS A 89 ? LYS A 108 ? HIS A 437 LYS A 456 1 ? 20 
# 
_struct_conf_type.id          HELX_P 
_struct_conf_type.criteria    ? 
_struct_conf_type.reference   ? 
# 
_struct_site.id                   AC1 
_struct_site.pdbx_evidence_code   Software 
_struct_site.pdbx_auth_asym_id    A 
_struct_site.pdbx_auth_comp_id    8NJ 
_struct_site.pdbx_auth_seq_id     501 
_struct_site.pdbx_auth_ins_code   ? 
_struct_site.pdbx_num_residues    6 
_struct_site.details              'binding site for residue 8NJ A 501' 
# 
loop_
_struct_site_gen.id 
_struct_site_gen.site_id 
_struct_site_gen.pdbx_num_res 
_struct_site_gen.label_comp_id 
_struct_site_gen.label_asym_id 
_struct_site_gen.label_seq_id 
_struct_site_gen.pdbx_auth_ins_code 
_struct_site_gen.auth_comp_id 
_struct_site_gen.auth_asym_id 
_struct_site_gen.auth_seq_id 
_struct_site_gen.label_atom_id 
_struct_site_gen.label_alt_id 
_struct_site_gen.symmetry 
_struct_site_gen.details 
1 AC1 6 TRP A 26 ? TRP A 374 . ? 1_555 ? 
2 AC1 6 PRO A 27 ? PRO A 375 . ? 1_555 ? 
3 AC1 6 PHE A 28 ? PHE A 376 . ? 1_555 ? 
4 AC1 6 ASN A 85 ? ASN A 433 . ? 1_555 ? 
5 AC1 6 GLU A 90 ? GLU A 438 . ? 1_555 ? 
6 AC1 6 HOH C .  ? HOH A 603 . ? 1_555 ? 
# 
_pdbx_validate_torsion.id              1 
_pdbx_validate_torsion.PDB_model_num   1 
_pdbx_validate_torsion.auth_comp_id    LYS 
_pdbx_validate_torsion.auth_asym_id    A 
_pdbx_validate_torsion.auth_seq_id     456 
_pdbx_validate_torsion.PDB_ins_code    ? 
_pdbx_validate_torsion.label_alt_id    ? 
_pdbx_validate_torsion.phi             -84.54 
_pdbx_validate_torsion.psi             39.02 
# 
loop_
_chem_comp_atom.comp_id 
_chem_comp_atom.atom_id 
_chem_comp_atom.type_symbol 
_chem_comp_atom.pdbx_aromatic_flag 
_chem_comp_atom.pdbx_stereo_config 
_chem_comp_atom.pdbx_ordinal 
8NJ C4   C Y N 1   
8NJ C5   C Y N 2   
8NJ C6   C Y N 3   
8NJ C7   C Y N 4   
8NJ C8   C Y N 5   
8NJ C10  C Y N 6   
8NJ C13  C Y N 7   
8NJ C15  C Y N 8   
8NJ C17  C N N 9   
8NJ C20  C N N 10  
8NJ C1   C Y N 11  
8NJ C2   C Y N 12  
8NJ C3   C Y N 13  
8NJ C9   C Y N 14  
8NJ C11  C Y N 15  
8NJ C12  C Y N 16  
8NJ C14  C Y N 17  
8NJ C16  C Y N 18  
8NJ C18  C N N 19  
8NJ C19  C N N 20  
8NJ N21  N Y N 21  
8NJ N22  N N N 22  
8NJ O23  O N N 23  
8NJ O24  O N N 24  
8NJ H1   H N N 25  
8NJ H2   H N N 26  
8NJ H3   H N N 27  
8NJ H4   H N N 28  
8NJ H5   H N N 29  
8NJ H6   H N N 30  
8NJ H7   H N N 31  
8NJ H8   H N N 32  
8NJ H9   H N N 33  
8NJ H10  H N N 34  
8NJ H11  H N N 35  
8NJ H12  H N N 36  
8NJ H13  H N N 37  
8NJ H14  H N N 38  
8NJ H15  H N N 39  
8NJ H16  H N N 40  
ALA N    N N N 41  
ALA CA   C N S 42  
ALA C    C N N 43  
ALA O    O N N 44  
ALA CB   C N N 45  
ALA OXT  O N N 46  
ALA H    H N N 47  
ALA H2   H N N 48  
ALA HA   H N N 49  
ALA HB1  H N N 50  
ALA HB2  H N N 51  
ALA HB3  H N N 52  
ALA HXT  H N N 53  
ARG N    N N N 54  
ARG CA   C N S 55  
ARG C    C N N 56  
ARG O    O N N 57  
ARG CB   C N N 58  
ARG CG   C N N 59  
ARG CD   C N N 60  
ARG NE   N N N 61  
ARG CZ   C N N 62  
ARG NH1  N N N 63  
ARG NH2  N N N 64  
ARG OXT  O N N 65  
ARG H    H N N 66  
ARG H2   H N N 67  
ARG HA   H N N 68  
ARG HB2  H N N 69  
ARG HB3  H N N 70  
ARG HG2  H N N 71  
ARG HG3  H N N 72  
ARG HD2  H N N 73  
ARG HD3  H N N 74  
ARG HE   H N N 75  
ARG HH11 H N N 76  
ARG HH12 H N N 77  
ARG HH21 H N N 78  
ARG HH22 H N N 79  
ARG HXT  H N N 80  
ASN N    N N N 81  
ASN CA   C N S 82  
ASN C    C N N 83  
ASN O    O N N 84  
ASN CB   C N N 85  
ASN CG   C N N 86  
ASN OD1  O N N 87  
ASN ND2  N N N 88  
ASN OXT  O N N 89  
ASN H    H N N 90  
ASN H2   H N N 91  
ASN HA   H N N 92  
ASN HB2  H N N 93  
ASN HB3  H N N 94  
ASN HD21 H N N 95  
ASN HD22 H N N 96  
ASN HXT  H N N 97  
ASP N    N N N 98  
ASP CA   C N S 99  
ASP C    C N N 100 
ASP O    O N N 101 
ASP CB   C N N 102 
ASP CG   C N N 103 
ASP OD1  O N N 104 
ASP OD2  O N N 105 
ASP OXT  O N N 106 
ASP H    H N N 107 
ASP H2   H N N 108 
ASP HA   H N N 109 
ASP HB2  H N N 110 
ASP HB3  H N N 111 
ASP HD2  H N N 112 
ASP HXT  H N N 113 
CYS N    N N N 114 
CYS CA   C N R 115 
CYS C    C N N 116 
CYS O    O N N 117 
CYS CB   C N N 118 
CYS SG   S N N 119 
CYS OXT  O N N 120 
CYS H    H N N 121 
CYS H2   H N N 122 
CYS HA   H N N 123 
CYS HB2  H N N 124 
CYS HB3  H N N 125 
CYS HG   H N N 126 
CYS HXT  H N N 127 
GLN N    N N N 128 
GLN CA   C N S 129 
GLN C    C N N 130 
GLN O    O N N 131 
GLN CB   C N N 132 
GLN CG   C N N 133 
GLN CD   C N N 134 
GLN OE1  O N N 135 
GLN NE2  N N N 136 
GLN OXT  O N N 137 
GLN H    H N N 138 
GLN H2   H N N 139 
GLN HA   H N N 140 
GLN HB2  H N N 141 
GLN HB3  H N N 142 
GLN HG2  H N N 143 
GLN HG3  H N N 144 
GLN HE21 H N N 145 
GLN HE22 H N N 146 
GLN HXT  H N N 147 
GLU N    N N N 148 
GLU CA   C N S 149 
GLU C    C N N 150 
GLU O    O N N 151 
GLU CB   C N N 152 
GLU CG   C N N 153 
GLU CD   C N N 154 
GLU OE1  O N N 155 
GLU OE2  O N N 156 
GLU OXT  O N N 157 
GLU H    H N N 158 
GLU H2   H N N 159 
GLU HA   H N N 160 
GLU HB2  H N N 161 
GLU HB3  H N N 162 
GLU HG2  H N N 163 
GLU HG3  H N N 164 
GLU HE2  H N N 165 
GLU HXT  H N N 166 
GLY N    N N N 167 
GLY CA   C N N 168 
GLY C    C N N 169 
GLY O    O N N 170 
GLY OXT  O N N 171 
GLY H    H N N 172 
GLY H2   H N N 173 
GLY HA2  H N N 174 
GLY HA3  H N N 175 
GLY HXT  H N N 176 
HIS N    N N N 177 
HIS CA   C N S 178 
HIS C    C N N 179 
HIS O    O N N 180 
HIS CB   C N N 181 
HIS CG   C Y N 182 
HIS ND1  N Y N 183 
HIS CD2  C Y N 184 
HIS CE1  C Y N 185 
HIS NE2  N Y N 186 
HIS OXT  O N N 187 
HIS H    H N N 188 
HIS H2   H N N 189 
HIS HA   H N N 190 
HIS HB2  H N N 191 
HIS HB3  H N N 192 
HIS HD1  H N N 193 
HIS HD2  H N N 194 
HIS HE1  H N N 195 
HIS HE2  H N N 196 
HIS HXT  H N N 197 
HOH O    O N N 198 
HOH H1   H N N 199 
HOH H2   H N N 200 
ILE N    N N N 201 
ILE CA   C N S 202 
ILE C    C N N 203 
ILE O    O N N 204 
ILE CB   C N S 205 
ILE CG1  C N N 206 
ILE CG2  C N N 207 
ILE CD1  C N N 208 
ILE OXT  O N N 209 
ILE H    H N N 210 
ILE H2   H N N 211 
ILE HA   H N N 212 
ILE HB   H N N 213 
ILE HG12 H N N 214 
ILE HG13 H N N 215 
ILE HG21 H N N 216 
ILE HG22 H N N 217 
ILE HG23 H N N 218 
ILE HD11 H N N 219 
ILE HD12 H N N 220 
ILE HD13 H N N 221 
ILE HXT  H N N 222 
LEU N    N N N 223 
LEU CA   C N S 224 
LEU C    C N N 225 
LEU O    O N N 226 
LEU CB   C N N 227 
LEU CG   C N N 228 
LEU CD1  C N N 229 
LEU CD2  C N N 230 
LEU OXT  O N N 231 
LEU H    H N N 232 
LEU H2   H N N 233 
LEU HA   H N N 234 
LEU HB2  H N N 235 
LEU HB3  H N N 236 
LEU HG   H N N 237 
LEU HD11 H N N 238 
LEU HD12 H N N 239 
LEU HD13 H N N 240 
LEU HD21 H N N 241 
LEU HD22 H N N 242 
LEU HD23 H N N 243 
LEU HXT  H N N 244 
LYS N    N N N 245 
LYS CA   C N S 246 
LYS C    C N N 247 
LYS O    O N N 248 
LYS CB   C N N 249 
LYS CG   C N N 250 
LYS CD   C N N 251 
LYS CE   C N N 252 
LYS NZ   N N N 253 
LYS OXT  O N N 254 
LYS H    H N N 255 
LYS H2   H N N 256 
LYS HA   H N N 257 
LYS HB2  H N N 258 
LYS HB3  H N N 259 
LYS HG2  H N N 260 
LYS HG3  H N N 261 
LYS HD2  H N N 262 
LYS HD3  H N N 263 
LYS HE2  H N N 264 
LYS HE3  H N N 265 
LYS HZ1  H N N 266 
LYS HZ2  H N N 267 
LYS HZ3  H N N 268 
LYS HXT  H N N 269 
MET N    N N N 270 
MET CA   C N S 271 
MET C    C N N 272 
MET O    O N N 273 
MET CB   C N N 274 
MET CG   C N N 275 
MET SD   S N N 276 
MET CE   C N N 277 
MET OXT  O N N 278 
MET H    H N N 279 
MET H2   H N N 280 
MET HA   H N N 281 
MET HB2  H N N 282 
MET HB3  H N N 283 
MET HG2  H N N 284 
MET HG3  H N N 285 
MET HE1  H N N 286 
MET HE2  H N N 287 
MET HE3  H N N 288 
MET HXT  H N N 289 
PHE N    N N N 290 
PHE CA   C N S 291 
PHE C    C N N 292 
PHE O    O N N 293 
PHE CB   C N N 294 
PHE CG   C Y N 295 
PHE CD1  C Y N 296 
PHE CD2  C Y N 297 
PHE CE1  C Y N 298 
PHE CE2  C Y N 299 
PHE CZ   C Y N 300 
PHE OXT  O N N 301 
PHE H    H N N 302 
PHE H2   H N N 303 
PHE HA   H N N 304 
PHE HB2  H N N 305 
PHE HB3  H N N 306 
PHE HD1  H N N 307 
PHE HD2  H N N 308 
PHE HE1  H N N 309 
PHE HE2  H N N 310 
PHE HZ   H N N 311 
PHE HXT  H N N 312 
PRO N    N N N 313 
PRO CA   C N S 314 
PRO C    C N N 315 
PRO O    O N N 316 
PRO CB   C N N 317 
PRO CG   C N N 318 
PRO CD   C N N 319 
PRO OXT  O N N 320 
PRO H    H N N 321 
PRO HA   H N N 322 
PRO HB2  H N N 323 
PRO HB3  H N N 324 
PRO HG2  H N N 325 
PRO HG3  H N N 326 
PRO HD2  H N N 327 
PRO HD3  H N N 328 
PRO HXT  H N N 329 
SER N    N N N 330 
SER CA   C N S 331 
SER C    C N N 332 
SER O    O N N 333 
SER CB   C N N 334 
SER OG   O N N 335 
SER OXT  O N N 336 
SER H    H N N 337 
SER H2   H N N 338 
SER HA   H N N 339 
SER HB2  H N N 340 
SER HB3  H N N 341 
SER HG   H N N 342 
SER HXT  H N N 343 
THR N    N N N 344 
THR CA   C N S 345 
THR C    C N N 346 
THR O    O N N 347 
THR CB   C N R 348 
THR OG1  O N N 349 
THR CG2  C N N 350 
THR OXT  O N N 351 
THR H    H N N 352 
THR H2   H N N 353 
THR HA   H N N 354 
THR HB   H N N 355 
THR HG1  H N N 356 
THR HG21 H N N 357 
THR HG22 H N N 358 
THR HG23 H N N 359 
THR HXT  H N N 360 
TRP N    N N N 361 
TRP CA   C N S 362 
TRP C    C N N 363 
TRP O    O N N 364 
TRP CB   C N N 365 
TRP CG   C Y N 366 
TRP CD1  C Y N 367 
TRP CD2  C Y N 368 
TRP NE1  N Y N 369 
TRP CE2  C Y N 370 
TRP CE3  C Y N 371 
TRP CZ2  C Y N 372 
TRP CZ3  C Y N 373 
TRP CH2  C Y N 374 
TRP OXT  O N N 375 
TRP H    H N N 376 
TRP H2   H N N 377 
TRP HA   H N N 378 
TRP HB2  H N N 379 
TRP HB3  H N N 380 
TRP HD1  H N N 381 
TRP HE1  H N N 382 
TRP HE3  H N N 383 
TRP HZ2  H N N 384 
TRP HZ3  H N N 385 
TRP HH2  H N N 386 
TRP HXT  H N N 387 
TYR N    N N N 388 
TYR CA   C N S 389 
TYR C    C N N 390 
TYR O    O N N 391 
TYR CB   C N N 392 
TYR CG   C Y N 393 
TYR CD1  C Y N 394 
TYR CD2  C Y N 395 
TYR CE1  C Y N 396 
TYR CE2  C Y N 397 
TYR CZ   C Y N 398 
TYR OH   O N N 399 
TYR OXT  O N N 400 
TYR H    H N N 401 
TYR H2   H N N 402 
TYR HA   H N N 403 
TYR HB2  H N N 404 
TYR HB3  H N N 405 
TYR HD1  H N N 406 
TYR HD2  H N N 407 
TYR HE1  H N N 408 
TYR HE2  H N N 409 
TYR HH   H N N 410 
TYR HXT  H N N 411 
VAL N    N N N 412 
VAL CA   C N S 413 
VAL C    C N N 414 
VAL O    O N N 415 
VAL CB   C N N 416 
VAL CG1  C N N 417 
VAL CG2  C N N 418 
VAL OXT  O N N 419 
VAL H    H N N 420 
VAL H2   H N N 421 
VAL HA   H N N 422 
VAL HB   H N N 423 
VAL HG11 H N N 424 
VAL HG12 H N N 425 
VAL HG13 H N N 426 
VAL HG21 H N N 427 
VAL HG22 H N N 428 
VAL HG23 H N N 429 
VAL HXT  H N N 430 
# 
loop_
_chem_comp_bond.comp_id 
_chem_comp_bond.atom_id_1 
_chem_comp_bond.atom_id_2 
_chem_comp_bond.value_order 
_chem_comp_bond.pdbx_aromatic_flag 
_chem_comp_bond.pdbx_stereo_config 
_chem_comp_bond.pdbx_ordinal 
8NJ C20 N22  sing N N 1   
8NJ O23 C19  doub N N 2   
8NJ N22 C19  sing N N 3   
8NJ N22 C17  sing N N 4   
8NJ C19 C16  sing N N 5   
8NJ C17 C18  doub N N 6   
8NJ C16 N21  sing Y N 7   
8NJ C16 C13  doub Y N 8   
8NJ N21 C11  sing Y N 9   
8NJ C6  C2   doub Y N 10  
8NJ C6  C12  sing Y N 11  
8NJ C18 C13  sing N N 12  
8NJ C18 C12  sing N N 13  
8NJ C13 C10  sing Y N 14  
8NJ C2  C5   sing Y N 15  
8NJ C12 C15  doub Y N 16  
8NJ C11 C10  doub Y N 17  
8NJ C5  C9   doub Y N 18  
8NJ C15 C9   sing Y N 19  
8NJ C15 O24  sing N N 20  
8NJ O24 C14  sing N N 21  
8NJ C14 C8   doub Y N 22  
8NJ C14 C7   sing Y N 23  
8NJ C8  C4   sing Y N 24  
8NJ C7  C3   doub Y N 25  
8NJ C4  C1   doub Y N 26  
8NJ C3  C1   sing Y N 27  
8NJ C4  H1   sing N N 28  
8NJ C5  H2   sing N N 29  
8NJ C6  H3   sing N N 30  
8NJ C7  H4   sing N N 31  
8NJ C8  H5   sing N N 32  
8NJ C10 H6   sing N N 33  
8NJ C17 H7   sing N N 34  
8NJ C20 H8   sing N N 35  
8NJ C20 H9   sing N N 36  
8NJ C20 H10  sing N N 37  
8NJ C1  H11  sing N N 38  
8NJ C2  H12  sing N N 39  
8NJ C3  H13  sing N N 40  
8NJ C9  H14  sing N N 41  
8NJ C11 H15  sing N N 42  
8NJ N21 H16  sing N N 43  
ALA N   CA   sing N N 44  
ALA N   H    sing N N 45  
ALA N   H2   sing N N 46  
ALA CA  C    sing N N 47  
ALA CA  CB   sing N N 48  
ALA CA  HA   sing N N 49  
ALA C   O    doub N N 50  
ALA C   OXT  sing N N 51  
ALA CB  HB1  sing N N 52  
ALA CB  HB2  sing N N 53  
ALA CB  HB3  sing N N 54  
ALA OXT HXT  sing N N 55  
ARG N   CA   sing N N 56  
ARG N   H    sing N N 57  
ARG N   H2   sing N N 58  
ARG CA  C    sing N N 59  
ARG CA  CB   sing N N 60  
ARG CA  HA   sing N N 61  
ARG C   O    doub N N 62  
ARG C   OXT  sing N N 63  
ARG CB  CG   sing N N 64  
ARG CB  HB2  sing N N 65  
ARG CB  HB3  sing N N 66  
ARG CG  CD   sing N N 67  
ARG CG  HG2  sing N N 68  
ARG CG  HG3  sing N N 69  
ARG CD  NE   sing N N 70  
ARG CD  HD2  sing N N 71  
ARG CD  HD3  sing N N 72  
ARG NE  CZ   sing N N 73  
ARG NE  HE   sing N N 74  
ARG CZ  NH1  sing N N 75  
ARG CZ  NH2  doub N N 76  
ARG NH1 HH11 sing N N 77  
ARG NH1 HH12 sing N N 78  
ARG NH2 HH21 sing N N 79  
ARG NH2 HH22 sing N N 80  
ARG OXT HXT  sing N N 81  
ASN N   CA   sing N N 82  
ASN N   H    sing N N 83  
ASN N   H2   sing N N 84  
ASN CA  C    sing N N 85  
ASN CA  CB   sing N N 86  
ASN CA  HA   sing N N 87  
ASN C   O    doub N N 88  
ASN C   OXT  sing N N 89  
ASN CB  CG   sing N N 90  
ASN CB  HB2  sing N N 91  
ASN CB  HB3  sing N N 92  
ASN CG  OD1  doub N N 93  
ASN CG  ND2  sing N N 94  
ASN ND2 HD21 sing N N 95  
ASN ND2 HD22 sing N N 96  
ASN OXT HXT  sing N N 97  
ASP N   CA   sing N N 98  
ASP N   H    sing N N 99  
ASP N   H2   sing N N 100 
ASP CA  C    sing N N 101 
ASP CA  CB   sing N N 102 
ASP CA  HA   sing N N 103 
ASP C   O    doub N N 104 
ASP C   OXT  sing N N 105 
ASP CB  CG   sing N N 106 
ASP CB  HB2  sing N N 107 
ASP CB  HB3  sing N N 108 
ASP CG  OD1  doub N N 109 
ASP CG  OD2  sing N N 110 
ASP OD2 HD2  sing N N 111 
ASP OXT HXT  sing N N 112 
CYS N   CA   sing N N 113 
CYS N   H    sing N N 114 
CYS N   H2   sing N N 115 
CYS CA  C    sing N N 116 
CYS CA  CB   sing N N 117 
CYS CA  HA   sing N N 118 
CYS C   O    doub N N 119 
CYS C   OXT  sing N N 120 
CYS CB  SG   sing N N 121 
CYS CB  HB2  sing N N 122 
CYS CB  HB3  sing N N 123 
CYS SG  HG   sing N N 124 
CYS OXT HXT  sing N N 125 
GLN N   CA   sing N N 126 
GLN N   H    sing N N 127 
GLN N   H2   sing N N 128 
GLN CA  C    sing N N 129 
GLN CA  CB   sing N N 130 
GLN CA  HA   sing N N 131 
GLN C   O    doub N N 132 
GLN C   OXT  sing N N 133 
GLN CB  CG   sing N N 134 
GLN CB  HB2  sing N N 135 
GLN CB  HB3  sing N N 136 
GLN CG  CD   sing N N 137 
GLN CG  HG2  sing N N 138 
GLN CG  HG3  sing N N 139 
GLN CD  OE1  doub N N 140 
GLN CD  NE2  sing N N 141 
GLN NE2 HE21 sing N N 142 
GLN NE2 HE22 sing N N 143 
GLN OXT HXT  sing N N 144 
GLU N   CA   sing N N 145 
GLU N   H    sing N N 146 
GLU N   H2   sing N N 147 
GLU CA  C    sing N N 148 
GLU CA  CB   sing N N 149 
GLU CA  HA   sing N N 150 
GLU C   O    doub N N 151 
GLU C   OXT  sing N N 152 
GLU CB  CG   sing N N 153 
GLU CB  HB2  sing N N 154 
GLU CB  HB3  sing N N 155 
GLU CG  CD   sing N N 156 
GLU CG  HG2  sing N N 157 
GLU CG  HG3  sing N N 158 
GLU CD  OE1  doub N N 159 
GLU CD  OE2  sing N N 160 
GLU OE2 HE2  sing N N 161 
GLU OXT HXT  sing N N 162 
GLY N   CA   sing N N 163 
GLY N   H    sing N N 164 
GLY N   H2   sing N N 165 
GLY CA  C    sing N N 166 
GLY CA  HA2  sing N N 167 
GLY CA  HA3  sing N N 168 
GLY C   O    doub N N 169 
GLY C   OXT  sing N N 170 
GLY OXT HXT  sing N N 171 
HIS N   CA   sing N N 172 
HIS N   H    sing N N 173 
HIS N   H2   sing N N 174 
HIS CA  C    sing N N 175 
HIS CA  CB   sing N N 176 
HIS CA  HA   sing N N 177 
HIS C   O    doub N N 178 
HIS C   OXT  sing N N 179 
HIS CB  CG   sing N N 180 
HIS CB  HB2  sing N N 181 
HIS CB  HB3  sing N N 182 
HIS CG  ND1  sing Y N 183 
HIS CG  CD2  doub Y N 184 
HIS ND1 CE1  doub Y N 185 
HIS ND1 HD1  sing N N 186 
HIS CD2 NE2  sing Y N 187 
HIS CD2 HD2  sing N N 188 
HIS CE1 NE2  sing Y N 189 
HIS CE1 HE1  sing N N 190 
HIS NE2 HE2  sing N N 191 
HIS OXT HXT  sing N N 192 
HOH O   H1   sing N N 193 
HOH O   H2   sing N N 194 
ILE N   CA   sing N N 195 
ILE N   H    sing N N 196 
ILE N   H2   sing N N 197 
ILE CA  C    sing N N 198 
ILE CA  CB   sing N N 199 
ILE CA  HA   sing N N 200 
ILE C   O    doub N N 201 
ILE C   OXT  sing N N 202 
ILE CB  CG1  sing N N 203 
ILE CB  CG2  sing N N 204 
ILE CB  HB   sing N N 205 
ILE CG1 CD1  sing N N 206 
ILE CG1 HG12 sing N N 207 
ILE CG1 HG13 sing N N 208 
ILE CG2 HG21 sing N N 209 
ILE CG2 HG22 sing N N 210 
ILE CG2 HG23 sing N N 211 
ILE CD1 HD11 sing N N 212 
ILE CD1 HD12 sing N N 213 
ILE CD1 HD13 sing N N 214 
ILE OXT HXT  sing N N 215 
LEU N   CA   sing N N 216 
LEU N   H    sing N N 217 
LEU N   H2   sing N N 218 
LEU CA  C    sing N N 219 
LEU CA  CB   sing N N 220 
LEU CA  HA   sing N N 221 
LEU C   O    doub N N 222 
LEU C   OXT  sing N N 223 
LEU CB  CG   sing N N 224 
LEU CB  HB2  sing N N 225 
LEU CB  HB3  sing N N 226 
LEU CG  CD1  sing N N 227 
LEU CG  CD2  sing N N 228 
LEU CG  HG   sing N N 229 
LEU CD1 HD11 sing N N 230 
LEU CD1 HD12 sing N N 231 
LEU CD1 HD13 sing N N 232 
LEU CD2 HD21 sing N N 233 
LEU CD2 HD22 sing N N 234 
LEU CD2 HD23 sing N N 235 
LEU OXT HXT  sing N N 236 
LYS N   CA   sing N N 237 
LYS N   H    sing N N 238 
LYS N   H2   sing N N 239 
LYS CA  C    sing N N 240 
LYS CA  CB   sing N N 241 
LYS CA  HA   sing N N 242 
LYS C   O    doub N N 243 
LYS C   OXT  sing N N 244 
LYS CB  CG   sing N N 245 
LYS CB  HB2  sing N N 246 
LYS CB  HB3  sing N N 247 
LYS CG  CD   sing N N 248 
LYS CG  HG2  sing N N 249 
LYS CG  HG3  sing N N 250 
LYS CD  CE   sing N N 251 
LYS CD  HD2  sing N N 252 
LYS CD  HD3  sing N N 253 
LYS CE  NZ   sing N N 254 
LYS CE  HE2  sing N N 255 
LYS CE  HE3  sing N N 256 
LYS NZ  HZ1  sing N N 257 
LYS NZ  HZ2  sing N N 258 
LYS NZ  HZ3  sing N N 259 
LYS OXT HXT  sing N N 260 
MET N   CA   sing N N 261 
MET N   H    sing N N 262 
MET N   H2   sing N N 263 
MET CA  C    sing N N 264 
MET CA  CB   sing N N 265 
MET CA  HA   sing N N 266 
MET C   O    doub N N 267 
MET C   OXT  sing N N 268 
MET CB  CG   sing N N 269 
MET CB  HB2  sing N N 270 
MET CB  HB3  sing N N 271 
MET CG  SD   sing N N 272 
MET CG  HG2  sing N N 273 
MET CG  HG3  sing N N 274 
MET SD  CE   sing N N 275 
MET CE  HE1  sing N N 276 
MET CE  HE2  sing N N 277 
MET CE  HE3  sing N N 278 
MET OXT HXT  sing N N 279 
PHE N   CA   sing N N 280 
PHE N   H    sing N N 281 
PHE N   H2   sing N N 282 
PHE CA  C    sing N N 283 
PHE CA  CB   sing N N 284 
PHE CA  HA   sing N N 285 
PHE C   O    doub N N 286 
PHE C   OXT  sing N N 287 
PHE CB  CG   sing N N 288 
PHE CB  HB2  sing N N 289 
PHE CB  HB3  sing N N 290 
PHE CG  CD1  doub Y N 291 
PHE CG  CD2  sing Y N 292 
PHE CD1 CE1  sing Y N 293 
PHE CD1 HD1  sing N N 294 
PHE CD2 CE2  doub Y N 295 
PHE CD2 HD2  sing N N 296 
PHE CE1 CZ   doub Y N 297 
PHE CE1 HE1  sing N N 298 
PHE CE2 CZ   sing Y N 299 
PHE CE2 HE2  sing N N 300 
PHE CZ  HZ   sing N N 301 
PHE OXT HXT  sing N N 302 
PRO N   CA   sing N N 303 
PRO N   CD   sing N N 304 
PRO N   H    sing N N 305 
PRO CA  C    sing N N 306 
PRO CA  CB   sing N N 307 
PRO CA  HA   sing N N 308 
PRO C   O    doub N N 309 
PRO C   OXT  sing N N 310 
PRO CB  CG   sing N N 311 
PRO CB  HB2  sing N N 312 
PRO CB  HB3  sing N N 313 
PRO CG  CD   sing N N 314 
PRO CG  HG2  sing N N 315 
PRO CG  HG3  sing N N 316 
PRO CD  HD2  sing N N 317 
PRO CD  HD3  sing N N 318 
PRO OXT HXT  sing N N 319 
SER N   CA   sing N N 320 
SER N   H    sing N N 321 
SER N   H2   sing N N 322 
SER CA  C    sing N N 323 
SER CA  CB   sing N N 324 
SER CA  HA   sing N N 325 
SER C   O    doub N N 326 
SER C   OXT  sing N N 327 
SER CB  OG   sing N N 328 
SER CB  HB2  sing N N 329 
SER CB  HB3  sing N N 330 
SER OG  HG   sing N N 331 
SER OXT HXT  sing N N 332 
THR N   CA   sing N N 333 
THR N   H    sing N N 334 
THR N   H2   sing N N 335 
THR CA  C    sing N N 336 
THR CA  CB   sing N N 337 
THR CA  HA   sing N N 338 
THR C   O    doub N N 339 
THR C   OXT  sing N N 340 
THR CB  OG1  sing N N 341 
THR CB  CG2  sing N N 342 
THR CB  HB   sing N N 343 
THR OG1 HG1  sing N N 344 
THR CG2 HG21 sing N N 345 
THR CG2 HG22 sing N N 346 
THR CG2 HG23 sing N N 347 
THR OXT HXT  sing N N 348 
TRP N   CA   sing N N 349 
TRP N   H    sing N N 350 
TRP N   H2   sing N N 351 
TRP CA  C    sing N N 352 
TRP CA  CB   sing N N 353 
TRP CA  HA   sing N N 354 
TRP C   O    doub N N 355 
TRP C   OXT  sing N N 356 
TRP CB  CG   sing N N 357 
TRP CB  HB2  sing N N 358 
TRP CB  HB3  sing N N 359 
TRP CG  CD1  doub Y N 360 
TRP CG  CD2  sing Y N 361 
TRP CD1 NE1  sing Y N 362 
TRP CD1 HD1  sing N N 363 
TRP CD2 CE2  doub Y N 364 
TRP CD2 CE3  sing Y N 365 
TRP NE1 CE2  sing Y N 366 
TRP NE1 HE1  sing N N 367 
TRP CE2 CZ2  sing Y N 368 
TRP CE3 CZ3  doub Y N 369 
TRP CE3 HE3  sing N N 370 
TRP CZ2 CH2  doub Y N 371 
TRP CZ2 HZ2  sing N N 372 
TRP CZ3 CH2  sing Y N 373 
TRP CZ3 HZ3  sing N N 374 
TRP CH2 HH2  sing N N 375 
TRP OXT HXT  sing N N 376 
TYR N   CA   sing N N 377 
TYR N   H    sing N N 378 
TYR N   H2   sing N N 379 
TYR CA  C    sing N N 380 
TYR CA  CB   sing N N 381 
TYR CA  HA   sing N N 382 
TYR C   O    doub N N 383 
TYR C   OXT  sing N N 384 
TYR CB  CG   sing N N 385 
TYR CB  HB2  sing N N 386 
TYR CB  HB3  sing N N 387 
TYR CG  CD1  doub Y N 388 
TYR CG  CD2  sing Y N 389 
TYR CD1 CE1  sing Y N 390 
TYR CD1 HD1  sing N N 391 
TYR CD2 CE2  doub Y N 392 
TYR CD2 HD2  sing N N 393 
TYR CE1 CZ   doub Y N 394 
TYR CE1 HE1  sing N N 395 
TYR CE2 CZ   sing Y N 396 
TYR CE2 HE2  sing N N 397 
TYR CZ  OH   sing N N 398 
TYR OH  HH   sing N N 399 
TYR OXT HXT  sing N N 400 
VAL N   CA   sing N N 401 
VAL N   H    sing N N 402 
VAL N   H2   sing N N 403 
VAL CA  C    sing N N 404 
VAL CA  CB   sing N N 405 
VAL CA  HA   sing N N 406 
VAL C   O    doub N N 407 
VAL C   OXT  sing N N 408 
VAL CB  CG1  sing N N 409 
VAL CB  CG2  sing N N 410 
VAL CB  HB   sing N N 411 
VAL CG1 HG11 sing N N 412 
VAL CG1 HG12 sing N N 413 
VAL CG1 HG13 sing N N 414 
VAL CG2 HG21 sing N N 415 
VAL CG2 HG22 sing N N 416 
VAL CG2 HG23 sing N N 417 
VAL OXT HXT  sing N N 418 
# 
_atom_sites.entry_id                    5UVY 
_atom_sites.fract_transf_matrix[1][1]   -0.01394311 
_atom_sites.fract_transf_matrix[1][2]   -0.01007647 
_atom_sites.fract_transf_matrix[1][3]   -0.00041207 
_atom_sites.fract_transf_matrix[2][1]   0.00292453 
_atom_sites.fract_transf_matrix[2][2]   -0.00351880 
_atom_sites.fract_transf_matrix[2][3]   -0.01291019 
_atom_sites.fract_transf_matrix[3][1]   0.01629261 
_atom_sites.fract_transf_matrix[3][2]   -0.02295132 
_atom_sites.fract_transf_matrix[3][3]   0.00994635 
_atom_sites.fract_transf_vector[1]      0.315809 
_atom_sites.fract_transf_vector[2]      0.027437 
_atom_sites.fract_transf_vector[3]      0.337472 
# 
loop_
_atom_type.symbol 
C 
N 
O 
S 
# 
loop_
_atom_site.group_PDB 
_atom_site.id 
_atom_site.type_symbol 
_atom_site.label_atom_id 
_atom_site.label_alt_id 
_atom_site.label_comp_id 
_atom_site.label_asym_id 
_atom_site.label_entity_id 
_atom_site.label_seq_id 
_atom_site.pdbx_PDB_ins_code 
_atom_site.Cartn_x 
_atom_site.Cartn_y 
_atom_site.Cartn_z 
_atom_site.occupancy 
_atom_site.B_iso_or_equiv 
_atom_site.pdbx_formal_charge 
_atom_site.auth_seq_id 
_atom_site.auth_comp_id 
_atom_site.auth_asym_id 
_atom_site.auth_atom_id 
_atom_site.pdbx_PDB_model_num 
ATOM   1    N N   . SER A 1 1   ? -15.710 11.660  13.124  1.00 73.39  ? 349 SER A N   1 
ATOM   2    C CA  . SER A 1 1   ? -14.993 12.831  12.627  1.00 73.11  ? 349 SER A CA  1 
ATOM   3    C C   . SER A 1 1   ? -14.010 12.442  11.520  1.00 76.71  ? 349 SER A C   1 
ATOM   4    O O   . SER A 1 1   ? -13.270 11.468  11.676  1.00 76.40  ? 349 SER A O   1 
ATOM   5    C CB  . SER A 1 1   ? -14.259 13.532  13.768  1.00 76.61  ? 349 SER A CB  1 
ATOM   6    O OG  . SER A 1 1   ? -13.510 14.649  13.315  1.00 85.21  ? 349 SER A OG  1 
ATOM   7    N N   . HIS A 1 2   ? -13.998 13.212  10.412  1.00 72.42  ? 350 HIS A N   1 
ATOM   8    C CA  . HIS A 1 2   ? -13.106 12.984  9.272   1.00 71.68  ? 350 HIS A CA  1 
ATOM   9    C C   . HIS A 1 2   ? -11.650 13.359  9.564   1.00 73.71  ? 350 HIS A C   1 
ATOM   10   O O   . HIS A 1 2   ? -10.747 12.740  9.000   1.00 72.48  ? 350 HIS A O   1 
ATOM   11   C CB  . HIS A 1 2   ? -13.622 13.688  8.005   1.00 72.51  ? 350 HIS A CB  1 
ATOM   12   C CG  . HIS A 1 2   ? -14.651 12.911  7.233   1.00 75.93  ? 350 HIS A CG  1 
ATOM   13   N ND1 . HIS A 1 2   ? -15.157 13.385  6.035   1.00 77.67  ? 350 HIS A ND1 1 
ATOM   14   C CD2 . HIS A 1 2   ? -15.232 11.716  7.506   1.00 77.73  ? 350 HIS A CD2 1 
ATOM   15   C CE1 . HIS A 1 2   ? -16.024 12.474  5.623   1.00 77.16  ? 350 HIS A CE1 1 
ATOM   16   N NE2 . HIS A 1 2   ? -16.102 11.451  6.476   1.00 77.50  ? 350 HIS A NE2 1 
ATOM   17   N N   . MET A 1 3   ? -11.419 14.357  10.448  1.00 69.69  ? 351 MET A N   1 
ATOM   18   C CA  . MET A 1 3   ? -10.070 14.787  10.828  1.00 69.22  ? 351 MET A CA  1 
ATOM   19   C C   . MET A 1 3   ? -9.392  13.748  11.726  1.00 70.42  ? 351 MET A C   1 
ATOM   20   O O   . MET A 1 3   ? -8.207  13.469  11.537  1.00 69.82  ? 351 MET A O   1 
ATOM   21   C CB  . MET A 1 3   ? -10.084 16.167  11.496  1.00 71.96  ? 351 MET A CB  1 
ATOM   22   C CG  . MET A 1 3   ? -8.745  16.864  11.426  1.00 76.16  ? 351 MET A CG  1 
ATOM   23   S SD  . MET A 1 3   ? -8.660  18.346  12.449  1.00 80.93  ? 351 MET A SD  1 
ATOM   24   C CE  . MET A 1 3   ? -6.960  18.822  12.171  1.00 77.56  ? 351 MET A CE  1 
ATOM   25   N N   . GLU A 1 4   ? -10.146 13.178  12.693  1.00 65.16  ? 352 GLU A N   1 
ATOM   26   C CA  . GLU A 1 4   ? -9.672  12.129  13.602  1.00 64.04  ? 352 GLU A CA  1 
ATOM   27   C C   . GLU A 1 4   ? -9.371  10.858  12.799  1.00 64.33  ? 352 GLU A C   1 
ATOM   28   O O   . GLU A 1 4   ? -8.362  10.196  13.059  1.00 63.68  ? 352 GLU A O   1 
ATOM   29   C CB  . GLU A 1 4   ? -10.710 11.839  14.702  1.00 65.64  ? 352 GLU A CB  1 
ATOM   30   C CG  . GLU A 1 4   ? -10.669 12.822  15.859  1.00 78.98  ? 352 GLU A CG  1 
ATOM   31   C CD  . GLU A 1 4   ? -11.433 12.384  17.096  1.00 105.38 ? 352 GLU A CD  1 
ATOM   32   O OE1 . GLU A 1 4   ? -12.683 12.445  17.077  1.00 102.96 ? 352 GLU A OE1 1 
ATOM   33   O OE2 . GLU A 1 4   ? -10.778 12.001  18.092  1.00 99.50  ? 352 GLU A OE2 1 
ATOM   34   N N   . GLN A 1 5   ? -10.236 10.555  11.797  1.00 58.04  ? 353 GLN A N   1 
ATOM   35   C CA  . GLN A 1 5   ? -10.126 9.427   10.869  1.00 56.40  ? 353 GLN A CA  1 
ATOM   36   C C   . GLN A 1 5   ? -8.798  9.471   10.116  1.00 57.14  ? 353 GLN A C   1 
ATOM   37   O O   . GLN A 1 5   ? -8.089  8.466   10.077  1.00 56.66  ? 353 GLN A O   1 
ATOM   38   C CB  . GLN A 1 5   ? -11.281 9.450   9.853   1.00 57.68  ? 353 GLN A CB  1 
ATOM   39   C CG  . GLN A 1 5   ? -12.474 8.583   10.226  1.00 76.77  ? 353 GLN A CG  1 
ATOM   40   C CD  . GLN A 1 5   ? -13.630 8.797   9.279   1.00 98.82  ? 353 GLN A CD  1 
ATOM   41   O OE1 . GLN A 1 5   ? -13.543 8.528   8.073   1.00 93.86  ? 353 GLN A OE1 1 
ATOM   42   N NE2 . GLN A 1 5   ? -14.746 9.283   9.805   1.00 92.70  ? 353 GLN A NE2 1 
ATOM   43   N N   . LEU A 1 6   ? -8.455  10.648  9.546   1.00 51.22  ? 354 LEU A N   1 
ATOM   44   C CA  . LEU A 1 6   ? -7.237  10.860  8.765   1.00 49.76  ? 354 LEU A CA  1 
ATOM   45   C C   . LEU A 1 6   ? -5.955  10.814  9.608   1.00 50.57  ? 354 LEU A C   1 
ATOM   46   O O   . LEU A 1 6   ? -4.928  10.363  9.097   1.00 49.09  ? 354 LEU A O   1 
ATOM   47   C CB  . LEU A 1 6   ? -7.327  12.145  7.921   1.00 49.73  ? 354 LEU A CB  1 
ATOM   48   C CG  . LEU A 1 6   ? -8.277  12.054  6.711   1.00 54.39  ? 354 LEU A CG  1 
ATOM   49   C CD1 . LEU A 1 6   ? -8.782  13.424  6.293   1.00 54.75  ? 354 LEU A CD1 1 
ATOM   50   C CD2 . LEU A 1 6   ? -7.625  11.329  5.534   1.00 55.77  ? 354 LEU A CD2 1 
ATOM   51   N N   . LYS A 1 7   ? -6.022  11.215  10.900  1.00 46.31  ? 355 LYS A N   1 
ATOM   52   C CA  . LYS A 1 7   ? -4.874  11.151  11.819  1.00 45.58  ? 355 LYS A CA  1 
ATOM   53   C C   . LYS A 1 7   ? -4.568  9.686   12.145  1.00 47.03  ? 355 LYS A C   1 
ATOM   54   O O   . LYS A 1 7   ? -3.404  9.319   12.328  1.00 46.47  ? 355 LYS A O   1 
ATOM   55   C CB  . LYS A 1 7   ? -5.142  11.930  13.120  1.00 48.84  ? 355 LYS A CB  1 
ATOM   56   C CG  . LYS A 1 7   ? -5.088  13.449  12.975  1.00 70.23  ? 355 LYS A CG  1 
ATOM   57   C CD  . LYS A 1 7   ? -4.967  14.129  14.342  1.00 83.53  ? 355 LYS A CD  1 
ATOM   58   C CE  . LYS A 1 7   ? -5.236  15.614  14.296  1.00 96.41  ? 355 LYS A CE  1 
ATOM   59   N NZ  . LYS A 1 7   ? -6.694  15.914  14.299  1.00 106.62 ? 355 LYS A NZ  1 
ATOM   60   N N   . CYS A 1 8   ? -5.626  8.859   12.222  0.50 41.68  ? 356 CYS A N   1 
ATOM   61   C CA  . CYS A 1 8   ? -5.527  7.429   12.474  0.50 40.89  ? 356 CYS A CA  1 
ATOM   62   C C   . CYS A 1 8   ? -4.931  6.752   11.241  0.50 41.21  ? 356 CYS A C   1 
ATOM   63   O O   . CYS A 1 8   ? -4.082  5.875   11.382  0.50 39.74  ? 356 CYS A O   1 
ATOM   64   C CB  . CYS A 1 8   ? -6.893  6.854   12.830  0.50 41.76  ? 356 CYS A CB  1 
ATOM   65   S SG  . CYS A 1 8   ? -6.847  5.127   13.357  0.50 45.98  ? 356 CYS A SG  1 
ATOM   66   N N   . CYS A 1 9   ? -5.338  7.210   10.036  1.00 37.07  ? 357 CYS A N   1 
ATOM   67   C CA  . CYS A 1 9   ? -4.830  6.747   8.738   1.00 36.70  ? 357 CYS A CA  1 
ATOM   68   C C   . CYS A 1 9   ? -3.327  6.997   8.617   1.00 36.53  ? 357 CYS A C   1 
ATOM   69   O O   . CYS A 1 9   ? -2.616  6.114   8.151   1.00 35.84  ? 357 CYS A O   1 
ATOM   70   C CB  . CYS A 1 9   ? -5.595  7.386   7.586   1.00 37.84  ? 357 CYS A CB  1 
ATOM   71   S SG  . CYS A 1 9   ? -7.285  6.771   7.389   1.00 42.45  ? 357 CYS A SG  1 
ATOM   72   N N   . SER A 1 10  ? -2.840  8.166   9.096   0.50 30.51  ? 358 SER A N   1 
ATOM   73   C CA  . SER A 1 10  ? -1.416  8.515   9.104   0.50 29.42  ? 358 SER A CA  1 
ATOM   74   C C   . SER A 1 10  ? -0.656  7.623   10.083  0.50 31.59  ? 358 SER A C   1 
ATOM   75   O O   . SER A 1 10  ? 0.491   7.274   9.823   0.50 30.07  ? 358 SER A O   1 
ATOM   76   C CB  . SER A 1 10  ? -1.217  9.983   9.464   0.50 32.78  ? 358 SER A CB  1 
ATOM   77   O OG  . SER A 1 10  ? -1.848  10.832  8.521   0.50 42.78  ? 358 SER A OG  1 
ATOM   78   N N   . GLY A 1 11  ? -1.317  7.261   11.184  1.00 29.29  ? 359 GLY A N   1 
ATOM   79   C CA  . GLY A 1 11  ? -0.792  6.375   12.220  1.00 29.09  ? 359 GLY A CA  1 
ATOM   80   C C   . GLY A 1 11  ? -0.630  4.946   11.734  1.00 32.89  ? 359 GLY A C   1 
ATOM   81   O O   . GLY A 1 11  ? 0.371   4.291   12.042  1.00 31.68  ? 359 GLY A O   1 
ATOM   82   N N   . ILE A 1 12  ? -1.623  4.461   10.959  1.00 30.28  ? 360 ILE A N   1 
ATOM   83   C CA  . ILE A 1 12  ? -1.646  3.120   10.360  1.00 30.15  ? 360 ILE A CA  1 
ATOM   84   C C   . ILE A 1 12  ? -0.473  3.000   9.376   1.00 34.86  ? 360 ILE A C   1 
ATOM   85   O O   . ILE A 1 12  ? 0.314   2.055   9.469   1.00 33.65  ? 360 ILE A O   1 
ATOM   86   C CB  . ILE A 1 12  ? -3.036  2.839   9.706   1.00 32.95  ? 360 ILE A CB  1 
ATOM   87   C CG1 . ILE A 1 12  ? -4.099  2.537   10.788  1.00 32.79  ? 360 ILE A CG1 1 
ATOM   88   C CG2 . ILE A 1 12  ? -2.972  1.708   8.659   1.00 34.20  ? 360 ILE A CG2 1 
ATOM   89   C CD1 . ILE A 1 12  ? -5.523  2.880   10.387  1.00 37.88  ? 360 ILE A CD1 1 
ATOM   90   N N   . LEU A 1 13  ? -0.327  3.997   8.474   1.00 32.63  ? 361 LEU A N   1 
ATOM   91   C CA  . LEU A 1 13  ? 0.757   4.017   7.499   1.00 33.13  ? 361 LEU A CA  1 
ATOM   92   C C   . LEU A 1 13  ? 2.132   4.117   8.156   1.00 36.02  ? 361 LEU A C   1 
ATOM   93   O O   . LEU A 1 13  ? 3.078   3.507   7.655   1.00 34.96  ? 361 LEU A O   1 
ATOM   94   C CB  . LEU A 1 13  ? 0.544   5.103   6.436   1.00 33.56  ? 361 LEU A CB  1 
ATOM   95   C CG  . LEU A 1 13  ? 1.385   4.976   5.154   1.00 38.75  ? 361 LEU A CG  1 
ATOM   96   C CD1 . LEU A 1 13  ? 0.990   3.757   4.329   1.00 38.82  ? 361 LEU A CD1 1 
ATOM   97   C CD2 . LEU A 1 13  ? 1.239   6.198   4.317   1.00 41.94  ? 361 LEU A CD2 1 
ATOM   98   N N   . LYS A 1 14  ? 2.226   4.817   9.309   1.00 33.48  ? 362 LYS A N   1 
ATOM   99   C CA  . LYS A 1 14  ? 3.472   4.944   10.078  1.00 33.92  ? 362 LYS A CA  1 
ATOM   100  C C   . LYS A 1 14  ? 3.939   3.568   10.589  1.00 36.53  ? 362 LYS A C   1 
ATOM   101  O O   . LYS A 1 14  ? 5.138   3.282   10.550  1.00 36.54  ? 362 LYS A O   1 
ATOM   102  C CB  . LYS A 1 14  ? 3.301   5.942   11.241  1.00 37.39  ? 362 LYS A CB  1 
ATOM   103  C CG  . LYS A 1 14  ? 4.615   6.361   11.895  1.00 50.83  ? 362 LYS A CG  1 
ATOM   104  C CD  . LYS A 1 14  ? 4.420   6.793   13.340  1.00 60.17  ? 362 LYS A CD  1 
ATOM   105  C CE  . LYS A 1 14  ? 5.721   7.143   14.024  1.00 66.97  ? 362 LYS A CE  1 
ATOM   106  N NZ  . LYS A 1 14  ? 6.255   8.455   13.570  1.00 76.36  ? 362 LYS A NZ  1 
ATOM   107  N N   . GLU A 1 15  ? 2.995   2.717   11.047  1.00 32.17  ? 363 GLU A N   1 
ATOM   108  C CA  . GLU A 1 15  ? 3.297   1.362   11.518  1.00 31.58  ? 363 GLU A CA  1 
ATOM   109  C C   . GLU A 1 15  ? 3.738   0.470   10.347  1.00 34.13  ? 363 GLU A C   1 
ATOM   110  O O   . GLU A 1 15  ? 4.667   -0.319  10.494  1.00 33.90  ? 363 GLU A O   1 
ATOM   111  C CB  . GLU A 1 15  ? 2.098   0.726   12.238  1.00 32.65  ? 363 GLU A CB  1 
ATOM   112  C CG  . GLU A 1 15  ? 2.502   -0.546  12.972  1.00 41.61  ? 363 GLU A CG  1 
ATOM   113  C CD  . GLU A 1 15  ? 1.409   -1.370  13.618  1.00 56.61  ? 363 GLU A CD  1 
ATOM   114  O OE1 . GLU A 1 15  ? 0.333   -0.808  13.920  1.00 48.56  ? 363 GLU A OE1 1 
ATOM   115  O OE2 . GLU A 1 15  ? 1.646   -2.577  13.855  1.00 47.40  ? 363 GLU A OE2 1 
ATOM   116  N N   . MET A 1 16  ? 3.080   0.611   9.184   1.00 29.13  ? 364 MET A N   1 
ATOM   117  C CA  . MET A 1 16  ? 3.416   -0.152  7.983   1.00 28.19  ? 364 MET A CA  1 
ATOM   118  C C   . MET A 1 16  ? 4.850   0.136   7.524   1.00 33.29  ? 364 MET A C   1 
ATOM   119  O O   . MET A 1 16  ? 5.511   -0.757  6.994   1.00 32.02  ? 364 MET A O   1 
ATOM   120  C CB  . MET A 1 16  ? 2.385   0.101   6.875   1.00 29.85  ? 364 MET A CB  1 
ATOM   121  C CG  . MET A 1 16  ? 1.023   -0.487  7.189   1.00 32.55  ? 364 MET A CG  1 
ATOM   122  S SD  . MET A 1 16  ? -0.287  0.131   6.107   1.00 35.94  ? 364 MET A SD  1 
ATOM   123  C CE  . MET A 1 16  ? 0.119   -0.698  4.586   1.00 32.38  ? 364 MET A CE  1 
ATOM   124  N N   . PHE A 1 17  ? 5.340   1.371   7.784   1.00 31.25  ? 365 PHE A N   1 
ATOM   125  C CA  . PHE A 1 17  ? 6.702   1.834   7.489   1.00 31.10  ? 365 PHE A CA  1 
ATOM   126  C C   . PHE A 1 17  ? 7.703   1.480   8.589   1.00 35.45  ? 365 PHE A C   1 
ATOM   127  O O   . PHE A 1 17  ? 8.901   1.679   8.401   1.00 35.43  ? 365 PHE A O   1 
ATOM   128  C CB  . PHE A 1 17  ? 6.716   3.362   7.285   1.00 32.65  ? 365 PHE A CB  1 
ATOM   129  C CG  . PHE A 1 17  ? 6.608   3.807   5.848   1.00 33.86  ? 365 PHE A CG  1 
ATOM   130  C CD1 . PHE A 1 17  ? 7.548   3.401   4.903   1.00 35.97  ? 365 PHE A CD1 1 
ATOM   131  C CD2 . PHE A 1 17  ? 5.598   4.673   5.447   1.00 35.65  ? 365 PHE A CD2 1 
ATOM   132  C CE1 . PHE A 1 17  ? 7.456   3.826   3.579   1.00 36.77  ? 365 PHE A CE1 1 
ATOM   133  C CE2 . PHE A 1 17  ? 5.515   5.106   4.122   1.00 38.19  ? 365 PHE A CE2 1 
ATOM   134  C CZ  . PHE A 1 17  ? 6.448   4.684   3.199   1.00 36.13  ? 365 PHE A CZ  1 
ATOM   135  N N   . ALA A 1 18  ? 7.214   0.997   9.743   1.00 32.66  ? 366 ALA A N   1 
ATOM   136  C CA  . ALA A 1 18  ? 8.027   0.661   10.912  1.00 32.36  ? 366 ALA A CA  1 
ATOM   137  C C   . ALA A 1 18  ? 8.909   -0.559  10.728  1.00 37.13  ? 366 ALA A C   1 
ATOM   138  O O   . ALA A 1 18  ? 8.546   -1.480  10.003  1.00 35.97  ? 366 ALA A O   1 
ATOM   139  C CB  . ALA A 1 18  ? 7.142   0.479   12.127  1.00 32.93  ? 366 ALA A CB  1 
ATOM   140  N N   . LYS A 1 19  ? 10.044  -0.583  11.453  1.00 36.08  ? 367 LYS A N   1 
ATOM   141  C CA  . LYS A 1 19  ? 11.054  -1.652  11.460  1.00 36.91  ? 367 LYS A CA  1 
ATOM   142  C C   . LYS A 1 19  ? 10.485  -3.037  11.787  1.00 40.84  ? 367 LYS A C   1 
ATOM   143  O O   . LYS A 1 19  ? 10.996  -4.039  11.286  1.00 40.94  ? 367 LYS A O   1 
ATOM   144  C CB  . LYS A 1 19  ? 12.217  -1.291  12.404  1.00 40.29  ? 367 LYS A CB  1 
ATOM   145  C CG  . LYS A 1 19  ? 13.103  -0.171  11.859  1.00 61.45  ? 367 LYS A CG  1 
ATOM   146  C CD  . LYS A 1 19  ? 14.316  0.097   12.745  1.00 75.22  ? 367 LYS A CD  1 
ATOM   147  C CE  . LYS A 1 19  ? 15.193  1.203   12.203  1.00 88.56  ? 367 LYS A CE  1 
ATOM   148  N NZ  . LYS A 1 19  ? 14.581  2.550   12.379  1.00 97.81  ? 367 LYS A NZ  1 
ATOM   149  N N   . LYS A 1 20  ? 9.410   -3.080  12.606  1.00 37.36  ? 368 LYS A N   1 
ATOM   150  C CA  . LYS A 1 20  ? 8.691   -4.289  13.018  1.00 36.57  ? 368 LYS A CA  1 
ATOM   151  C C   . LYS A 1 20  ? 8.235   -5.105  11.798  1.00 39.32  ? 368 LYS A C   1 
ATOM   152  O O   . LYS A 1 20  ? 8.402   -6.327  11.786  1.00 40.00  ? 368 LYS A O   1 
ATOM   153  C CB  . LYS A 1 20  ? 7.474   -3.888  13.881  1.00 38.99  ? 368 LYS A CB  1 
ATOM   154  C CG  . LYS A 1 20  ? 6.706   -5.049  14.500  1.00 51.37  ? 368 LYS A CG  1 
ATOM   155  C CD  . LYS A 1 20  ? 5.464   -4.563  15.228  1.00 59.07  ? 368 LYS A CD  1 
ATOM   156  C CE  . LYS A 1 20  ? 4.737   -5.683  15.927  1.00 67.27  ? 368 LYS A CE  1 
ATOM   157  N NZ  . LYS A 1 20  ? 3.491   -5.197  16.578  1.00 76.41  ? 368 LYS A NZ  1 
ATOM   158  N N   . HIS A 1 21  ? 7.684   -4.422  10.773  1.00 33.33  ? 369 HIS A N   1 
ATOM   159  C CA  . HIS A 1 21  ? 7.145   -5.029  9.553   1.00 32.23  ? 369 HIS A CA  1 
ATOM   160  C C   . HIS A 1 21  ? 8.057   -4.911  8.320   1.00 36.02  ? 369 HIS A C   1 
ATOM   161  O O   . HIS A 1 21  ? 7.674   -5.381  7.246   1.00 34.45  ? 369 HIS A O   1 
ATOM   162  C CB  . HIS A 1 21  ? 5.754   -4.428  9.236   1.00 32.28  ? 369 HIS A CB  1 
ATOM   163  C CG  . HIS A 1 21  ? 4.836   -4.354  10.416  1.00 35.32  ? 369 HIS A CG  1 
ATOM   164  N ND1 . HIS A 1 21  ? 4.368   -5.495  11.043  1.00 36.98  ? 369 HIS A ND1 1 
ATOM   165  C CD2 . HIS A 1 21  ? 4.337   -3.270  11.056  1.00 36.53  ? 369 HIS A CD2 1 
ATOM   166  C CE1 . HIS A 1 21  ? 3.598   -5.073  12.032  1.00 36.27  ? 369 HIS A CE1 1 
ATOM   167  N NE2 . HIS A 1 21  ? 3.545   -3.742  12.076  1.00 36.41  ? 369 HIS A NE2 1 
ATOM   168  N N   . ALA A 1 22  ? 9.252   -4.293  8.472   1.00 33.82  ? 370 ALA A N   1 
ATOM   169  C CA  . ALA A 1 22  ? 10.218  -4.037  7.396   1.00 33.95  ? 370 ALA A CA  1 
ATOM   170  C C   . ALA A 1 22  ? 10.565  -5.241  6.502   1.00 37.56  ? 370 ALA A C   1 
ATOM   171  O O   . ALA A 1 22  ? 10.727  -5.059  5.297   1.00 36.76  ? 370 ALA A O   1 
ATOM   172  C CB  . ALA A 1 22  ? 11.488  -3.427  7.964   1.00 34.88  ? 370 ALA A CB  1 
ATOM   173  N N   . ALA A 1 23  ? 10.656  -6.455  7.073   1.00 34.85  ? 371 ALA A N   1 
ATOM   174  C CA  . ALA A 1 23  ? 11.013  -7.679  6.337   1.00 34.92  ? 371 ALA A CA  1 
ATOM   175  C C   . ALA A 1 23  ? 10.050  -8.064  5.198   1.00 38.17  ? 371 ALA A C   1 
ATOM   176  O O   . ALA A 1 23  ? 10.465  -8.753  4.271   1.00 39.00  ? 371 ALA A O   1 
ATOM   177  C CB  . ALA A 1 23  ? 11.176  -8.843  7.303   1.00 35.88  ? 371 ALA A CB  1 
ATOM   178  N N   . TYR A 1 24  ? 8.785   -7.622  5.259   1.00 32.60  ? 372 TYR A N   1 
ATOM   179  C CA  . TYR A 1 24  ? 7.780   -7.923  4.230   1.00 31.14  ? 372 TYR A CA  1 
ATOM   180  C C   . TYR A 1 24  ? 7.074   -6.682  3.661   1.00 34.18  ? 372 TYR A C   1 
ATOM   181  O O   . TYR A 1 24  ? 6.293   -6.812  2.720   1.00 34.92  ? 372 TYR A O   1 
ATOM   182  C CB  . TYR A 1 24  ? 6.755   -8.950  4.731   1.00 31.09  ? 372 TYR A CB  1 
ATOM   183  C CG  . TYR A 1 24  ? 6.203   -8.661  6.110   1.00 30.84  ? 372 TYR A CG  1 
ATOM   184  C CD1 . TYR A 1 24  ? 5.125   -7.796  6.285   1.00 31.70  ? 372 TYR A CD1 1 
ATOM   185  C CD2 . TYR A 1 24  ? 6.716   -9.301  7.235   1.00 31.24  ? 372 TYR A CD2 1 
ATOM   186  C CE1 . TYR A 1 24  ? 4.589   -7.556  7.552   1.00 30.28  ? 372 TYR A CE1 1 
ATOM   187  C CE2 . TYR A 1 24  ? 6.182   -9.080  8.501   1.00 31.63  ? 372 TYR A CE2 1 
ATOM   188  C CZ  . TYR A 1 24  ? 5.122   -8.203  8.655   1.00 36.55  ? 372 TYR A CZ  1 
ATOM   189  O OH  . TYR A 1 24  ? 4.613   -7.985  9.909   1.00 37.52  ? 372 TYR A OH  1 
ATOM   190  N N   . ALA A 1 25  ? 7.327   -5.498  4.234   1.00 29.25  ? 373 ALA A N   1 
ATOM   191  C CA  . ALA A 1 25  ? 6.715   -4.249  3.776   1.00 28.51  ? 373 ALA A CA  1 
ATOM   192  C C   . ALA A 1 25  ? 7.590   -3.488  2.776   1.00 32.37  ? 373 ALA A C   1 
ATOM   193  O O   . ALA A 1 25  ? 7.047   -2.741  1.965   1.00 31.15  ? 373 ALA A O   1 
ATOM   194  C CB  . ALA A 1 25  ? 6.395   -3.356  4.960   1.00 28.86  ? 373 ALA A CB  1 
ATOM   195  N N   . TRP A 1 26  ? 8.927   -3.696  2.812   1.00 29.77  ? 374 TRP A N   1 
ATOM   196  C CA  . TRP A 1 26  ? 9.887   -2.985  1.960   1.00 30.21  ? 374 TRP A CA  1 
ATOM   197  C C   . TRP A 1 26  ? 9.544   -2.976  0.430   1.00 32.82  ? 374 TRP A C   1 
ATOM   198  O O   . TRP A 1 26  ? 9.758   -1.916  -0.158  1.00 32.29  ? 374 TRP A O   1 
ATOM   199  C CB  . TRP A 1 26  ? 11.339  -3.434  2.205   1.00 29.66  ? 374 TRP A CB  1 
ATOM   200  C CG  . TRP A 1 26  ? 11.655  -4.819  1.738   1.00 31.43  ? 374 TRP A CG  1 
ATOM   201  C CD1 . TRP A 1 26  ? 11.529  -5.975  2.448   1.00 34.44  ? 374 TRP A CD1 1 
ATOM   202  C CD2 . TRP A 1 26  ? 12.142  -5.192  0.446   1.00 31.38  ? 374 TRP A CD2 1 
ATOM   203  N NE1 . TRP A 1 26  ? 11.901  -7.047  1.677   1.00 34.46  ? 374 TRP A NE1 1 
ATOM   204  C CE2 . TRP A 1 26  ? 12.267  -6.598  0.435   1.00 35.84  ? 374 TRP A CE2 1 
ATOM   205  C CE3 . TRP A 1 26  ? 12.450  -4.474  -0.723  1.00 32.81  ? 374 TRP A CE3 1 
ATOM   206  C CZ2 . TRP A 1 26  ? 12.705  -7.303  -0.693  1.00 35.26  ? 374 TRP A CZ2 1 
ATOM   207  C CZ3 . TRP A 1 26  ? 12.892  -5.172  -1.836  1.00 34.50  ? 374 TRP A CZ3 1 
ATOM   208  C CH2 . TRP A 1 26  ? 13.005  -6.569  -1.820  1.00 35.15  ? 374 TRP A CH2 1 
ATOM   209  N N   . PRO A 1 27  ? 8.963   -4.014  -0.248  1.00 28.35  ? 375 PRO A N   1 
ATOM   210  C CA  . PRO A 1 27  ? 8.665   -3.842  -1.689  1.00 27.21  ? 375 PRO A CA  1 
ATOM   211  C C   . PRO A 1 27  ? 7.539   -2.845  -1.995  1.00 29.16  ? 375 PRO A C   1 
ATOM   212  O O   . PRO A 1 27  ? 7.343   -2.494  -3.154  1.00 27.46  ? 375 PRO A O   1 
ATOM   213  C CB  . PRO A 1 27  ? 8.285   -5.254  -2.155  1.00 29.04  ? 375 PRO A CB  1 
ATOM   214  C CG  . PRO A 1 27  ? 8.696   -6.175  -1.052  1.00 33.96  ? 375 PRO A CG  1 
ATOM   215  C CD  . PRO A 1 27  ? 8.607   -5.378  0.198   1.00 29.81  ? 375 PRO A CD  1 
ATOM   216  N N   . PHE A 1 28  ? 6.815   -2.380  -0.961  1.00 25.72  ? 376 PHE A N   1 
ATOM   217  C CA  . PHE A 1 28  ? 5.687   -1.450  -1.084  1.00 25.00  ? 376 PHE A CA  1 
ATOM   218  C C   . PHE A 1 28  ? 6.037   -0.027  -0.659  1.00 29.18  ? 376 PHE A C   1 
ATOM   219  O O   . PHE A 1 28  ? 5.205   0.870   -0.773  1.00 28.80  ? 376 PHE A O   1 
ATOM   220  C CB  . PHE A 1 28  ? 4.458   -1.993  -0.318  1.00 26.05  ? 376 PHE A CB  1 
ATOM   221  C CG  . PHE A 1 28  ? 4.221   -3.454  -0.613  1.00 26.92  ? 376 PHE A CG  1 
ATOM   222  C CD1 . PHE A 1 28  ? 3.546   -3.849  -1.765  1.00 29.48  ? 376 PHE A CD1 1 
ATOM   223  C CD2 . PHE A 1 28  ? 4.757   -4.442  0.207   1.00 28.24  ? 376 PHE A CD2 1 
ATOM   224  C CE1 . PHE A 1 28  ? 3.383   -5.200  -2.071  1.00 29.72  ? 376 PHE A CE1 1 
ATOM   225  C CE2 . PHE A 1 28  ? 4.601   -5.793  -0.108  1.00 30.89  ? 376 PHE A CE2 1 
ATOM   226  C CZ  . PHE A 1 28  ? 3.928   -6.160  -1.251  1.00 28.53  ? 376 PHE A CZ  1 
ATOM   227  N N   . TYR A 1 29  ? 7.277   0.186   -0.203  1.00 26.35  ? 377 TYR A N   1 
ATOM   228  C CA  . TYR A 1 29  ? 7.743   1.493   0.255   1.00 26.28  ? 377 TYR A CA  1 
ATOM   229  C C   . TYR A 1 29  ? 7.691   2.554   -0.832  1.00 31.20  ? 377 TYR A C   1 
ATOM   230  O O   . TYR A 1 29  ? 7.184   3.637   -0.588  1.00 30.64  ? 377 TYR A O   1 
ATOM   231  C CB  . TYR A 1 29  ? 9.192   1.402   0.766   1.00 26.97  ? 377 TYR A CB  1 
ATOM   232  C CG  . TYR A 1 29  ? 9.397   0.775   2.127   1.00 28.00  ? 377 TYR A CG  1 
ATOM   233  C CD1 . TYR A 1 29  ? 8.313   0.418   2.928   1.00 29.17  ? 377 TYR A CD1 1 
ATOM   234  C CD2 . TYR A 1 29  ? 10.675  0.559   2.626   1.00 28.95  ? 377 TYR A CD2 1 
ATOM   235  C CE1 . TYR A 1 29  ? 8.500   -0.150  4.186   1.00 28.56  ? 377 TYR A CE1 1 
ATOM   236  C CE2 . TYR A 1 29  ? 10.875  -0.014  3.877   1.00 30.13  ? 377 TYR A CE2 1 
ATOM   237  C CZ  . TYR A 1 29  ? 9.785   -0.369  4.652   1.00 36.69  ? 377 TYR A CZ  1 
ATOM   238  O OH  . TYR A 1 29  ? 10.004  -0.930  5.881   1.00 38.65  ? 377 TYR A OH  1 
ATOM   239  N N   . LYS A 1 30  ? 8.226   2.240   -2.018  1.00 29.20  ? 378 LYS A N   1 
ATOM   240  C CA  . LYS A 1 30  ? 8.383   3.178   -3.126  1.00 29.35  ? 378 LYS A CA  1 
ATOM   241  C C   . LYS A 1 30  ? 7.691   2.704   -4.395  1.00 33.08  ? 378 LYS A C   1 
ATOM   242  O O   . LYS A 1 30  ? 7.422   1.508   -4.503  1.00 31.05  ? 378 LYS A O   1 
ATOM   243  C CB  . LYS A 1 30  ? 9.895   3.404   -3.391  1.00 32.11  ? 378 LYS A CB  1 
ATOM   244  C CG  . LYS A 1 30  ? 10.659  4.092   -2.255  1.00 45.47  ? 378 LYS A CG  1 
ATOM   245  C CD  . LYS A 1 30  ? 10.349  5.592   -2.149  1.00 60.00  ? 378 LYS A CD  1 
ATOM   246  C CE  . LYS A 1 30  ? 10.968  6.225   -0.924  1.00 74.05  ? 378 LYS A CE  1 
ATOM   247  N NZ  . LYS A 1 30  ? 10.587  7.658   -0.792  1.00 85.41  ? 378 LYS A NZ  1 
ATOM   248  N N   . PRO A 1 31  ? 7.380   3.606   -5.373  1.00 31.24  ? 379 PRO A N   1 
ATOM   249  C CA  . PRO A 1 31  ? 6.738   3.134   -6.616  1.00 31.79  ? 379 PRO A CA  1 
ATOM   250  C C   . PRO A 1 31  ? 7.511   1.997   -7.284  1.00 37.06  ? 379 PRO A C   1 
ATOM   251  O O   . PRO A 1 31  ? 8.741   1.947   -7.180  1.00 37.12  ? 379 PRO A O   1 
ATOM   252  C CB  . PRO A 1 31  ? 6.724   4.381   -7.508  1.00 33.62  ? 379 PRO A CB  1 
ATOM   253  C CG  . PRO A 1 31  ? 6.796   5.531   -6.562  1.00 37.84  ? 379 PRO A CG  1 
ATOM   254  C CD  . PRO A 1 31  ? 7.623   5.067   -5.413  1.00 32.81  ? 379 PRO A CD  1 
ATOM   255  N N   . VAL A 1 32  ? 6.789   1.063   -7.925  1.00 34.48  ? 380 VAL A N   1 
ATOM   256  C CA  . VAL A 1 32  ? 7.397   -0.071  -8.627  1.00 34.56  ? 380 VAL A CA  1 
ATOM   257  C C   . VAL A 1 32  ? 8.277   0.504   -9.746  1.00 39.25  ? 380 VAL A C   1 
ATOM   258  O O   . VAL A 1 32  ? 7.816   1.353   -10.512 1.00 37.95  ? 380 VAL A O   1 
ATOM   259  C CB  . VAL A 1 32  ? 6.333   -1.081  -9.161  1.00 38.22  ? 380 VAL A CB  1 
ATOM   260  C CG1 . VAL A 1 32  ? 6.965   -2.159  -10.047 1.00 37.82  ? 380 VAL A CG1 1 
ATOM   261  C CG2 . VAL A 1 32  ? 5.555   -1.726  -8.017  1.00 38.14  ? 380 VAL A CG2 1 
ATOM   262  N N   . ASP A 1 33  ? 9.550   0.095   -9.783  1.00 37.98  ? 381 ASP A N   1 
ATOM   263  C CA  . ASP A 1 33  ? 10.505  0.525   -10.804 1.00 38.85  ? 381 ASP A CA  1 
ATOM   264  C C   . ASP A 1 33  ? 10.220  -0.265  -12.090 1.00 42.80  ? 381 ASP A C   1 
ATOM   265  O O   . ASP A 1 33  ? 10.656  -1.409  -12.233 1.00 41.88  ? 381 ASP A O   1 
ATOM   266  C CB  . ASP A 1 33  ? 11.957  0.323   -10.316 1.00 41.32  ? 381 ASP A CB  1 
ATOM   267  C CG  . ASP A 1 33  ? 13.038  0.844   -11.254 1.00 54.68  ? 381 ASP A CG  1 
ATOM   268  O OD1 . ASP A 1 33  ? 12.709  1.655   -12.159 1.00 55.27  ? 381 ASP A OD1 1 
ATOM   269  O OD2 . ASP A 1 33  ? 14.214  0.457   -11.076 1.00 63.22  ? 381 ASP A OD2 1 
ATOM   270  N N   . VAL A 1 34  ? 9.455   0.348   -13.002 1.00 40.37  ? 382 VAL A N   1 
ATOM   271  C CA  . VAL A 1 34  ? 9.035   -0.261  -14.269 1.00 41.03  ? 382 VAL A CA  1 
ATOM   272  C C   . VAL A 1 34  ? 10.211  -0.467  -15.257 1.00 46.60  ? 382 VAL A C   1 
ATOM   273  O O   . VAL A 1 34  ? 10.082  -1.264  -16.188 1.00 46.47  ? 382 VAL A O   1 
ATOM   274  C CB  . VAL A 1 34  ? 7.842   0.483   -14.925 1.00 45.28  ? 382 VAL A CB  1 
ATOM   275  C CG1 . VAL A 1 34  ? 6.622   0.478   -14.005 1.00 45.15  ? 382 VAL A CG1 1 
ATOM   276  C CG2 . VAL A 1 34  ? 8.210   1.911   -15.338 1.00 45.10  ? 382 VAL A CG2 1 
ATOM   277  N N   . GLU A 1 35  ? 11.343  0.233   -15.040 1.00 43.92  ? 383 GLU A N   1 
ATOM   278  C CA  . GLU A 1 35  ? 12.553  0.126   -15.861 1.00 44.15  ? 383 GLU A CA  1 
ATOM   279  C C   . GLU A 1 35  ? 13.426  -1.059  -15.432 1.00 48.43  ? 383 GLU A C   1 
ATOM   280  O O   . GLU A 1 35  ? 14.359  -1.411  -16.148 1.00 48.27  ? 383 GLU A O   1 
ATOM   281  C CB  . GLU A 1 35  ? 13.368  1.437   -15.820 1.00 45.78  ? 383 GLU A CB  1 
ATOM   282  C CG  . GLU A 1 35  ? 12.715  2.613   -16.536 1.00 58.23  ? 383 GLU A CG  1 
ATOM   283  C CD  . GLU A 1 35  ? 12.697  2.535   -18.050 1.00 88.78  ? 383 GLU A CD  1 
ATOM   284  O OE1 . GLU A 1 35  ? 13.781  2.657   -18.667 1.00 88.95  ? 383 GLU A OE1 1 
ATOM   285  O OE2 . GLU A 1 35  ? 11.595  2.373   -18.622 1.00 87.73  ? 383 GLU A OE2 1 
ATOM   286  N N   . ALA A 1 36  ? 13.130  -1.674  -14.265 1.00 44.89  ? 384 ALA A N   1 
ATOM   287  C CA  . ALA A 1 36  ? 13.870  -2.831  -13.754 1.00 44.52  ? 384 ALA A CA  1 
ATOM   288  C C   . ALA A 1 36  ? 13.562  -4.080  -14.588 1.00 47.28  ? 384 ALA A C   1 
ATOM   289  O O   . ALA A 1 36  ? 12.514  -4.144  -15.236 1.00 46.56  ? 384 ALA A O   1 
ATOM   290  C CB  . ALA A 1 36  ? 13.522  -3.077  -12.290 1.00 45.26  ? 384 ALA A CB  1 
ATOM   291  N N   . LEU A 1 37  ? 14.480  -5.061  -14.580 1.00 43.29  ? 385 LEU A N   1 
ATOM   292  C CA  . LEU A 1 37  ? 14.340  -6.312  -15.326 1.00 42.90  ? 385 LEU A CA  1 
ATOM   293  C C   . LEU A 1 37  ? 13.167  -7.161  -14.825 1.00 47.54  ? 385 LEU A C   1 
ATOM   294  O O   . LEU A 1 37  ? 13.018  -7.369  -13.621 1.00 47.61  ? 385 LEU A O   1 
ATOM   295  C CB  . LEU A 1 37  ? 15.662  -7.106  -15.319 1.00 42.57  ? 385 LEU A CB  1 
ATOM   296  C CG  . LEU A 1 37  ? 15.756  -8.321  -16.261 1.00 46.58  ? 385 LEU A CG  1 
ATOM   297  C CD1 . LEU A 1 37  ? 15.707  -7.915  -17.728 1.00 45.77  ? 385 LEU A CD1 1 
ATOM   298  C CD2 . LEU A 1 37  ? 17.008  -9.106  -15.992 1.00 49.40  ? 385 LEU A CD2 1 
ATOM   299  N N   . GLY A 1 38  ? 12.346  -7.616  -15.773 1.00 43.61  ? 386 GLY A N   1 
ATOM   300  C CA  . GLY A 1 38  ? 11.155  -8.422  -15.533 1.00 42.74  ? 386 GLY A CA  1 
ATOM   301  C C   . GLY A 1 38  ? 9.888   -7.611  -15.328 1.00 44.84  ? 386 GLY A C   1 
ATOM   302  O O   . GLY A 1 38  ? 8.807   -8.189  -15.213 1.00 45.03  ? 386 GLY A O   1 
ATOM   303  N N   . LEU A 1 39  ? 10.011  -6.267  -15.293 1.00 39.52  ? 387 LEU A N   1 
ATOM   304  C CA  . LEU A 1 39  ? 8.908   -5.330  -15.056 1.00 38.89  ? 387 LEU A CA  1 
ATOM   305  C C   . LEU A 1 39  ? 8.522   -4.525  -16.309 1.00 42.68  ? 387 LEU A C   1 
ATOM   306  O O   . LEU A 1 39  ? 7.877   -3.480  -16.191 1.00 41.97  ? 387 LEU A O   1 
ATOM   307  C CB  . LEU A 1 39  ? 9.272   -4.369  -13.885 1.00 38.90  ? 387 LEU A CB  1 
ATOM   308  C CG  . LEU A 1 39  ? 9.164   -4.849  -12.412 1.00 43.55  ? 387 LEU A CG  1 
ATOM   309  C CD1 . LEU A 1 39  ? 7.778   -5.374  -12.072 1.00 43.93  ? 387 LEU A CD1 1 
ATOM   310  C CD2 . LEU A 1 39  ? 10.253  -5.833  -12.033 1.00 46.18  ? 387 LEU A CD2 1 
ATOM   311  N N   . HIS A 1 40  ? 8.902   -5.019  -17.504 1.00 39.33  ? 388 HIS A N   1 
ATOM   312  C CA  . HIS A 1 40  ? 8.638   -4.382  -18.805 1.00 38.79  ? 388 HIS A CA  1 
ATOM   313  C C   . HIS A 1 40  ? 7.148   -4.343  -19.158 1.00 42.13  ? 388 HIS A C   1 
ATOM   314  O O   . HIS A 1 40  ? 6.713   -3.459  -19.895 1.00 41.92  ? 388 HIS A O   1 
ATOM   315  C CB  . HIS A 1 40  ? 9.438   -5.083  -19.922 1.00 38.96  ? 388 HIS A CB  1 
ATOM   316  C CG  . HIS A 1 40  ? 9.166   -6.551  -20.017 1.00 41.90  ? 388 HIS A CG  1 
ATOM   317  N ND1 . HIS A 1 40  ? 9.932   -7.471  -19.324 1.00 43.53  ? 388 HIS A ND1 1 
ATOM   318  C CD2 . HIS A 1 40  ? 8.183   -7.207  -20.674 1.00 43.24  ? 388 HIS A CD2 1 
ATOM   319  C CE1 . HIS A 1 40  ? 9.412   -8.655  -19.604 1.00 42.76  ? 388 HIS A CE1 1 
ATOM   320  N NE2 . HIS A 1 40  ? 8.355   -8.546  -20.409 1.00 42.94  ? 388 HIS A NE2 1 
ATOM   321  N N   . ASP A 1 41  ? 6.381   -5.309  -18.641 1.00 38.08  ? 389 ASP A N   1 
ATOM   322  C CA  . ASP A 1 41  ? 4.946   -5.440  -18.878 1.00 37.74  ? 389 ASP A CA  1 
ATOM   323  C C   . ASP A 1 41  ? 4.087   -4.859  -17.737 1.00 41.00  ? 389 ASP A C   1 
ATOM   324  O O   . ASP A 1 41  ? 2.859   -4.854  -17.849 1.00 40.17  ? 389 ASP A O   1 
ATOM   325  C CB  . ASP A 1 41  ? 4.597   -6.919  -19.138 1.00 39.71  ? 389 ASP A CB  1 
ATOM   326  C CG  . ASP A 1 41  ? 4.918   -7.883  -18.004 1.00 49.77  ? 389 ASP A CG  1 
ATOM   327  O OD1 . ASP A 1 41  ? 5.805   -7.563  -17.177 1.00 49.83  ? 389 ASP A OD1 1 
ATOM   328  O OD2 . ASP A 1 41  ? 4.316   -8.977  -17.969 1.00 56.88  ? 389 ASP A OD2 1 
ATOM   329  N N   . TYR A 1 42  ? 4.725   -4.353  -16.657 1.00 37.72  ? 390 TYR A N   1 
ATOM   330  C CA  . TYR A 1 42  ? 4.023   -3.812  -15.488 1.00 37.74  ? 390 TYR A CA  1 
ATOM   331  C C   . TYR A 1 42  ? 2.987   -2.740  -15.839 1.00 43.65  ? 390 TYR A C   1 
ATOM   332  O O   . TYR A 1 42  ? 1.862   -2.825  -15.356 1.00 42.27  ? 390 TYR A O   1 
ATOM   333  C CB  . TYR A 1 42  ? 4.997   -3.317  -14.402 1.00 38.04  ? 390 TYR A CB  1 
ATOM   334  C CG  . TYR A 1 42  ? 4.311   -3.048  -13.077 1.00 38.39  ? 390 TYR A CG  1 
ATOM   335  C CD1 . TYR A 1 42  ? 3.990   -4.090  -12.211 1.00 39.71  ? 390 TYR A CD1 1 
ATOM   336  C CD2 . TYR A 1 42  ? 3.959   -1.756  -12.702 1.00 38.90  ? 390 TYR A CD2 1 
ATOM   337  C CE1 . TYR A 1 42  ? 3.331   -3.853  -11.005 1.00 39.87  ? 390 TYR A CE1 1 
ATOM   338  C CE2 . TYR A 1 42  ? 3.305   -1.504  -11.497 1.00 39.63  ? 390 TYR A CE2 1 
ATOM   339  C CZ  . TYR A 1 42  ? 2.992   -2.556  -10.652 1.00 44.96  ? 390 TYR A CZ  1 
ATOM   340  O OH  . TYR A 1 42  ? 2.344   -2.305  -9.471  1.00 42.32  ? 390 TYR A OH  1 
ATOM   341  N N   . CYS A 1 43  ? 3.344   -1.773  -16.700 1.00 43.53  ? 391 CYS A N   1 
ATOM   342  C CA  . CYS A 1 43  ? 2.440   -0.697  -17.120 1.00 45.11  ? 391 CYS A CA  1 
ATOM   343  C C   . CYS A 1 43  ? 1.303   -1.166  -18.049 1.00 49.33  ? 391 CYS A C   1 
ATOM   344  O O   . CYS A 1 43  ? 0.285   -0.478  -18.145 1.00 49.07  ? 391 CYS A O   1 
ATOM   345  C CB  . CYS A 1 43  ? 3.220   0.463   -17.727 1.00 46.50  ? 391 CYS A CB  1 
ATOM   346  S SG  . CYS A 1 43  ? 4.175   1.416   -16.517 1.00 51.21  ? 391 CYS A SG  1 
ATOM   347  N N   . ASP A 1 44  ? 1.459   -2.338  -18.706 1.00 45.55  ? 392 ASP A N   1 
ATOM   348  C CA  . ASP A 1 44  ? 0.418   -2.903  -19.569 1.00 45.23  ? 392 ASP A CA  1 
ATOM   349  C C   . ASP A 1 44  ? -0.678  -3.547  -18.722 1.00 47.35  ? 392 ASP A C   1 
ATOM   350  O O   . ASP A 1 44  ? -1.845  -3.519  -19.111 1.00 47.62  ? 392 ASP A O   1 
ATOM   351  C CB  . ASP A 1 44  ? 0.998   -3.956  -20.538 1.00 47.34  ? 392 ASP A CB  1 
ATOM   352  C CG  . ASP A 1 44  ? 2.070   -3.467  -21.497 1.00 60.17  ? 392 ASP A CG  1 
ATOM   353  O OD1 . ASP A 1 44  ? 2.245   -2.229  -21.621 1.00 61.79  ? 392 ASP A OD1 1 
ATOM   354  O OD2 . ASP A 1 44  ? 2.729   -4.320  -22.132 1.00 65.54  ? 392 ASP A OD2 1 
ATOM   355  N N   . ILE A 1 45  ? -0.293  -4.154  -17.587 1.00 41.52  ? 393 ILE A N   1 
ATOM   356  C CA  . ILE A 1 45  ? -1.204  -4.853  -16.679 1.00 40.17  ? 393 ILE A CA  1 
ATOM   357  C C   . ILE A 1 45  ? -1.746  -3.925  -15.573 1.00 41.80  ? 393 ILE A C   1 
ATOM   358  O O   . ILE A 1 45  ? -2.933  -3.982  -15.253 1.00 41.24  ? 393 ILE A O   1 
ATOM   359  C CB  . ILE A 1 45  ? -0.517  -6.138  -16.128 1.00 42.72  ? 393 ILE A CB  1 
ATOM   360  C CG1 . ILE A 1 45  ? -0.064  -7.059  -17.291 1.00 42.54  ? 393 ILE A CG1 1 
ATOM   361  C CG2 . ILE A 1 45  ? -1.423  -6.904  -15.142 1.00 42.94  ? 393 ILE A CG2 1 
ATOM   362  C CD1 . ILE A 1 45  ? 1.214   -7.865  -17.028 1.00 44.64  ? 393 ILE A CD1 1 
ATOM   363  N N   . ILE A 1 46  ? -0.882  -3.078  -15.000 1.00 36.67  ? 394 ILE A N   1 
ATOM   364  C CA  . ILE A 1 46  ? -1.256  -2.176  -13.912 1.00 35.53  ? 394 ILE A CA  1 
ATOM   365  C C   . ILE A 1 46  ? -1.485  -0.762  -14.430 1.00 39.96  ? 394 ILE A C   1 
ATOM   366  O O   . ILE A 1 46  ? -0.533  -0.051  -14.757 1.00 39.44  ? 394 ILE A O   1 
ATOM   367  C CB  . ILE A 1 46  ? -0.236  -2.264  -12.729 1.00 37.72  ? 394 ILE A CB  1 
ATOM   368  C CG1 . ILE A 1 46  ? -0.093  -3.725  -12.189 1.00 37.40  ? 394 ILE A CG1 1 
ATOM   369  C CG2 . ILE A 1 46  ? -0.540  -1.261  -11.606 1.00 37.99  ? 394 ILE A CG2 1 
ATOM   370  C CD1 . ILE A 1 46  ? -1.435  -4.553  -11.892 1.00 37.75  ? 394 ILE A CD1 1 
ATOM   371  N N   . LYS A 1 47  ? -2.763  -0.361  -14.496 1.00 37.79  ? 395 LYS A N   1 
ATOM   372  C CA  . LYS A 1 47  ? -3.171  0.961   -14.979 1.00 38.33  ? 395 LYS A CA  1 
ATOM   373  C C   . LYS A 1 47  ? -3.065  2.040   -13.909 1.00 42.88  ? 395 LYS A C   1 
ATOM   374  O O   . LYS A 1 47  ? -2.754  3.185   -14.239 1.00 43.26  ? 395 LYS A O   1 
ATOM   375  C CB  . LYS A 1 47  ? -4.585  0.927   -15.603 1.00 41.02  ? 395 LYS A CB  1 
ATOM   376  C CG  . LYS A 1 47  ? -4.769  -0.113  -16.727 1.00 58.14  ? 395 LYS A CG  1 
ATOM   377  C CD  . LYS A 1 47  ? -3.977  0.210   -18.002 1.00 67.13  ? 395 LYS A CD  1 
ATOM   378  C CE  . LYS A 1 47  ? -3.967  -0.940  -18.976 1.00 76.73  ? 395 LYS A CE  1 
ATOM   379  N NZ  . LYS A 1 47  ? -2.998  -0.718  -20.082 1.00 84.72  ? 395 LYS A NZ  1 
ATOM   380  N N   . HIS A 1 48  ? -3.302  1.681   -12.633 1.00 38.99  ? 396 HIS A N   1 
ATOM   381  C CA  . HIS A 1 48  ? -3.240  2.628   -11.525 1.00 38.83  ? 396 HIS A CA  1 
ATOM   382  C C   . HIS A 1 48  ? -2.227  2.183   -10.457 1.00 41.77  ? 396 HIS A C   1 
ATOM   383  O O   . HIS A 1 48  ? -2.622  1.570   -9.455  1.00 41.60  ? 396 HIS A O   1 
ATOM   384  C CB  . HIS A 1 48  ? -4.641  2.868   -10.926 1.00 39.99  ? 396 HIS A CB  1 
ATOM   385  C CG  . HIS A 1 48  ? -5.638  3.388   -11.910 1.00 43.95  ? 396 HIS A CG  1 
ATOM   386  N ND1 . HIS A 1 48  ? -5.686  4.732   -12.252 1.00 45.99  ? 396 HIS A ND1 1 
ATOM   387  C CD2 . HIS A 1 48  ? -6.606  2.729   -12.592 1.00 46.14  ? 396 HIS A CD2 1 
ATOM   388  C CE1 . HIS A 1 48  ? -6.674  4.844   -13.125 1.00 45.54  ? 396 HIS A CE1 1 
ATOM   389  N NE2 . HIS A 1 48  ? -7.258  3.666   -13.361 1.00 45.93  ? 396 HIS A NE2 1 
ATOM   390  N N   . PRO A 1 49  ? -0.915  2.472   -10.654 1.00 36.85  ? 397 PRO A N   1 
ATOM   391  C CA  . PRO A 1 49  ? 0.083   2.066   -9.646  1.00 36.07  ? 397 PRO A CA  1 
ATOM   392  C C   . PRO A 1 49  ? -0.020  2.857   -8.342  1.00 37.30  ? 397 PRO A C   1 
ATOM   393  O O   . PRO A 1 49  ? -0.417  4.024   -8.347  1.00 37.56  ? 397 PRO A O   1 
ATOM   394  C CB  . PRO A 1 49  ? 1.423   2.297   -10.350 1.00 38.18  ? 397 PRO A CB  1 
ATOM   395  C CG  . PRO A 1 49  ? 1.142   3.358   -11.352 1.00 42.82  ? 397 PRO A CG  1 
ATOM   396  C CD  . PRO A 1 49  ? -0.280  3.175   -11.790 1.00 38.32  ? 397 PRO A CD  1 
ATOM   397  N N   . MET A 1 50  ? 0.330   2.206   -7.224  1.00 30.64  ? 398 MET A N   1 
ATOM   398  C CA  . MET A 1 50  ? 0.272   2.794   -5.893  1.00 28.84  ? 398 MET A CA  1 
ATOM   399  C C   . MET A 1 50  ? 1.289   2.129   -4.995  1.00 30.80  ? 398 MET A C   1 
ATOM   400  O O   . MET A 1 50  ? 1.552   0.934   -5.120  1.00 30.11  ? 398 MET A O   1 
ATOM   401  C CB  . MET A 1 50  ? -1.154  2.659   -5.303  1.00 30.83  ? 398 MET A CB  1 
ATOM   402  C CG  . MET A 1 50  ? -1.427  3.520   -4.062  1.00 33.56  ? 398 MET A CG  1 
ATOM   403  S SD  . MET A 1 50  ? -1.022  5.290   -4.165  1.00 37.08  ? 398 MET A SD  1 
ATOM   404  C CE  . MET A 1 50  ? -2.107  5.805   -5.537  1.00 33.53  ? 398 MET A CE  1 
ATOM   405  N N   . ASP A 1 51  ? 1.859   2.919   -4.093  1.00 26.75  ? 399 ASP A N   1 
ATOM   406  C CA  . ASP A 1 51  ? 2.850   2.494   -3.113  1.00 26.97  ? 399 ASP A CA  1 
ATOM   407  C C   . ASP A 1 51  ? 2.656   3.327   -1.856  1.00 30.28  ? 399 ASP A C   1 
ATOM   408  O O   . ASP A 1 51  ? 1.947   4.332   -1.887  1.00 29.85  ? 399 ASP A O   1 
ATOM   409  C CB  . ASP A 1 51  ? 4.259   2.709   -3.660  1.00 28.82  ? 399 ASP A CB  1 
ATOM   410  C CG  . ASP A 1 51  ? 4.513   4.164   -3.964  1.00 36.91  ? 399 ASP A CG  1 
ATOM   411  O OD1 . ASP A 1 51  ? 4.008   4.645   -4.991  1.00 38.10  ? 399 ASP A OD1 1 
ATOM   412  O OD2 . ASP A 1 51  ? 5.200   4.824   -3.162  1.00 41.52  ? 399 ASP A OD2 1 
ATOM   413  N N   . MET A 1 52  ? 3.335   2.954   -0.784  1.00 26.92  ? 400 MET A N   1 
ATOM   414  C CA  . MET A 1 52  ? 3.223   3.627   0.512   1.00 26.80  ? 400 MET A CA  1 
ATOM   415  C C   . MET A 1 52  ? 3.733   5.075   0.533   1.00 32.39  ? 400 MET A C   1 
ATOM   416  O O   . MET A 1 52  ? 3.172   5.896   1.264   1.00 31.94  ? 400 MET A O   1 
ATOM   417  C CB  . MET A 1 52  ? 3.900   2.794   1.590   1.00 28.54  ? 400 MET A CB  1 
ATOM   418  C CG  . MET A 1 52  ? 3.170   1.497   1.893   1.00 31.78  ? 400 MET A CG  1 
ATOM   419  S SD  . MET A 1 52  ? 4.184   0.332   2.828   1.00 35.65  ? 400 MET A SD  1 
ATOM   420  C CE  . MET A 1 52  ? 4.543   1.296   4.241   1.00 32.09  ? 400 MET A CE  1 
ATOM   421  N N   . SER A 1 53  ? 4.793   5.387   -0.246  1.00 30.44  ? 401 SER A N   1 
ATOM   422  C CA  . SER A 1 53  ? 5.346   6.749   -0.313  1.00 30.73  ? 401 SER A CA  1 
ATOM   423  C C   . SER A 1 53  ? 4.386   7.700   -1.019  1.00 34.78  ? 401 SER A C   1 
ATOM   424  O O   . SER A 1 53  ? 4.286   8.856   -0.615  1.00 35.33  ? 401 SER A O   1 
ATOM   425  C CB  . SER A 1 53  ? 6.722   6.764   -0.970  1.00 33.25  ? 401 SER A CB  1 
ATOM   426  O OG  . SER A 1 53  ? 7.682   6.227   -0.075  1.00 41.93  ? 401 SER A OG  1 
ATOM   427  N N   . THR A 1 54  ? 3.668   7.205   -2.048  1.00 31.00  ? 402 THR A N   1 
ATOM   428  C CA  . THR A 1 54  ? 2.655   7.971   -2.772  1.00 30.72  ? 402 THR A CA  1 
ATOM   429  C C   . THR A 1 54  ? 1.455   8.216   -1.854  1.00 34.09  ? 402 THR A C   1 
ATOM   430  O O   . THR A 1 54  ? 0.905   9.323   -1.871  1.00 33.97  ? 402 THR A O   1 
ATOM   431  C CB  . THR A 1 54  ? 2.301   7.310   -4.107  1.00 37.34  ? 402 THR A CB  1 
ATOM   432  O OG1 . THR A 1 54  ? 3.484   7.233   -4.895  1.00 40.97  ? 402 THR A OG1 1 
ATOM   433  C CG2 . THR A 1 54  ? 1.242   8.085   -4.892  1.00 36.14  ? 402 THR A CG2 1 
ATOM   434  N N   . ILE A 1 55  ? 1.080   7.204   -1.031  1.00 29.90  ? 403 ILE A N   1 
ATOM   435  C CA  . ILE A 1 55  ? -0.026  7.311   -0.063  1.00 30.31  ? 403 ILE A CA  1 
ATOM   436  C C   . ILE A 1 55  ? 0.339   8.346   1.014   1.00 34.54  ? 403 ILE A C   1 
ATOM   437  O O   . ILE A 1 55  ? -0.483  9.212   1.310   1.00 34.55  ? 403 ILE A O   1 
ATOM   438  C CB  . ILE A 1 55  ? -0.475  5.938   0.528   1.00 32.98  ? 403 ILE A CB  1 
ATOM   439  C CG1 . ILE A 1 55  ? -1.015  4.997   -0.568  1.00 32.92  ? 403 ILE A CG1 1 
ATOM   440  C CG2 . ILE A 1 55  ? -1.516  6.116   1.643   1.00 32.90  ? 403 ILE A CG2 1 
ATOM   441  C CD1 . ILE A 1 55  ? -0.978  3.491   -0.230  1.00 36.83  ? 403 ILE A CD1 1 
ATOM   442  N N   . LYS A 1 56  ? 1.577   8.278   1.559   1.00 31.64  ? 404 LYS A N   1 
ATOM   443  C CA  . LYS A 1 56  ? 2.088   9.221   2.561   1.00 31.80  ? 404 LYS A CA  1 
ATOM   444  C C   . LYS A 1 56  ? 1.983   10.663  2.062   1.00 38.19  ? 404 LYS A C   1 
ATOM   445  O O   . LYS A 1 56  ? 1.531   11.531  2.809   1.00 38.33  ? 404 LYS A O   1 
ATOM   446  C CB  . LYS A 1 56  ? 3.539   8.896   2.939   1.00 33.59  ? 404 LYS A CB  1 
ATOM   447  C CG  . LYS A 1 56  ? 4.023   9.669   4.165   1.00 41.62  ? 404 LYS A CG  1 
ATOM   448  C CD  . LYS A 1 56  ? 5.451   9.332   4.551   1.00 51.87  ? 404 LYS A CD  1 
ATOM   449  C CE  . LYS A 1 56  ? 5.861   10.087  5.793   1.00 62.97  ? 404 LYS A CE  1 
ATOM   450  N NZ  . LYS A 1 56  ? 7.239   9.734   6.226   1.00 73.92  ? 404 LYS A NZ  1 
ATOM   451  N N   . SER A 1 57  ? 2.375   10.899  0.793   1.00 35.74  ? 405 SER A N   1 
ATOM   452  C CA  . SER A 1 57  ? 2.322   12.206  0.141   1.00 36.17  ? 405 SER A CA  1 
ATOM   453  C C   . SER A 1 57  ? 0.880   12.641  -0.062  1.00 40.87  ? 405 SER A C   1 
ATOM   454  O O   . SER A 1 57  ? 0.576   13.808  0.167   1.00 41.08  ? 405 SER A O   1 
ATOM   455  C CB  . SER A 1 57  ? 3.051   12.174  -1.201  1.00 39.33  ? 405 SER A CB  1 
ATOM   456  O OG  . SER A 1 57  ? 4.411   11.803  -1.057  1.00 47.06  ? 405 SER A OG  1 
ATOM   457  N N   . LYS A 1 58  ? -0.010  11.705  -0.473  1.00 37.79  ? 406 LYS A N   1 
ATOM   458  C CA  . LYS A 1 58  ? -1.430  11.989  -0.693  1.00 37.68  ? 406 LYS A CA  1 
ATOM   459  C C   . LYS A 1 58  ? -2.143  12.414  0.601   1.00 44.19  ? 406 LYS A C   1 
ATOM   460  O O   . LYS A 1 58  ? -2.983  13.312  0.546   1.00 43.72  ? 406 LYS A O   1 
ATOM   461  C CB  . LYS A 1 58  ? -2.143  10.840  -1.414  1.00 38.54  ? 406 LYS A CB  1 
ATOM   462  C CG  . LYS A 1 58  ? -1.876  10.847  -2.924  1.00 38.74  ? 406 LYS A CG  1 
ATOM   463  C CD  . LYS A 1 58  ? -2.600  9.732   -3.685  1.00 41.76  ? 406 LYS A CD  1 
ATOM   464  C CE  . LYS A 1 58  ? -4.057  10.028  -3.973  1.00 45.18  ? 406 LYS A CE  1 
ATOM   465  N NZ  . LYS A 1 58  ? -4.694  8.945   -4.775  1.00 48.06  ? 406 LYS A NZ  1 
ATOM   466  N N   . LEU A 1 59  ? -1.749  11.844  1.763   1.00 42.37  ? 407 LEU A N   1 
ATOM   467  C CA  . LEU A 1 59  ? -2.292  12.238  3.070   1.00 43.11  ? 407 LEU A CA  1 
ATOM   468  C C   . LEU A 1 59  ? -1.806  13.663  3.415   1.00 49.53  ? 407 LEU A C   1 
ATOM   469  O O   . LEU A 1 59  ? -2.614  14.505  3.822   1.00 49.35  ? 407 LEU A O   1 
ATOM   470  C CB  . LEU A 1 59  ? -1.843  11.270  4.188   1.00 42.95  ? 407 LEU A CB  1 
ATOM   471  C CG  . LEU A 1 59  ? -2.589  9.940   4.359   1.00 46.98  ? 407 LEU A CG  1 
ATOM   472  C CD1 . LEU A 1 59  ? -1.727  8.942   5.108   1.00 46.79  ? 407 LEU A CD1 1 
ATOM   473  C CD2 . LEU A 1 59  ? -3.921  10.126  5.098   1.00 47.50  ? 407 LEU A CD2 1 
ATOM   474  N N   . GLU A 1 60  ? -0.485  13.923  3.228   1.00 46.93  ? 408 GLU A N   1 
ATOM   475  C CA  . GLU A 1 60  ? 0.171   15.207  3.509   1.00 47.18  ? 408 GLU A CA  1 
ATOM   476  C C   . GLU A 1 60  ? -0.297  16.342  2.586   1.00 50.48  ? 408 GLU A C   1 
ATOM   477  O O   . GLU A 1 60  ? -0.202  17.506  2.971   1.00 50.20  ? 408 GLU A O   1 
ATOM   478  C CB  . GLU A 1 60  ? 1.703   15.067  3.496   1.00 48.70  ? 408 GLU A CB  1 
ATOM   479  C CG  . GLU A 1 60  ? 2.258   14.255  4.659   1.00 60.58  ? 408 GLU A CG  1 
ATOM   480  C CD  . GLU A 1 60  ? 3.727   13.873  4.595   1.00 81.83  ? 408 GLU A CD  1 
ATOM   481  O OE1 . GLU A 1 60  ? 4.330   13.960  3.500   1.00 75.71  ? 408 GLU A OE1 1 
ATOM   482  O OE2 . GLU A 1 60  ? 4.270   13.453  5.643   1.00 76.99  ? 408 GLU A OE2 1 
ATOM   483  N N   . ALA A 1 61  ? -0.796  16.002  1.382   1.00 46.38  ? 409 ALA A N   1 
ATOM   484  C CA  . ALA A 1 61  ? -1.343  16.954  0.409   1.00 45.95  ? 409 ALA A CA  1 
ATOM   485  C C   . ALA A 1 61  ? -2.875  17.048  0.552   1.00 49.98  ? 409 ALA A C   1 
ATOM   486  O O   . ALA A 1 61  ? -3.522  17.763  -0.222  1.00 50.05  ? 409 ALA A O   1 
ATOM   487  C CB  . ALA A 1 61  ? -0.965  16.544  -1.008  1.00 46.47  ? 409 ALA A CB  1 
ATOM   488  N N   . ARG A 1 62  ? -3.445  16.327  1.556   1.00 45.78  ? 410 ARG A N   1 
ATOM   489  C CA  . ARG A 1 62  ? -4.878  16.275  1.898   1.00 45.53  ? 410 ARG A CA  1 
ATOM   490  C C   . ARG A 1 62  ? -5.745  15.808  0.721   1.00 48.78  ? 410 ARG A C   1 
ATOM   491  O O   . ARG A 1 62  ? -6.883  16.265  0.555   1.00 49.01  ? 410 ARG A O   1 
ATOM   492  C CB  . ARG A 1 62  ? -5.380  17.622  2.463   1.00 46.99  ? 410 ARG A CB  1 
ATOM   493  C CG  . ARG A 1 62  ? -4.656  18.120  3.710   1.00 56.91  ? 410 ARG A CG  1 
ATOM   494  C CD  . ARG A 1 62  ? -5.072  19.545  4.037   1.00 68.43  ? 410 ARG A CD  1 
ATOM   495  N NE  . ARG A 1 62  ? -6.465  19.633  4.488   1.00 75.60  ? 410 ARG A NE  1 
ATOM   496  C CZ  . ARG A 1 62  ? -7.107  20.771  4.732   1.00 87.13  ? 410 ARG A CZ  1 
ATOM   497  N NH1 . ARG A 1 62  ? -6.494  21.937  4.567   1.00 72.61  ? 410 ARG A NH1 1 
ATOM   498  N NH2 . ARG A 1 62  ? -8.369  20.753  5.140   1.00 72.98  ? 410 ARG A NH2 1 
ATOM   499  N N   . GLU A 1 63  ? -5.207  14.879  -0.084  1.00 43.77  ? 411 GLU A N   1 
ATOM   500  C CA  . GLU A 1 63  ? -5.883  14.325  -1.255  1.00 42.94  ? 411 GLU A CA  1 
ATOM   501  C C   . GLU A 1 63  ? -6.975  13.301  -0.899  1.00 45.33  ? 411 GLU A C   1 
ATOM   502  O O   . GLU A 1 63  ? -7.721  12.893  -1.786  1.00 46.05  ? 411 GLU A O   1 
ATOM   503  C CB  . GLU A 1 63  ? -4.867  13.751  -2.260  1.00 44.36  ? 411 GLU A CB  1 
ATOM   504  C CG  . GLU A 1 63  ? -3.966  14.800  -2.901  1.00 53.78  ? 411 GLU A CG  1 
ATOM   505  C CD  . GLU A 1 63  ? -2.922  14.267  -3.864  1.00 70.45  ? 411 GLU A CD  1 
ATOM   506  O OE1 . GLU A 1 63  ? -3.300  13.598  -4.854  1.00 59.28  ? 411 GLU A OE1 1 
ATOM   507  O OE2 . GLU A 1 63  ? -1.721  14.544  -3.643  1.00 68.21  ? 411 GLU A OE2 1 
ATOM   508  N N   . TYR A 1 64  ? -7.083  12.901  0.386   1.00 40.26  ? 412 TYR A N   1 
ATOM   509  C CA  . TYR A 1 64  ? -8.113  11.967  0.862   1.00 39.60  ? 412 TYR A CA  1 
ATOM   510  C C   . TYR A 1 64  ? -9.146  12.703  1.697   1.00 43.93  ? 412 TYR A C   1 
ATOM   511  O O   . TYR A 1 64  ? -8.790  13.340  2.690   1.00 42.54  ? 412 TYR A O   1 
ATOM   512  C CB  . TYR A 1 64  ? -7.517  10.822  1.714   1.00 39.76  ? 412 TYR A CB  1 
ATOM   513  C CG  . TYR A 1 64  ? -6.412  10.023  1.062   1.00 40.04  ? 412 TYR A CG  1 
ATOM   514  C CD1 . TYR A 1 64  ? -6.616  9.372   -0.150  1.00 41.86  ? 412 TYR A CD1 1 
ATOM   515  C CD2 . TYR A 1 64  ? -5.191  9.840   1.701   1.00 40.04  ? 412 TYR A CD2 1 
ATOM   516  C CE1 . TYR A 1 64  ? -5.606  8.617   -0.743  1.00 42.27  ? 412 TYR A CE1 1 
ATOM   517  C CE2 . TYR A 1 64  ? -4.177  9.085   1.121   1.00 40.46  ? 412 TYR A CE2 1 
ATOM   518  C CZ  . TYR A 1 64  ? -4.392  8.468   -0.098  1.00 46.36  ? 412 TYR A CZ  1 
ATOM   519  O OH  . TYR A 1 64  ? -3.393  7.722   -0.663  1.00 46.60  ? 412 TYR A OH  1 
ATOM   520  N N   . ARG A 1 65  ? -10.427 12.587  1.316   1.00 42.59  ? 413 ARG A N   1 
ATOM   521  C CA  . ARG A 1 65  ? -11.550 13.218  2.020   1.00 42.85  ? 413 ARG A CA  1 
ATOM   522  C C   . ARG A 1 65  ? -11.787 12.539  3.367   1.00 47.13  ? 413 ARG A C   1 
ATOM   523  O O   . ARG A 1 65  ? -12.094 13.214  4.354   1.00 47.29  ? 413 ARG A O   1 
ATOM   524  C CB  . ARG A 1 65  ? -12.836 13.138  1.175   1.00 43.25  ? 413 ARG A CB  1 
ATOM   525  C CG  . ARG A 1 65  ? -12.903 14.146  0.035   1.00 53.32  ? 413 ARG A CG  1 
ATOM   526  C CD  . ARG A 1 65  ? -13.801 13.658  -1.085  1.00 60.76  ? 413 ARG A CD  1 
ATOM   527  N NE  . ARG A 1 65  ? -15.214 13.952  -0.848  1.00 68.54  ? 413 ARG A NE  1 
ATOM   528  C CZ  . ARG A 1 65  ? -16.225 13.309  -1.427  1.00 82.13  ? 413 ARG A CZ  1 
ATOM   529  N NH1 . ARG A 1 65  ? -15.992 12.294  -2.251  1.00 66.26  ? 413 ARG A NH1 1 
ATOM   530  N NH2 . ARG A 1 65  ? -17.477 13.659  -1.167  1.00 72.10  ? 413 ARG A NH2 1 
ATOM   531  N N   . ASP A 1 66  ? -11.654 11.198  3.394   1.00 42.55  ? 414 ASP A N   1 
ATOM   532  C CA  . ASP A 1 66  ? -11.891 10.365  4.571   1.00 41.25  ? 414 ASP A CA  1 
ATOM   533  C C   . ASP A 1 66  ? -11.066 9.064   4.552   1.00 42.55  ? 414 ASP A C   1 
ATOM   534  O O   . ASP A 1 66  ? -10.285 8.827   3.623   1.00 41.35  ? 414 ASP A O   1 
ATOM   535  C CB  . ASP A 1 66  ? -13.403 10.068  4.708   1.00 43.13  ? 414 ASP A CB  1 
ATOM   536  C CG  . ASP A 1 66  ? -14.073 9.604   3.425   1.00 54.30  ? 414 ASP A CG  1 
ATOM   537  O OD1 . ASP A 1 66  ? -13.780 8.480   2.973   1.00 55.78  ? 414 ASP A OD1 1 
ATOM   538  O OD2 . ASP A 1 66  ? -14.900 10.362  2.882   1.00 61.06  ? 414 ASP A OD2 1 
ATOM   539  N N   . ALA A 1 67  ? -11.244 8.237   5.603   1.00 37.82  ? 415 ALA A N   1 
ATOM   540  C CA  . ALA A 1 67  ? -10.587 6.951   5.822   1.00 36.65  ? 415 ALA A CA  1 
ATOM   541  C C   . ALA A 1 67  ? -10.827 5.967   4.691   1.00 39.74  ? 415 ALA A C   1 
ATOM   542  O O   . ALA A 1 67  ? -9.902  5.241   4.325   1.00 39.40  ? 415 ALA A O   1 
ATOM   543  C CB  . ALA A 1 67  ? -11.040 6.352   7.146   1.00 37.17  ? 415 ALA A CB  1 
ATOM   544  N N   . GLN A 1 68  ? -12.050 5.961   4.111   1.00 36.36  ? 416 GLN A N   1 
ATOM   545  C CA  . GLN A 1 68  ? -12.402 5.064   3.008   1.00 36.22  ? 416 GLN A CA  1 
ATOM   546  C C   . GLN A 1 68  ? -11.553 5.313   1.767   1.00 39.68  ? 416 GLN A C   1 
ATOM   547  O O   . GLN A 1 68  ? -11.129 4.351   1.128   1.00 39.11  ? 416 GLN A O   1 
ATOM   548  C CB  . GLN A 1 68  ? -13.913 5.088   2.681   1.00 37.53  ? 416 GLN A CB  1 
ATOM   549  C CG  . GLN A 1 68  ? -14.856 4.734   3.850   1.00 60.40  ? 416 GLN A CG  1 
ATOM   550  C CD  . GLN A 1 68  ? -14.414 3.585   4.739   1.00 81.68  ? 416 GLN A CD  1 
ATOM   551  O OE1 . GLN A 1 68  ? -14.252 2.438   4.297   1.00 75.50  ? 416 GLN A OE1 1 
ATOM   552  N NE2 . GLN A 1 68  ? -14.236 3.871   6.026   1.00 74.61  ? 416 GLN A NE2 1 
ATOM   553  N N   . GLU A 1 69  ? -11.259 6.599   1.466   1.00 36.33  ? 417 GLU A N   1 
ATOM   554  C CA  . GLU A 1 69  ? -10.430 7.029   0.332   1.00 35.76  ? 417 GLU A CA  1 
ATOM   555  C C   . GLU A 1 69  ? -8.983  6.568   0.513   1.00 38.15  ? 417 GLU A C   1 
ATOM   556  O O   . GLU A 1 69  ? -8.394  6.046   -0.435  1.00 38.59  ? 417 GLU A O   1 
ATOM   557  C CB  . GLU A 1 69  ? -10.505 8.557   0.130   1.00 37.20  ? 417 GLU A CB  1 
ATOM   558  C CG  . GLU A 1 69  ? -11.924 9.064   -0.096  1.00 48.26  ? 417 GLU A CG  1 
ATOM   559  C CD  . GLU A 1 69  ? -12.089 10.301  -0.962  1.00 63.90  ? 417 GLU A CD  1 
ATOM   560  O OE1 . GLU A 1 69  ? -11.148 11.126  -1.031  1.00 46.80  ? 417 GLU A OE1 1 
ATOM   561  O OE2 . GLU A 1 69  ? -13.186 10.460  -1.543  1.00 57.29  ? 417 GLU A OE2 1 
ATOM   562  N N   . PHE A 1 70  ? -8.420  6.744   1.730   1.00 32.93  ? 418 PHE A N   1 
ATOM   563  C CA  . PHE A 1 70  ? -7.069  6.286   2.089   1.00 31.96  ? 418 PHE A CA  1 
ATOM   564  C C   . PHE A 1 70  ? -7.032  4.739   1.986   1.00 35.29  ? 418 PHE A C   1 
ATOM   565  O O   . PHE A 1 70  ? -6.094  4.183   1.415   1.00 35.09  ? 418 PHE A O   1 
ATOM   566  C CB  . PHE A 1 70  ? -6.688  6.768   3.508   1.00 32.87  ? 418 PHE A CB  1 
ATOM   567  C CG  . PHE A 1 70  ? -5.610  5.973   4.220   1.00 33.65  ? 418 PHE A CG  1 
ATOM   568  C CD1 . PHE A 1 70  ? -4.272  6.317   4.096   1.00 35.70  ? 418 PHE A CD1 1 
ATOM   569  C CD2 . PHE A 1 70  ? -5.940  4.876   5.013   1.00 34.74  ? 418 PHE A CD2 1 
ATOM   570  C CE1 . PHE A 1 70  ? -3.279  5.581   4.753   1.00 36.25  ? 418 PHE A CE1 1 
ATOM   571  C CE2 . PHE A 1 70  ? -4.948  4.150   5.677   1.00 36.90  ? 418 PHE A CE2 1 
ATOM   572  C CZ  . PHE A 1 70  ? -3.624  4.499   5.531   1.00 34.89  ? 418 PHE A CZ  1 
ATOM   573  N N   . GLY A 1 71  ? -8.070  4.093   2.529   1.00 30.95  ? 419 GLY A N   1 
ATOM   574  C CA  . GLY A 1 71  ? -8.251  2.646   2.520   1.00 30.38  ? 419 GLY A CA  1 
ATOM   575  C C   . GLY A 1 71  ? -8.285  2.072   1.119   1.00 33.00  ? 419 GLY A C   1 
ATOM   576  O O   . GLY A 1 71  ? -7.700  1.012   0.871   1.00 31.83  ? 419 GLY A O   1 
ATOM   577  N N   . ALA A 1 72  ? -8.941  2.795   0.183   1.00 29.11  ? 420 ALA A N   1 
ATOM   578  C CA  . ALA A 1 72  ? -9.054  2.392   -1.216  1.00 28.73  ? 420 ALA A CA  1 
ATOM   579  C C   . ALA A 1 72  ? -7.680  2.380   -1.907  1.00 31.30  ? 420 ALA A C   1 
ATOM   580  O O   . ALA A 1 72  ? -7.422  1.476   -2.696  1.00 31.74  ? 420 ALA A O   1 
ATOM   581  C CB  . ALA A 1 72  ? -10.023 3.303   -1.959  1.00 29.55  ? 420 ALA A CB  1 
ATOM   582  N N   . ASP A 1 73  ? -6.808  3.359   -1.589  1.00 26.80  ? 421 ASP A N   1 
ATOM   583  C CA  . ASP A 1 73  ? -5.447  3.474   -2.128  1.00 26.87  ? 421 ASP A CA  1 
ATOM   584  C C   . ASP A 1 73  ? -4.518  2.395   -1.574  1.00 29.09  ? 421 ASP A C   1 
ATOM   585  O O   . ASP A 1 73  ? -3.671  1.890   -2.308  1.00 27.62  ? 421 ASP A O   1 
ATOM   586  C CB  . ASP A 1 73  ? -4.854  4.864   -1.866  1.00 28.73  ? 421 ASP A CB  1 
ATOM   587  C CG  . ASP A 1 73  ? -4.866  5.811   -3.059  1.00 37.22  ? 421 ASP A CG  1 
ATOM   588  O OD1 . ASP A 1 73  ? -5.639  5.566   -4.011  1.00 37.41  ? 421 ASP A OD1 1 
ATOM   589  O OD2 . ASP A 1 73  ? -4.131  6.810   -3.023  1.00 40.62  ? 421 ASP A OD2 1 
ATOM   590  N N   . VAL A 1 74  ? -4.670  2.049   -0.282  1.00 25.24  ? 422 VAL A N   1 
ATOM   591  C CA  . VAL A 1 74  ? -3.883  0.983   0.355   1.00 24.42  ? 422 VAL A CA  1 
ATOM   592  C C   . VAL A 1 74  ? -4.250  -0.355  -0.299  1.00 27.51  ? 422 VAL A C   1 
ATOM   593  O O   . VAL A 1 74  ? -3.363  -1.148  -0.618  1.00 27.86  ? 422 VAL A O   1 
ATOM   594  C CB  . VAL A 1 74  ? -4.087  0.946   1.889   1.00 27.69  ? 422 VAL A CB  1 
ATOM   595  C CG1 . VAL A 1 74  ? -3.433  -0.290  2.498   1.00 27.81  ? 422 VAL A CG1 1 
ATOM   596  C CG2 . VAL A 1 74  ? -3.542  2.209   2.544   1.00 27.17  ? 422 VAL A CG2 1 
ATOM   597  N N   . ARG A 1 75  ? -5.554  -0.588  -0.517  1.00 22.31  ? 423 ARG A N   1 
ATOM   598  C CA  . ARG A 1 75  ? -6.046  -1.819  -1.134  1.00 22.35  ? 423 ARG A CA  1 
ATOM   599  C C   . ARG A 1 75  ? -5.735  -1.910  -2.602  1.00 26.83  ? 423 ARG A C   1 
ATOM   600  O O   . ARG A 1 75  ? -5.597  -3.018  -3.110  1.00 27.58  ? 423 ARG A O   1 
ATOM   601  C CB  . ARG A 1 75  ? -7.525  -2.025  -0.860  1.00 20.15  ? 423 ARG A CB  1 
ATOM   602  C CG  . ARG A 1 75  ? -7.733  -2.458  0.573   1.00 26.52  ? 423 ARG A CG  1 
ATOM   603  C CD  . ARG A 1 75  ? -9.174  -2.667  0.840   1.00 26.34  ? 423 ARG A CD  1 
ATOM   604  N NE  . ARG A 1 75  ? -9.436  -2.926  2.250   1.00 31.25  ? 423 ARG A NE  1 
ATOM   605  C CZ  . ARG A 1 75  ? -10.414 -2.351  2.938   1.00 44.29  ? 423 ARG A CZ  1 
ATOM   606  N NH1 . ARG A 1 75  ? -11.221 -1.472  2.352   1.00 30.41  ? 423 ARG A NH1 1 
ATOM   607  N NH2 . ARG A 1 75  ? -10.593 -2.645  4.217   1.00 29.17  ? 423 ARG A NH2 1 
ATOM   608  N N   . LEU A 1 76  ? -5.583  -0.754  -3.274  1.00 23.53  ? 424 LEU A N   1 
ATOM   609  C CA  . LEU A 1 76  ? -5.190  -0.654  -4.683  1.00 23.35  ? 424 LEU A CA  1 
ATOM   610  C C   . LEU A 1 76  ? -3.761  -1.191  -4.793  1.00 27.53  ? 424 LEU A C   1 
ATOM   611  O O   . LEU A 1 76  ? -3.481  -2.003  -5.668  1.00 28.15  ? 424 LEU A O   1 
ATOM   612  C CB  . LEU A 1 76  ? -5.248  0.816   -5.144  1.00 23.13  ? 424 LEU A CB  1 
ATOM   613  C CG  . LEU A 1 76  ? -4.681  1.147   -6.531  1.00 27.89  ? 424 LEU A CG  1 
ATOM   614  C CD1 . LEU A 1 76  ? -5.493  0.473   -7.652  1.00 27.86  ? 424 LEU A CD1 1 
ATOM   615  C CD2 . LEU A 1 76  ? -4.641  2.646   -6.745  1.00 30.04  ? 424 LEU A CD2 1 
ATOM   616  N N   . MET A 1 77  ? -2.879  -0.762  -3.873  1.00 22.73  ? 425 MET A N   1 
ATOM   617  C CA  . MET A 1 77  ? -1.490  -1.207  -3.773  1.00 22.43  ? 425 MET A CA  1 
ATOM   618  C C   . MET A 1 77  ? -1.421  -2.739  -3.639  1.00 26.20  ? 425 MET A C   1 
ATOM   619  O O   . MET A 1 77  ? -0.629  -3.376  -4.334  1.00 26.29  ? 425 MET A O   1 
ATOM   620  C CB  . MET A 1 77  ? -0.827  -0.516  -2.578  1.00 24.58  ? 425 MET A CB  1 
ATOM   621  C CG  . MET A 1 77  ? 0.620   -0.903  -2.347  1.00 28.26  ? 425 MET A CG  1 
ATOM   622  S SD  . MET A 1 77  ? 1.252   -0.054  -0.889  1.00 32.46  ? 425 MET A SD  1 
ATOM   623  C CE  . MET A 1 77  ? 0.433   -0.986  0.428   1.00 28.65  ? 425 MET A CE  1 
ATOM   624  N N   . PHE A 1 78  ? -2.281  -3.330  -2.789  1.00 21.45  ? 426 PHE A N   1 
ATOM   625  C CA  . PHE A 1 78  ? -2.286  -4.780  -2.600  1.00 20.64  ? 426 PHE A CA  1 
ATOM   626  C C   . PHE A 1 78  ? -2.885  -5.510  -3.785  1.00 24.20  ? 426 PHE A C   1 
ATOM   627  O O   . PHE A 1 78  ? -2.323  -6.515  -4.208  1.00 24.39  ? 426 PHE A O   1 
ATOM   628  C CB  . PHE A 1 78  ? -2.954  -5.186  -1.272  1.00 21.67  ? 426 PHE A CB  1 
ATOM   629  C CG  . PHE A 1 78  ? -2.232  -4.690  -0.043  1.00 22.85  ? 426 PHE A CG  1 
ATOM   630  C CD1 . PHE A 1 78  ? -0.889  -4.994  0.169   1.00 26.21  ? 426 PHE A CD1 1 
ATOM   631  C CD2 . PHE A 1 78  ? -2.905  -3.973  0.933   1.00 24.02  ? 426 PHE A CD2 1 
ATOM   632  C CE1 . PHE A 1 78  ? -0.225  -4.547  1.312   1.00 26.42  ? 426 PHE A CE1 1 
ATOM   633  C CE2 . PHE A 1 78  ? -2.243  -3.546  2.087   1.00 26.85  ? 426 PHE A CE2 1 
ATOM   634  C CZ  . PHE A 1 78  ? -0.907  -3.827  2.264   1.00 24.78  ? 426 PHE A CZ  1 
ATOM   635  N N   . SER A 1 79  ? -3.992  -4.990  -4.344  1.00 21.09  ? 427 SER A N   1 
ATOM   636  C CA  . SER A 1 79  ? -4.652  -5.580  -5.506  1.00 21.55  ? 427 SER A CA  1 
ATOM   637  C C   . SER A 1 79  ? -3.769  -5.552  -6.746  1.00 25.74  ? 427 SER A C   1 
ATOM   638  O O   . SER A 1 79  ? -3.785  -6.518  -7.507  1.00 25.73  ? 427 SER A O   1 
ATOM   639  C CB  . SER A 1 79  ? -5.999  -4.922  -5.768  1.00 25.10  ? 427 SER A CB  1 
ATOM   640  O OG  . SER A 1 79  ? -6.847  -5.109  -4.645  1.00 34.42  ? 427 SER A OG  1 
ATOM   641  N N   . ASN A 1 80  ? -2.963  -4.486  -6.926  1.00 22.38  ? 428 ASN A N   1 
ATOM   642  C CA  . ASN A 1 80  ? -2.007  -4.382  -8.040  1.00 22.68  ? 428 ASN A CA  1 
ATOM   643  C C   . ASN A 1 80  ? -0.998  -5.512  -7.945  1.00 28.81  ? 428 ASN A C   1 
ATOM   644  O O   . ASN A 1 80  ? -0.638  -6.107  -8.964  1.00 28.80  ? 428 ASN A O   1 
ATOM   645  C CB  . ASN A 1 80  ? -1.248  -3.053  -8.004  1.00 19.16  ? 428 ASN A CB  1 
ATOM   646  C CG  . ASN A 1 80  ? -2.051  -1.873  -8.450  1.00 26.85  ? 428 ASN A CG  1 
ATOM   647  O OD1 . ASN A 1 80  ? -3.082  -2.010  -9.111  1.00 23.14  ? 428 ASN A OD1 1 
ATOM   648  N ND2 . ASN A 1 80  ? -1.567  -0.679  -8.129  1.00 14.66  ? 428 ASN A ND2 1 
ATOM   649  N N   . CYS A 1 81  ? -0.549  -5.808  -6.709  1.00 25.92  ? 429 CYS A N   1 
ATOM   650  C CA  . CYS A 1 81  ? 0.416   -6.859  -6.455  1.00 25.80  ? 429 CYS A CA  1 
ATOM   651  C C   . CYS A 1 81  ? -0.177  -8.224  -6.752  1.00 28.37  ? 429 CYS A C   1 
ATOM   652  O O   . CYS A 1 81  ? 0.488   -9.023  -7.401  1.00 27.14  ? 429 CYS A O   1 
ATOM   653  C CB  . CYS A 1 81  ? 0.965   -6.773  -5.034  1.00 26.21  ? 429 CYS A CB  1 
ATOM   654  S SG  . CYS A 1 81  ? 2.192   -8.044  -4.643  1.00 30.05  ? 429 CYS A SG  1 
ATOM   655  N N   . TYR A 1 82  ? -1.431  -8.484  -6.316  1.00 25.27  ? 430 TYR A N   1 
ATOM   656  C CA  . TYR A 1 82  ? -2.098  -9.761  -6.578  1.00 25.00  ? 430 TYR A CA  1 
ATOM   657  C C   . TYR A 1 82  ? -2.440  -9.940  -8.059  1.00 29.62  ? 430 TYR A C   1 
ATOM   658  O O   . TYR A 1 82  ? -2.427  -11.061 -8.542  1.00 28.91  ? 430 TYR A O   1 
ATOM   659  C CB  . TYR A 1 82  ? -3.356  -9.962  -5.705  1.00 25.16  ? 430 TYR A CB  1 
ATOM   660  C CG  . TYR A 1 82  ? -3.162  -9.730  -4.220  1.00 25.67  ? 430 TYR A CG  1 
ATOM   661  C CD1 . TYR A 1 82  ? -2.069  -10.268 -3.544  1.00 27.23  ? 430 TYR A CD1 1 
ATOM   662  C CD2 . TYR A 1 82  ? -4.111  -9.038  -3.472  1.00 25.69  ? 430 TYR A CD2 1 
ATOM   663  C CE1 . TYR A 1 82  ? -1.893  -10.071 -2.180  1.00 26.52  ? 430 TYR A CE1 1 
ATOM   664  C CE2 . TYR A 1 82  ? -3.931  -8.809  -2.109  1.00 26.17  ? 430 TYR A CE2 1 
ATOM   665  C CZ  . TYR A 1 82  ? -2.831  -9.347  -1.464  1.00 30.97  ? 430 TYR A CZ  1 
ATOM   666  O OH  . TYR A 1 82  ? -2.646  -9.148  -0.122  1.00 31.56  ? 430 TYR A OH  1 
ATOM   667  N N   . LYS A 1 83  ? -2.744  -8.847  -8.771  1.00 28.05  ? 431 LYS A N   1 
ATOM   668  C CA  . LYS A 1 83  ? -3.072  -8.888  -10.200 1.00 28.73  ? 431 LYS A CA  1 
ATOM   669  C C   . LYS A 1 83  ? -1.840  -9.145  -11.074 1.00 34.05  ? 431 LYS A C   1 
ATOM   670  O O   . LYS A 1 83  ? -1.904  -9.977  -11.978 1.00 33.74  ? 431 LYS A O   1 
ATOM   671  C CB  . LYS A 1 83  ? -3.771  -7.590  -10.646 1.00 30.68  ? 431 LYS A CB  1 
ATOM   672  C CG  . LYS A 1 83  ? -4.292  -7.623  -12.084 1.00 39.29  ? 431 LYS A CG  1 
ATOM   673  C CD  . LYS A 1 83  ? -5.007  -6.338  -12.445 1.00 47.11  ? 431 LYS A CD  1 
ATOM   674  C CE  . LYS A 1 83  ? -5.396  -6.306  -13.899 1.00 60.57  ? 431 LYS A CE  1 
ATOM   675  N NZ  . LYS A 1 83  ? -6.041  -5.017  -14.262 1.00 71.12  ? 431 LYS A NZ  1 
ATOM   676  N N   . TYR A 1 84  ? -0.739  -8.424  -10.821 1.00 32.30  ? 432 TYR A N   1 
ATOM   677  C CA  . TYR A 1 84  ? 0.464   -8.528  -11.642 1.00 32.76  ? 432 TYR A CA  1 
ATOM   678  C C   . TYR A 1 84  ? 1.264   -9.819  -11.451 1.00 37.71  ? 432 TYR A C   1 
ATOM   679  O O   . TYR A 1 84  ? 1.660   -10.439 -12.435 1.00 37.39  ? 432 TYR A O   1 
ATOM   680  C CB  . TYR A 1 84  ? 1.372   -7.293  -11.449 1.00 34.35  ? 432 TYR A CB  1 
ATOM   681  C CG  . TYR A 1 84  ? 2.656   -7.378  -12.247 1.00 36.33  ? 432 TYR A CG  1 
ATOM   682  C CD1 . TYR A 1 84  ? 2.648   -7.248  -13.634 1.00 38.41  ? 432 TYR A CD1 1 
ATOM   683  C CD2 . TYR A 1 84  ? 3.868   -7.655  -11.624 1.00 36.87  ? 432 TYR A CD2 1 
ATOM   684  C CE1 . TYR A 1 84  ? 3.818   -7.382  -14.380 1.00 39.25  ? 432 TYR A CE1 1 
ATOM   685  C CE2 . TYR A 1 84  ? 5.044   -7.788  -12.359 1.00 37.86  ? 432 TYR A CE2 1 
ATOM   686  C CZ  . TYR A 1 84  ? 5.016   -7.649  -13.737 1.00 44.08  ? 432 TYR A CZ  1 
ATOM   687  O OH  . TYR A 1 84  ? 6.174   -7.783  -14.465 1.00 42.05  ? 432 TYR A OH  1 
ATOM   688  N N   . ASN A 1 85  ? 1.543   -10.192 -10.203 1.00 35.58  ? 433 ASN A N   1 
ATOM   689  C CA  . ASN A 1 85  ? 2.398   -11.326 -9.876  1.00 35.57  ? 433 ASN A CA  1 
ATOM   690  C C   . ASN A 1 85  ? 1.727   -12.696 -9.872  1.00 42.22  ? 433 ASN A C   1 
ATOM   691  O O   . ASN A 1 85  ? 0.536   -12.777 -9.567  1.00 42.77  ? 433 ASN A O   1 
ATOM   692  C CB  . ASN A 1 85  ? 3.065   -11.081 -8.536  1.00 31.89  ? 433 ASN A CB  1 
ATOM   693  C CG  . ASN A 1 85  ? 3.861   -9.816  -8.506  1.00 39.78  ? 433 ASN A CG  1 
ATOM   694  O OD1 . ASN A 1 85  ? 4.978   -9.750  -9.014  1.00 36.11  ? 433 ASN A OD1 1 
ATOM   695  N ND2 . ASN A 1 85  ? 3.293   -8.782  -7.915  1.00 24.26  ? 433 ASN A ND2 1 
ATOM   696  N N   . PRO A 1 86  ? 2.484   -13.796 -10.141 1.00 40.22  ? 434 PRO A N   1 
ATOM   697  C CA  . PRO A 1 86  ? 1.882   -15.143 -10.046 1.00 40.64  ? 434 PRO A CA  1 
ATOM   698  C C   . PRO A 1 86  ? 1.505   -15.451 -8.592  1.00 44.53  ? 434 PRO A C   1 
ATOM   699  O O   . PRO A 1 86  ? 2.187   -14.960 -7.690  1.00 44.03  ? 434 PRO A O   1 
ATOM   700  C CB  . PRO A 1 86  ? 3.002   -16.078 -10.534 1.00 42.25  ? 434 PRO A CB  1 
ATOM   701  C CG  . PRO A 1 86  ? 3.990   -15.197 -11.222 1.00 46.48  ? 434 PRO A CG  1 
ATOM   702  C CD  . PRO A 1 86  ? 3.912   -13.886 -10.507 1.00 41.92  ? 434 PRO A CD  1 
ATOM   703  N N   . PRO A 1 87  ? 0.440   -16.242 -8.324  1.00 41.46  ? 435 PRO A N   1 
ATOM   704  C CA  . PRO A 1 87  ? 0.047   -16.504 -6.923  1.00 41.39  ? 435 PRO A CA  1 
ATOM   705  C C   . PRO A 1 87  ? 1.124   -17.095 -6.001  1.00 45.63  ? 435 PRO A C   1 
ATOM   706  O O   . PRO A 1 87  ? 1.004   -16.950 -4.784  1.00 45.14  ? 435 PRO A O   1 
ATOM   707  C CB  . PRO A 1 87  ? -1.154  -17.450 -7.057  1.00 43.24  ? 435 PRO A CB  1 
ATOM   708  C CG  . PRO A 1 87  ? -1.095  -17.983 -8.455  1.00 47.73  ? 435 PRO A CG  1 
ATOM   709  C CD  . PRO A 1 87  ? -0.495  -16.885 -9.270  1.00 43.27  ? 435 PRO A CD  1 
ATOM   710  N N   . ASP A 1 88  ? 2.177   -17.724 -6.563  1.00 42.96  ? 436 ASP A N   1 
ATOM   711  C CA  . ASP A 1 88  ? 3.254   -18.338 -5.777  1.00 43.64  ? 436 ASP A CA  1 
ATOM   712  C C   . ASP A 1 88  ? 4.463   -17.415 -5.550  1.00 46.92  ? 436 ASP A C   1 
ATOM   713  O O   . ASP A 1 88  ? 5.368   -17.786 -4.798  1.00 47.03  ? 436 ASP A O   1 
ATOM   714  C CB  . ASP A 1 88  ? 3.687   -19.699 -6.379  1.00 46.29  ? 436 ASP A CB  1 
ATOM   715  C CG  . ASP A 1 88  ? 4.175   -19.673 -7.822  1.00 62.77  ? 436 ASP A CG  1 
ATOM   716  O OD1 . ASP A 1 88  ? 3.520   -19.011 -8.664  1.00 63.70  ? 436 ASP A OD1 1 
ATOM   717  O OD2 . ASP A 1 88  ? 5.161   -20.383 -8.126  1.00 71.04  ? 436 ASP A OD2 1 
ATOM   718  N N   . HIS A 1 89  ? 4.465   -16.210 -6.159  1.00 42.47  ? 437 HIS A N   1 
ATOM   719  C CA  . HIS A 1 89  ? 5.549   -15.231 -6.015  1.00 41.35  ? 437 HIS A CA  1 
ATOM   720  C C   . HIS A 1 89  ? 5.757   -14.821 -4.558  1.00 43.04  ? 437 HIS A C   1 
ATOM   721  O O   . HIS A 1 89  ? 4.790   -14.724 -3.802  1.00 42.41  ? 437 HIS A O   1 
ATOM   722  C CB  . HIS A 1 89  ? 5.285   -13.992 -6.880  1.00 42.26  ? 437 HIS A CB  1 
ATOM   723  C CG  . HIS A 1 89  ? 6.529   -13.269 -7.297  1.00 45.78  ? 437 HIS A CG  1 
ATOM   724  N ND1 . HIS A 1 89  ? 7.289   -12.547 -6.388  1.00 47.77  ? 437 HIS A ND1 1 
ATOM   725  C CD2 . HIS A 1 89  ? 7.092   -13.160 -8.522  1.00 47.58  ? 437 HIS A CD2 1 
ATOM   726  C CE1 . HIS A 1 89  ? 8.287   -12.029 -7.087  1.00 47.31  ? 437 HIS A CE1 1 
ATOM   727  N NE2 . HIS A 1 89  ? 8.209   -12.369 -8.377  1.00 47.54  ? 437 HIS A NE2 1 
ATOM   728  N N   . GLU A 1 90  ? 7.028   -14.610 -4.169  1.00 38.94  ? 438 GLU A N   1 
ATOM   729  C CA  . GLU A 1 90  ? 7.469   -14.214 -2.826  1.00 38.01  ? 438 GLU A CA  1 
ATOM   730  C C   . GLU A 1 90  ? 6.798   -12.905 -2.368  1.00 39.52  ? 438 GLU A C   1 
ATOM   731  O O   . GLU A 1 90  ? 6.427   -12.792 -1.199  1.00 39.31  ? 438 GLU A O   1 
ATOM   732  C CB  . GLU A 1 90  ? 8.999   -14.047 -2.826  1.00 39.65  ? 438 GLU A CB  1 
ATOM   733  C CG  . GLU A 1 90  ? 9.648   -13.896 -1.458  1.00 52.31  ? 438 GLU A CG  1 
ATOM   734  C CD  . GLU A 1 90  ? 11.144  -13.627 -1.465  1.00 75.99  ? 438 GLU A CD  1 
ATOM   735  O OE1 . GLU A 1 90  ? 11.812  -13.931 -2.480  1.00 69.55  ? 438 GLU A OE1 1 
ATOM   736  O OE2 . GLU A 1 90  ? 11.654  -13.125 -0.437  1.00 74.34  ? 438 GLU A OE2 1 
ATOM   737  N N   . VAL A 1 91  ? 6.648   -11.932 -3.292  1.00 34.01  ? 439 VAL A N   1 
ATOM   738  C CA  . VAL A 1 91  ? 6.069   -10.608 -3.034  1.00 32.75  ? 439 VAL A CA  1 
ATOM   739  C C   . VAL A 1 91  ? 4.558   -10.701 -2.693  1.00 34.56  ? 439 VAL A C   1 
ATOM   740  O O   . VAL A 1 91  ? 4.070   -9.888  -1.907  1.00 33.94  ? 439 VAL A O   1 
ATOM   741  C CB  . VAL A 1 91  ? 6.400   -9.600  -4.175  1.00 35.79  ? 439 VAL A CB  1 
ATOM   742  C CG1 . VAL A 1 91  ? 5.493   -9.777  -5.388  1.00 35.18  ? 439 VAL A CG1 1 
ATOM   743  C CG2 . VAL A 1 91  ? 6.379   -8.158  -3.675  1.00 35.56  ? 439 VAL A CG2 1 
ATOM   744  N N   . VAL A 1 92  ? 3.843   -11.711 -3.245  1.00 29.74  ? 440 VAL A N   1 
ATOM   745  C CA  . VAL A 1 92  ? 2.419   -11.938 -2.965  1.00 28.83  ? 440 VAL A CA  1 
ATOM   746  C C   . VAL A 1 92  ? 2.243   -12.299 -1.480  1.00 32.86  ? 440 VAL A C   1 
ATOM   747  O O   . VAL A 1 92  ? 1.383   -11.725 -0.810  1.00 31.90  ? 440 VAL A O   1 
ATOM   748  C CB  . VAL A 1 92  ? 1.769   -12.968 -3.934  1.00 31.60  ? 440 VAL A CB  1 
ATOM   749  C CG1 . VAL A 1 92  ? 0.382   -13.408 -3.449  1.00 31.03  ? 440 VAL A CG1 1 
ATOM   750  C CG2 . VAL A 1 92  ? 1.686   -12.409 -5.348  1.00 30.88  ? 440 VAL A CG2 1 
ATOM   751  N N   . ALA A 1 93  ? 3.102   -13.207 -0.968  1.00 30.08  ? 441 ALA A N   1 
ATOM   752  C CA  . ALA A 1 93  ? 3.112   -13.646 0.432   1.00 30.20  ? 441 ALA A CA  1 
ATOM   753  C C   . ALA A 1 93  ? 3.402   -12.466 1.360   1.00 33.78  ? 441 ALA A C   1 
ATOM   754  O O   . ALA A 1 93  ? 2.783   -12.350 2.419   1.00 34.43  ? 441 ALA A O   1 
ATOM   755  C CB  . ALA A 1 93  ? 4.152   -14.745 0.633   1.00 30.88  ? 441 ALA A CB  1 
ATOM   756  N N   . MET A 1 94  ? 4.315   -11.575 0.941   1.00 29.05  ? 442 MET A N   1 
ATOM   757  C CA  . MET A 1 94  ? 4.677   -10.365 1.670   1.00 28.67  ? 442 MET A CA  1 
ATOM   758  C C   . MET A 1 94  ? 3.505   -9.374  1.670   1.00 29.05  ? 442 MET A C   1 
ATOM   759  O O   . MET A 1 94  ? 3.227   -8.766  2.701   1.00 27.46  ? 442 MET A O   1 
ATOM   760  C CB  . MET A 1 94  ? 5.941   -9.735  1.065   1.00 31.71  ? 442 MET A CB  1 
ATOM   761  C CG  . MET A 1 94  ? 7.170   -10.588 1.258   1.00 36.12  ? 442 MET A CG  1 
ATOM   762  S SD  . MET A 1 94  ? 8.483   -10.149 0.109   1.00 41.32  ? 442 MET A SD  1 
ATOM   763  C CE  . MET A 1 94  ? 9.455   -9.151  1.115   1.00 38.21  ? 442 MET A CE  1 
ATOM   764  N N   . ALA A 1 95  ? 2.787   -9.259  0.529   1.00 24.30  ? 443 ALA A N   1 
ATOM   765  C CA  . ALA A 1 95  ? 1.619   -8.386  0.409   1.00 23.47  ? 443 ALA A CA  1 
ATOM   766  C C   . ALA A 1 95  ? 0.516   -8.824  1.370   1.00 28.27  ? 443 ALA A C   1 
ATOM   767  O O   . ALA A 1 95  ? -0.089  -7.974  2.007   1.00 27.14  ? 443 ALA A O   1 
ATOM   768  C CB  . ALA A 1 95  ? 1.108   -8.363  -1.021  1.00 23.82  ? 443 ALA A CB  1 
ATOM   769  N N   . ARG A 1 96  ? 0.318   -10.143 1.531   1.00 26.78  ? 444 ARG A N   1 
ATOM   770  C CA  . ARG A 1 96  ? -0.678  -10.710 2.442   1.00 26.70  ? 444 ARG A CA  1 
ATOM   771  C C   . ARG A 1 96  ? -0.330  -10.418 3.887   1.00 29.65  ? 444 ARG A C   1 
ATOM   772  O O   . ARG A 1 96  ? -1.225  -10.105 4.666   1.00 28.69  ? 444 ARG A O   1 
ATOM   773  C CB  . ARG A 1 96  ? -0.820  -12.220 2.234   1.00 27.70  ? 444 ARG A CB  1 
ATOM   774  C CG  . ARG A 1 96  ? -1.669  -12.598 1.036   1.00 35.79  ? 444 ARG A CG  1 
ATOM   775  C CD  . ARG A 1 96  ? -1.364  -14.017 0.635   1.00 42.63  ? 444 ARG A CD  1 
ATOM   776  N NE  . ARG A 1 96  ? -2.300  -14.530 -0.363  1.00 55.13  ? 444 ARG A NE  1 
ATOM   777  C CZ  . ARG A 1 96  ? -2.002  -15.485 -1.240  1.00 68.66  ? 444 ARG A CZ  1 
ATOM   778  N NH1 . ARG A 1 96  ? -0.783  -16.012 -1.270  1.00 53.85  ? 444 ARG A NH1 1 
ATOM   779  N NH2 . ARG A 1 96  ? -2.915  -15.908 -2.101  1.00 55.25  ? 444 ARG A NH2 1 
ATOM   780  N N   . LYS A 1 97  ? 0.973   -10.505 4.240   1.00 26.49  ? 445 LYS A N   1 
ATOM   781  C CA  . LYS A 1 97  ? 1.476   -10.231 5.582   1.00 25.52  ? 445 LYS A CA  1 
ATOM   782  C C   . LYS A 1 97  ? 1.245   -8.769  5.950   1.00 27.14  ? 445 LYS A C   1 
ATOM   783  O O   . LYS A 1 97  ? 0.746   -8.497  7.038   1.00 26.76  ? 445 LYS A O   1 
ATOM   784  C CB  . LYS A 1 97  ? 2.961   -10.581 5.695   1.00 27.99  ? 445 LYS A CB  1 
ATOM   785  C CG  . LYS A 1 97  ? 3.247   -12.052 5.919   1.00 40.59  ? 445 LYS A CG  1 
ATOM   786  C CD  . LYS A 1 97  ? 4.713   -12.240 6.235   1.00 47.43  ? 445 LYS A CD  1 
ATOM   787  C CE  . LYS A 1 97  ? 5.103   -13.685 6.379   1.00 59.55  ? 445 LYS A CE  1 
ATOM   788  N NZ  . LYS A 1 97  ? 6.555   -13.815 6.676   1.00 70.32  ? 445 LYS A NZ  1 
ATOM   789  N N   . LEU A 1 98  ? 1.593   -7.837  5.042   1.00 21.95  ? 446 LEU A N   1 
ATOM   790  C CA  . LEU A 1 98  ? 1.384   -6.408  5.250   1.00 21.36  ? 446 LEU A CA  1 
ATOM   791  C C   . LEU A 1 98  ? -0.115  -6.059  5.233   1.00 25.81  ? 446 LEU A C   1 
ATOM   792  O O   . LEU A 1 98  ? -0.543  -5.190  5.994   1.00 25.88  ? 446 LEU A O   1 
ATOM   793  C CB  . LEU A 1 98  ? 2.172   -5.562  4.231   1.00 20.84  ? 446 LEU A CB  1 
ATOM   794  C CG  . LEU A 1 98  ? 2.224   -4.055  4.496   1.00 24.11  ? 446 LEU A CG  1 
ATOM   795  C CD1 . LEU A 1 98  ? 2.873   -3.742  5.859   1.00 24.31  ? 446 LEU A CD1 1 
ATOM   796  C CD2 . LEU A 1 98  ? 2.893   -3.314  3.351   1.00 23.19  ? 446 LEU A CD2 1 
ATOM   797  N N   . GLN A 1 99  ? -0.911  -6.749  4.398   1.00 22.40  ? 447 GLN A N   1 
ATOM   798  C CA  . GLN A 1 99  ? -2.348  -6.505  4.354   1.00 22.57  ? 447 GLN A CA  1 
ATOM   799  C C   . GLN A 1 99  ? -3.025  -6.925  5.671   1.00 30.71  ? 447 GLN A C   1 
ATOM   800  O O   . GLN A 1 99  ? -3.959  -6.255  6.096   1.00 30.99  ? 447 GLN A O   1 
ATOM   801  C CB  . GLN A 1 99  ? -3.024  -7.129  3.126   1.00 22.82  ? 447 GLN A CB  1 
ATOM   802  C CG  . GLN A 1 99  ? -4.483  -6.666  2.963   1.00 26.75  ? 447 GLN A CG  1 
ATOM   803  C CD  . GLN A 1 99  ? -5.073  -6.910  1.599   1.00 41.86  ? 447 GLN A CD  1 
ATOM   804  O OE1 . GLN A 1 99  ? -4.778  -7.890  0.922   1.00 37.11  ? 447 GLN A OE1 1 
ATOM   805  N NE2 . GLN A 1 99  ? -5.983  -6.050  1.197   1.00 35.86  ? 447 GLN A NE2 1 
ATOM   806  N N   . ASP A 1 100 ? -2.527  -7.992  6.329   1.00 29.59  ? 448 ASP A N   1 
ATOM   807  C CA  . ASP A 1 100 ? -3.037  -8.469  7.619   1.00 30.69  ? 448 ASP A CA  1 
ATOM   808  C C   . ASP A 1 100 ? -2.868  -7.359  8.657   1.00 33.86  ? 448 ASP A C   1 
ATOM   809  O O   . ASP A 1 100 ? -3.787  -7.107  9.427   1.00 33.82  ? 448 ASP A O   1 
ATOM   810  C CB  . ASP A 1 100 ? -2.299  -9.750  8.079   1.00 33.53  ? 448 ASP A CB  1 
ATOM   811  C CG  . ASP A 1 100 ? -2.626  -11.027 7.316   1.00 50.90  ? 448 ASP A CG  1 
ATOM   812  O OD1 . ASP A 1 100 ? -3.713  -11.090 6.688   1.00 52.95  ? 448 ASP A OD1 1 
ATOM   813  O OD2 . ASP A 1 100 ? -1.808  -11.976 7.368   1.00 58.49  ? 448 ASP A OD2 1 
ATOM   814  N N   . VAL A 1 101 ? -1.717  -6.664  8.625   1.00 29.23  ? 449 VAL A N   1 
ATOM   815  C CA  . VAL A 1 101 ? -1.397  -5.536  9.503   1.00 28.87  ? 449 VAL A CA  1 
ATOM   816  C C   . VAL A 1 101 ? -2.373  -4.387  9.232   1.00 30.09  ? 449 VAL A C   1 
ATOM   817  O O   . VAL A 1 101 ? -3.016  -3.903  10.165  1.00 29.77  ? 449 VAL A O   1 
ATOM   818  C CB  . VAL A 1 101 ? 0.094   -5.097  9.359   1.00 33.54  ? 449 VAL A CB  1 
ATOM   819  C CG1 . VAL A 1 101 ? 0.396   -3.841  10.183  1.00 33.77  ? 449 VAL A CG1 1 
ATOM   820  C CG2 . VAL A 1 101 ? 1.036   -6.224  9.752   1.00 33.32  ? 449 VAL A CG2 1 
ATOM   821  N N   . PHE A 1 102 ? -2.496  -3.967  7.962   1.00 24.75  ? 450 PHE A N   1 
ATOM   822  C CA  . PHE A 1 102 ? -3.409  -2.885  7.599   1.00 23.35  ? 450 PHE A CA  1 
ATOM   823  C C   . PHE A 1 102 ? -4.873  -3.184  7.968   1.00 28.50  ? 450 PHE A C   1 
ATOM   824  O O   . PHE A 1 102 ? -5.507  -2.333  8.588   1.00 27.84  ? 450 PHE A O   1 
ATOM   825  C CB  . PHE A 1 102 ? -3.289  -2.503  6.112   1.00 23.56  ? 450 PHE A CB  1 
ATOM   826  C CG  . PHE A 1 102 ? -4.456  -1.680  5.607   1.00 23.78  ? 450 PHE A CG  1 
ATOM   827  C CD1 . PHE A 1 102 ? -4.518  -0.310  5.844   1.00 25.37  ? 450 PHE A CD1 1 
ATOM   828  C CD2 . PHE A 1 102 ? -5.492  -2.275  4.893   1.00 24.14  ? 450 PHE A CD2 1 
ATOM   829  C CE1 . PHE A 1 102 ? -5.589  0.454   5.361   1.00 25.39  ? 450 PHE A CE1 1 
ATOM   830  C CE2 . PHE A 1 102 ? -6.579  -1.513  4.439   1.00 26.22  ? 450 PHE A CE2 1 
ATOM   831  C CZ  . PHE A 1 102 ? -6.608  -0.154  4.658   1.00 23.77  ? 450 PHE A CZ  1 
ATOM   832  N N   . GLU A 1 103 ? -5.407  -4.353  7.548   1.00 25.35  ? 451 GLU A N   1 
ATOM   833  C CA  . GLU A 1 103 ? -6.807  -4.743  7.769   1.00 25.76  ? 451 GLU A CA  1 
ATOM   834  C C   . GLU A 1 103 ? -7.220  -4.760  9.239   1.00 29.28  ? 451 GLU A C   1 
ATOM   835  O O   . GLU A 1 103 ? -8.305  -4.280  9.551   1.00 27.78  ? 451 GLU A O   1 
ATOM   836  C CB  . GLU A 1 103 ? -7.154  -6.084  7.096   1.00 27.40  ? 451 GLU A CB  1 
ATOM   837  C CG  . GLU A 1 103 ? -7.156  -6.073  5.567   1.00 36.48  ? 451 GLU A CG  1 
ATOM   838  C CD  . GLU A 1 103 ? -8.143  -5.198  4.809   1.00 51.04  ? 451 GLU A CD  1 
ATOM   839  O OE1 . GLU A 1 103 ? -9.152  -4.756  5.404   1.00 47.54  ? 451 GLU A OE1 1 
ATOM   840  O OE2 . GLU A 1 103 ? -7.918  -4.991  3.593   1.00 40.97  ? 451 GLU A OE2 1 
ATOM   841  N N   . MET A 1 104 ? -6.365  -5.294  10.129  1.00 27.06  ? 452 MET A N   1 
ATOM   842  C CA  . MET A 1 104 ? -6.625  -5.341  11.572  1.00 27.84  ? 452 MET A CA  1 
ATOM   843  C C   . MET A 1 104 ? -6.700  -3.910  12.142  1.00 32.42  ? 452 MET A C   1 
ATOM   844  O O   . MET A 1 104 ? -7.618  -3.599  12.895  1.00 32.90  ? 452 MET A O   1 
ATOM   845  C CB  . MET A 1 104 ? -5.547  -6.170  12.317  1.00 30.15  ? 452 MET A CB  1 
ATOM   846  C CG  A MET A 1 104 ? -5.545  -7.661  11.983  0.50 33.81  ? 452 MET A CG  1 
ATOM   847  C CG  B MET A 1 104 ? -5.902  -6.491  13.762  0.50 33.85  ? 452 MET A CG  1 
ATOM   848  S SD  A MET A 1 104 ? -7.057  -8.603  12.327  0.50 37.77  ? 452 MET A SD  1 
ATOM   849  S SD  B MET A 1 104 ? -7.414  -7.472  13.960  0.50 38.07  ? 452 MET A SD  1 
ATOM   850  C CE  A MET A 1 104 ? -7.042  -8.618  14.096  0.50 34.40  ? 452 MET A CE  1 
ATOM   851  C CE  B MET A 1 104 ? -6.778  -9.097  13.720  0.50 34.57  ? 452 MET A CE  1 
ATOM   852  N N   . ARG A 1 105 ? -5.747  -3.044  11.756  1.00 28.95  ? 453 ARG A N   1 
ATOM   853  C CA  . ARG A 1 105 ? -5.696  -1.645  12.188  1.00 28.32  ? 453 ARG A CA  1 
ATOM   854  C C   . ARG A 1 105 ? -6.855  -0.826  11.633  1.00 31.44  ? 453 ARG A C   1 
ATOM   855  O O   . ARG A 1 105 ? -7.491  -0.090  12.387  1.00 31.01  ? 453 ARG A O   1 
ATOM   856  C CB  . ARG A 1 105 ? -4.352  -0.996  11.810  1.00 28.22  ? 453 ARG A CB  1 
ATOM   857  C CG  . ARG A 1 105 ? -3.146  -1.506  12.588  1.00 35.17  ? 453 ARG A CG  1 
ATOM   858  C CD  . ARG A 1 105 ? -3.328  -1.341  14.083  1.00 40.58  ? 453 ARG A CD  1 
ATOM   859  N NE  . ARG A 1 105 ? -2.113  -1.674  14.816  1.00 44.16  ? 453 ARG A NE  1 
ATOM   860  C CZ  . ARG A 1 105 ? -2.048  -1.785  16.135  1.00 54.24  ? 453 ARG A CZ  1 
ATOM   861  N NH1 . ARG A 1 105 ? -3.134  -1.610  16.876  1.00 41.58  ? 453 ARG A NH1 1 
ATOM   862  N NH2 . ARG A 1 105 ? -0.899  -2.086  16.724  1.00 41.85  ? 453 ARG A NH2 1 
ATOM   863  N N   . PHE A 1 106 ? -7.135  -0.964  10.318  1.00 27.43  ? 454 PHE A N   1 
ATOM   864  C CA  . PHE A 1 106 ? -8.203  -0.260  9.607   1.00 27.07  ? 454 PHE A CA  1 
ATOM   865  C C   . PHE A 1 106 ? -9.591  -0.623  10.131  1.00 32.79  ? 454 PHE A C   1 
ATOM   866  O O   . PHE A 1 106 ? -10.472 0.234   10.148  1.00 32.13  ? 454 PHE A O   1 
ATOM   867  C CB  . PHE A 1 106 ? -8.097  -0.491  8.084   1.00 28.44  ? 454 PHE A CB  1 
ATOM   868  C CG  . PHE A 1 106 ? -8.931  0.436   7.225   1.00 29.63  ? 454 PHE A CG  1 
ATOM   869  C CD1 . PHE A 1 106 ? -8.604  1.781   7.103   1.00 32.39  ? 454 PHE A CD1 1 
ATOM   870  C CD2 . PHE A 1 106 ? -10.008 -0.049  6.498   1.00 31.85  ? 454 PHE A CD2 1 
ATOM   871  C CE1 . PHE A 1 106 ? -9.374  2.636   6.307   1.00 33.50  ? 454 PHE A CE1 1 
ATOM   872  C CE2 . PHE A 1 106 ? -10.774 0.806   5.696   1.00 34.66  ? 454 PHE A CE2 1 
ATOM   873  C CZ  . PHE A 1 106 ? -10.454 2.144   5.610   1.00 32.50  ? 454 PHE A CZ  1 
ATOM   874  N N   . ALA A 1 107 ? -9.783  -1.884  10.562  1.00 30.91  ? 455 ALA A N   1 
ATOM   875  C CA  . ALA A 1 107 ? -11.056 -2.354  11.113  1.00 31.50  ? 455 ALA A CA  1 
ATOM   876  C C   . ALA A 1 107 ? -11.287 -1.822  12.530  1.00 37.67  ? 455 ALA A C   1 
ATOM   877  O O   . ALA A 1 107 ? -12.402 -1.425  12.854  1.00 36.58  ? 455 ALA A O   1 
ATOM   878  C CB  . ALA A 1 107 ? -11.096 -3.875  11.122  1.00 32.10  ? 455 ALA A CB  1 
ATOM   879  N N   . LYS A 1 108 ? -10.236 -1.813  13.366  1.00 37.19  ? 456 LYS A N   1 
ATOM   880  C CA  . LYS A 1 108 ? -10.299 -1.392  14.769  1.00 38.31  ? 456 LYS A CA  1 
ATOM   881  C C   . LYS A 1 108 ? -10.164 0.136   14.967  1.00 46.63  ? 456 LYS A C   1 
ATOM   882  O O   . LYS A 1 108 ? -9.546  0.580   15.941  1.00 48.03  ? 456 LYS A O   1 
ATOM   883  C CB  . LYS A 1 108 ? -9.272  -2.175  15.613  1.00 40.14  ? 456 LYS A CB  1 
ATOM   884  C CG  . LYS A 1 108 ? -9.600  -3.663  15.767  1.00 49.92  ? 456 LYS A CG  1 
ATOM   885  C CD  . LYS A 1 108 ? -8.617  -4.366  16.692  1.00 56.27  ? 456 LYS A CD  1 
ATOM   886  C CE  . LYS A 1 108 ? -8.918  -5.833  16.900  1.00 64.42  ? 456 LYS A CE  1 
ATOM   887  N NZ  . LYS A 1 108 ? -10.098 -6.059  17.779  1.00 73.94  ? 456 LYS A NZ  1 
ATOM   888  N N   . MET A 1 109 ? -10.778 0.934   14.071  1.00 43.98  ? 457 MET A N   1 
ATOM   889  C CA  . MET A 1 109 ? -10.782 2.396   14.166  1.00 76.03  ? 457 MET A CA  1 
ATOM   890  C C   . MET A 1 109 ? -12.190 2.986   14.012  1.00 119.01 ? 457 MET A C   1 
ATOM   891  O O   . MET A 1 109 ? -13.064 2.364   13.407  1.00 85.04  ? 457 MET A O   1 
ATOM   892  C CB  . MET A 1 109 ? -9.770  3.048   13.201  1.00 78.22  ? 457 MET A CB  1 
ATOM   893  C CG  . MET A 1 109 ? -10.159 2.987   11.737  1.00 81.70  ? 457 MET A CG  1 
ATOM   894  S SD  . MET A 1 109 ? -9.197  4.105   10.690  1.00 85.62  ? 457 MET A SD  1 
ATOM   895  C CE  . MET A 1 109 ? -10.174 5.571   10.816  1.00 82.18  ? 457 MET A CE  1 
HETATM 896  C C4  . 8NJ B 2 .   ? 10.955  -9.805  -2.686  1.00 77.04  ? 501 8NJ A C4  1 
HETATM 897  C C5  . 8NJ B 2 .   ? 12.139  -4.644  -5.171  1.00 73.04  ? 501 8NJ A C5  1 
HETATM 898  C C6  . 8NJ B 2 .   ? 10.034  -3.920  -6.042  1.00 71.78  ? 501 8NJ A C6  1 
HETATM 899  C C7  . 8NJ B 2 .   ? 11.264  -9.294  -5.393  1.00 76.22  ? 501 8NJ A C7  1 
HETATM 900  C C8  . 8NJ B 2 .   ? 10.286  -8.745  -3.263  1.00 76.22  ? 501 8NJ A C8  1 
HETATM 901  C C10 . 8NJ B 2 .   ? 8.672   -7.166  -8.174  1.00 62.09  ? 501 8NJ A C10 1 
HETATM 902  C C13 . 8NJ B 2 .   ? 7.847   -6.381  -7.330  1.00 62.83  ? 501 8NJ A C13 1 
HETATM 903  C C15 . 8NJ B 2 .   ? 10.325  -6.192  -5.337  1.00 72.72  ? 501 8NJ A C15 1 
HETATM 904  C C17 . 8NJ B 2 .   ? 7.140   -4.887  -5.647  1.00 62.11  ? 501 8NJ A C17 1 
HETATM 905  C C20 . 8NJ B 2 .   ? 4.830   -4.401  -5.230  1.00 58.76  ? 501 8NJ A C20 1 
HETATM 906  C C1  . 8NJ B 2 .   ? 11.785  -10.595 -3.457  1.00 77.43  ? 501 8NJ A C1  1 
HETATM 907  C C2  . 8NJ B 2 .   ? 11.341  -3.645  -5.693  1.00 72.80  ? 501 8NJ A C2  1 
HETATM 908  C C3  . 8NJ B 2 .   ? 11.943  -10.342 -4.806  1.00 77.00  ? 501 8NJ A C3  1 
HETATM 909  C C9  . 8NJ B 2 .   ? 11.632  -5.914  -4.989  1.00 72.78  ? 501 8NJ A C9  1 
HETATM 910  C C11 . 8NJ B 2 .   ? 7.816   -7.860  -9.001  1.00 61.24  ? 501 8NJ A C11 1 
HETATM 911  C C12 . 8NJ B 2 .   ? 9.523   -5.191  -5.863  1.00 70.08  ? 501 8NJ A C12 1 
HETATM 912  C C14 . 8NJ B 2 .   ? 10.459  -8.492  -4.609  1.00 75.65  ? 501 8NJ A C14 1 
HETATM 913  C C16 . 8NJ B 2 .   ? 6.537   -6.604  -7.648  1.00 60.22  ? 501 8NJ A C16 1 
HETATM 914  C C18 . 8NJ B 2 .   ? 8.159   -5.486  -6.283  1.00 65.46  ? 501 8NJ A C18 1 
HETATM 915  C C19 . 8NJ B 2 .   ? 5.425   -5.992  -6.999  1.00 56.46  ? 501 8NJ A C19 1 
HETATM 916  N N21 . 8NJ B 2 .   ? 6.537   -7.503  -8.675  1.00 60.85  ? 501 8NJ A N21 1 
HETATM 917  N N22 . 8NJ B 2 .   ? 5.820   -5.119  -5.987  1.00 58.86  ? 501 8NJ A N22 1 
HETATM 918  O O23 . 8NJ B 2 .   ? 4.275   -6.239  -7.323  1.00 52.45  ? 501 8NJ A O23 1 
HETATM 919  O O24 . 8NJ B 2 .   ? 9.754   -7.456  -5.192  1.00 75.05  ? 501 8NJ A O24 1 
HETATM 920  O O   . HOH C 3 .   ? 1.781   -0.459  -7.851  1.00 70.00  ? 601 HOH A O   1 
HETATM 921  O O   . HOH C 3 .   ? 8.005   -1.582  7.408   1.00 30.19  ? 602 HOH A O   1 
HETATM 922  O O   . HOH C 3 .   ? 2.487   -4.301  -7.708  1.00 29.25  ? 603 HOH A O   1 
HETATM 923  O O   . HOH C 3 .   ? 3.166   3.867   -7.407  1.00 37.74  ? 604 HOH A O   1 
HETATM 924  O O   . HOH C 3 .   ? 1.761   -14.410 3.809   1.00 43.88  ? 605 HOH A O   1 
HETATM 925  O O   . HOH C 3 .   ? 5.974   -0.821  -4.768  1.00 30.92  ? 606 HOH A O   1 
HETATM 926  O O   . HOH C 3 .   ? 1.636   -2.775  -5.674  1.00 28.91  ? 607 HOH A O   1 
HETATM 927  O O   . HOH C 3 .   ? 1.154   1.207   15.519  1.00 50.91  ? 608 HOH A O   1 
HETATM 928  O O   . HOH C 3 .   ? -10.268 -3.839  7.748   1.00 22.46  ? 609 HOH A O   1 
HETATM 929  O O   . HOH C 3 .   ? 3.304   -1.052  -4.572  1.00 28.86  ? 610 HOH A O   1 
HETATM 930  O O   . HOH C 3 .   ? 11.542  -3.116  -17.541 1.00 44.12  ? 611 HOH A O   1 
HETATM 931  O O   . HOH C 3 .   ? 8.078   -8.811  12.816  1.00 50.75  ? 612 HOH A O   1 
HETATM 932  O O   . HOH C 3 .   ? 5.255   2.213   -10.752 1.00 37.71  ? 613 HOH A O   1 
HETATM 933  O O   . HOH C 3 .   ? -4.260  -0.888  -11.284 1.00 28.74  ? 614 HOH A O   1 
HETATM 934  O O   . HOH C 3 .   ? -7.920  4.400   -4.910  1.00 38.51  ? 615 HOH A O   1 
HETATM 935  O O   . HOH C 3 .   ? 7.679   4.228   10.709  1.00 47.13  ? 616 HOH A O   1 
HETATM 936  O O   . HOH C 3 .   ? 12.994  -9.579  3.713   1.00 44.49  ? 617 HOH A O   1 
HETATM 937  O O   . HOH C 3 .   ? 10.388  -7.173  10.130  1.00 42.87  ? 618 HOH A O   1 
HETATM 938  O O   . HOH C 3 .   ? -6.308  0.745   14.691  1.00 36.58  ? 619 HOH A O   1 
HETATM 939  O O   . HOH C 3 .   ? 1.919   4.155   14.279  1.00 50.22  ? 620 HOH A O   1 
HETATM 940  O O   . HOH C 3 .   ? -9.012  -0.027  -4.327  1.00 51.34  ? 621 HOH A O   1 
HETATM 941  O O   . HOH C 3 .   ? 2.176   -9.227  9.707   1.00 54.61  ? 622 HOH A O   1 
HETATM 942  O O   . HOH C 3 .   ? -11.419 -6.177  4.779   1.00 25.43  ? 623 HOH A O   1 
HETATM 943  O O   . HOH C 3 .   ? 2.952   -16.353 -2.565  1.00 36.86  ? 624 HOH A O   1 
HETATM 944  O O   . HOH C 3 .   ? -6.088  13.444  3.206   1.00 57.69  ? 625 HOH A O   1 
HETATM 945  O O   . HOH C 3 .   ? 7.771   -9.587  -13.079 1.00 48.07  ? 626 HOH A O   1 
HETATM 946  O O   . HOH C 3 .   ? 11.047  3.386   -7.731  1.00 56.25  ? 627 HOH A O   1 
HETATM 947  O O   . HOH C 3 .   ? 4.003   1.354   -7.983  1.00 37.55  ? 628 HOH A O   1 
HETATM 948  O O   . HOH C 3 .   ? -4.462  13.860  5.832   1.00 42.02  ? 629 HOH A O   1 
HETATM 949  O O   . HOH C 3 .   ? -13.102 -1.921  5.249   1.00 48.63  ? 630 HOH A O   1 
HETATM 950  O O   . HOH C 3 .   ? -14.835 7.250   5.933   1.00 50.29  ? 631 HOH A O   1 
HETATM 951  O O   . HOH C 3 .   ? -5.390  6.742   -6.564  1.00 50.94  ? 632 HOH A O   1 
HETATM 952  O O   . HOH C 3 .   ? -10.503 13.574  -2.351  1.00 41.04  ? 633 HOH A O   1 
HETATM 953  O O   . HOH C 3 .   ? -5.609  -3.332  -8.932  1.00 49.31  ? 634 HOH A O   1 
HETATM 954  O O   . HOH C 3 .   ? -11.349 -0.212  -0.210  1.00 39.88  ? 635 HOH A O   1 
HETATM 955  O O   . HOH C 3 .   ? -13.702 -0.077  2.673   1.00 49.81  ? 636 HOH A O   1 
HETATM 956  O O   . HOH C 3 .   ? -11.930 -7.164  19.705  1.00 56.43  ? 637 HOH A O   1 
HETATM 957  O O   . HOH C 3 .   ? -5.871  -10.124 5.033   1.00 49.18  ? 638 HOH A O   1 
HETATM 958  O O   . HOH C 3 .   ? 8.026   7.516   2.501   1.00 47.54  ? 639 HOH A O   1 
HETATM 959  O O   . HOH C 3 .   ? 6.425   10.028  0.991   1.00 50.52  ? 640 HOH A O   1 
HETATM 960  O O   . HOH C 3 .   ? 5.358   -8.545  12.677  1.00 50.29  ? 641 HOH A O   1 
HETATM 961  O O   . HOH C 3 .   ? 6.390   -11.056 -11.229 1.00 43.23  ? 642 HOH A O   1 
HETATM 962  O O   . HOH C 3 .   ? 9.393   -15.551 -5.722  1.00 52.27  ? 643 HOH A O   1 
HETATM 963  O O   . HOH C 3 .   ? -4.882  -2.388  -13.467 1.00 44.21  ? 644 HOH A O   1 
HETATM 964  O O   . HOH C 3 .   ? -0.035  2.273   -16.849 1.00 50.35  ? 645 HOH A O   1 
HETATM 965  O O   . HOH C 3 .   ? 11.000  3.069   6.639   1.00 47.92  ? 646 HOH A O   1 
HETATM 966  O O   . HOH C 3 .   ? 9.910   -0.433  -5.565  1.00 70.00  ? 647 HOH A O   1 
HETATM 967  O O   . HOH C 3 .   ? 9.796   -0.317  -2.847  1.00 43.37  ? 648 HOH A O   1 
HETATM 968  O O   . HOH C 3 .   ? 6.440   -1.062  -17.624 1.00 54.47  ? 649 HOH A O   1 
HETATM 969  O O   . HOH C 3 .   ? 11.917  0.682   8.117   1.00 54.57  ? 650 HOH A O   1 
HETATM 970  O O   . HOH C 3 .   ? 8.680   -0.893  14.812  1.00 46.99  ? 651 HOH A O   1 
HETATM 971  O O   . HOH C 3 .   ? 1.095   -16.338 1.343   1.00 55.47  ? 652 HOH A O   1 
HETATM 972  O O   . HOH C 3 .   ? -12.356 2.666   9.107   1.00 56.20  ? 653 HOH A O   1 
HETATM 973  O O   . HOH C 3 .   ? -9.053  10.168  -3.327  1.00 46.00  ? 654 HOH A O   1 
HETATM 974  O O   . HOH C 3 .   ? 3.780   -11.232 -14.789 1.00 59.92  ? 655 HOH A O   1 
HETATM 975  O O   . HOH C 3 .   ? -4.502  -12.162 -0.832  1.00 49.97  ? 656 HOH A O   1 
HETATM 976  O O   . HOH C 3 .   ? 8.977   7.084   5.416   1.00 52.76  ? 657 HOH A O   1 
HETATM 977  O O   . HOH C 3 .   ? 6.776   -13.421 3.415   1.00 53.21  ? 658 HOH A O   1 
HETATM 978  O O   . HOH C 3 .   ? 6.255   8.947   -4.091  1.00 62.64  ? 659 HOH A O   1 
HETATM 979  O O   . HOH C 3 .   ? 8.981   3.675   -12.657 1.00 52.53  ? 660 HOH A O   1 
HETATM 980  O O   . HOH C 3 .   ? -0.362  -14.407 5.534   1.00 53.33  ? 661 HOH A O   1 
HETATM 981  O O   . HOH C 3 .   ? -11.883 -0.871  18.059  1.00 59.87  ? 662 HOH A O   1 
HETATM 982  O O   . HOH C 3 .   ? -18.360 16.610  0.443   1.00 57.15  ? 663 HOH A O   1 
HETATM 983  O O   . HOH C 3 .   ? 3.357   15.911  0.652   1.00 51.28  ? 664 HOH A O   1 
HETATM 984  O O   . HOH C 3 .   ? 5.116   7.458   7.988   1.00 34.19  ? 665 HOH A O   1 
HETATM 985  O O   . HOH C 3 .   ? 6.581   -16.655 -9.031  1.00 53.20  ? 666 HOH A O   1 
HETATM 986  O O   . HOH C 3 .   ? -13.161 -0.269  7.792   1.00 55.59  ? 667 HOH A O   1 
HETATM 987  O O   . HOH C 3 .   ? -5.711  -17.733 -3.667  1.00 53.41  ? 668 HOH A O   1 
HETATM 988  O O   . HOH C 3 .   ? 0.910   9.261   13.551  1.00 52.36  ? 669 HOH A O   1 
HETATM 989  O O   . HOH C 3 .   ? -14.212 2.478   -0.360  1.00 59.04  ? 670 HOH A O   1 
HETATM 990  O O   . HOH C 3 .   ? 3.234   18.207  5.172   1.00 63.47  ? 671 HOH A O   1 
HETATM 991  O O   . HOH C 3 .   ? -1.845  6.721   -11.668 1.00 57.51  ? 672 HOH A O   1 
HETATM 992  O O   . HOH C 3 .   ? 1.508   7.194   15.244  1.00 49.74  ? 673 HOH A O   1 
HETATM 993  O O   . HOH C 3 .   ? 12.139  -6.503  -9.231  1.00 54.56  ? 674 HOH A O   1 
HETATM 994  O O   . HOH C 3 .   ? 10.833  4.900   2.986   1.00 55.94  ? 675 HOH A O   1 
HETATM 995  O O   . HOH C 3 .   ? 13.120  1.096   -5.843  1.00 59.58  ? 676 HOH A O   1 
HETATM 996  O O   . HOH C 3 .   ? -11.955 6.440   -3.712  1.00 54.16  ? 677 HOH A O   1 
HETATM 997  O O   . HOH C 3 .   ? 15.903  -4.574  0.607   1.00 60.72  ? 678 HOH A O   1 
HETATM 998  O O   . HOH C 3 .   ? 14.703  -7.051  -5.121  1.00 50.59  ? 679 HOH A O   1 
HETATM 999  O O   . HOH C 3 .   ? 7.602   6.455   -10.686 1.00 58.07  ? 680 HOH A O   1 
HETATM 1000 O O   . HOH C 3 .   ? 14.469  -0.793  2.187   1.00 53.26  ? 681 HOH A O   1 
# 
